data_8DOP
#
_entry.id   8DOP
#
_cell.length_a   69.021
_cell.length_b   71.159
_cell.length_c   93.183
_cell.angle_alpha   108.390
_cell.angle_beta   102.230
_cell.angle_gamma   89.990
#
_symmetry.space_group_name_H-M   'P 1'
#
loop_
_entity.id
_entity.type
_entity.pdbx_description
1 polymer '2,3-diketo-5-methylthiopentyl-1-phosphate enolase-phosphatase'
2 non-polymer 'IODIDE ION'
3 non-polymer 'SODIUM ION'
4 water water
#
_entity_poly.entity_id   1
_entity_poly.type   'polypeptide(L)'
_entity_poly.pdbx_seq_one_letter_code
;MAHHHHHHMTSTATSSPRVITSSPVVVALDYDNRDKALAFVERIDPRDCRLKVGKEMFTLLGPQFVRDLHQRGFEVFLDL
KFHDIPNTTARAVAAAAELGVWMVNVHASGGARMMTAAREALLPFGKEAPLLIAVTVLTSMEASDLQDLGIMLSPADHAA
KLAALTKRCGLDGVVCSAQEAVRFKQELGQEFKLVTPGIRPTGSDAGDQRRIMTPEQAQQAGVDYMVIGRPVTQSADPVA
TLASINASLNKGV
;
_entity_poly.pdbx_strand_id   A,B,C,D,E,F,G,H
#
loop_
_chem_comp.id
_chem_comp.type
_chem_comp.name
_chem_comp.formula
IOD non-polymer 'IODIDE ION' 'I -1'
NA non-polymer 'SODIUM ION' 'Na 1'
#
# COMPACT_ATOMS: atom_id res chain seq x y z
N ILE A 20 25.43 20.65 -10.42
CA ILE A 20 26.01 19.44 -9.77
C ILE A 20 25.82 19.51 -8.27
N THR A 21 25.61 18.33 -7.69
CA THR A 21 25.40 18.18 -6.26
C THR A 21 26.69 18.45 -5.50
N SER A 22 26.51 18.79 -4.23
CA SER A 22 27.61 18.91 -3.28
C SER A 22 27.71 17.71 -2.37
N SER A 23 26.80 16.74 -2.51
CA SER A 23 26.86 15.56 -1.67
C SER A 23 27.94 14.61 -2.16
N PRO A 24 28.66 13.95 -1.26
CA PRO A 24 29.60 12.91 -1.69
C PRO A 24 28.97 11.54 -1.78
N VAL A 25 27.62 11.44 -1.74
CA VAL A 25 26.92 10.17 -1.79
C VAL A 25 26.73 9.73 -3.23
N VAL A 26 26.98 8.46 -3.47
CA VAL A 26 26.77 7.82 -4.77
C VAL A 26 25.88 6.61 -4.51
N VAL A 27 24.65 6.65 -5.00
CA VAL A 27 23.69 5.59 -4.73
C VAL A 27 23.81 4.54 -5.81
N ALA A 28 24.00 3.30 -5.39
CA ALA A 28 24.19 2.18 -6.29
C ALA A 28 22.86 1.75 -6.92
N LEU A 29 22.81 1.72 -8.24
CA LEU A 29 21.66 1.19 -8.98
C LEU A 29 21.97 -0.23 -9.40
N ASP A 30 21.46 -1.19 -8.65
CA ASP A 30 21.69 -2.59 -8.92
C ASP A 30 20.38 -3.34 -9.21
N TYR A 31 19.47 -2.70 -9.92
CA TYR A 31 18.18 -3.31 -10.21
C TYR A 31 18.30 -4.32 -11.34
N ASP A 32 17.27 -5.15 -11.48
CA ASP A 32 17.23 -6.14 -12.55
C ASP A 32 16.30 -5.75 -13.68
N ASN A 33 15.85 -4.50 -13.73
CA ASN A 33 15.06 -4.08 -14.87
C ASN A 33 15.02 -2.55 -14.91
N ARG A 34 14.82 -2.03 -16.12
CA ARG A 34 14.81 -0.58 -16.30
C ARG A 34 13.73 0.10 -15.45
N ASP A 35 12.52 -0.45 -15.45
CA ASP A 35 11.42 0.29 -14.86
C ASP A 35 11.61 0.47 -13.35
N LYS A 36 12.07 -0.58 -12.65
CA LYS A 36 12.36 -0.45 -11.21
C LYS A 36 13.41 0.63 -10.97
N ALA A 37 14.48 0.62 -11.74
CA ALA A 37 15.54 1.61 -11.56
C ALA A 37 14.97 3.01 -11.74
N LEU A 38 14.19 3.21 -12.80
CA LEU A 38 13.71 4.57 -13.09
C LEU A 38 12.67 5.00 -12.07
N ALA A 39 11.85 4.07 -11.58
CA ALA A 39 10.90 4.40 -10.53
C ALA A 39 11.63 5.01 -9.35
N PHE A 40 12.76 4.41 -8.95
CA PHE A 40 13.54 4.98 -7.85
C PHE A 40 14.15 6.32 -8.25
N VAL A 41 14.87 6.35 -9.37
CA VAL A 41 15.64 7.53 -9.75
C VAL A 41 14.74 8.74 -9.94
N GLU A 42 13.55 8.54 -10.48
CA GLU A 42 12.64 9.67 -10.62
C GLU A 42 12.09 10.15 -9.28
N ARG A 43 12.34 9.43 -8.21
CA ARG A 43 11.91 9.93 -6.92
C ARG A 43 12.89 10.92 -6.31
N ILE A 44 14.15 10.92 -6.75
CA ILE A 44 15.18 11.69 -6.08
C ILE A 44 15.65 12.82 -6.98
N ASP A 45 16.43 13.71 -6.41
CA ASP A 45 16.83 14.92 -7.07
C ASP A 45 18.33 14.89 -7.36
N PRO A 46 18.78 15.20 -8.58
CA PRO A 46 20.22 15.09 -8.87
C PRO A 46 21.08 16.01 -8.03
N ARG A 47 20.49 16.93 -7.28
CA ARG A 47 21.26 17.79 -6.41
C ARG A 47 21.62 17.11 -5.11
N ASP A 48 21.05 15.95 -4.83
CA ASP A 48 21.26 15.30 -3.54
C ASP A 48 22.23 14.13 -3.57
N CYS A 49 22.50 13.55 -4.74
CA CYS A 49 23.43 12.42 -4.82
C CYS A 49 23.83 12.21 -6.27
N ARG A 50 24.87 11.38 -6.45
CA ARG A 50 25.24 10.82 -7.75
C ARG A 50 24.74 9.37 -7.83
N LEU A 51 24.87 8.75 -9.00
CA LEU A 51 24.39 7.39 -9.21
C LEU A 51 25.51 6.48 -9.72
N LYS A 52 25.54 5.24 -9.26
CA LYS A 52 26.51 4.26 -9.70
C LYS A 52 25.79 3.23 -10.57
N VAL A 53 26.28 3.09 -11.80
CA VAL A 53 25.85 2.04 -12.71
C VAL A 53 26.97 1.02 -12.80
N GLY A 54 26.68 -0.23 -12.43
CA GLY A 54 27.64 -1.30 -12.50
C GLY A 54 27.25 -2.32 -13.55
N LYS A 55 27.91 -3.48 -13.50
CA LYS A 55 27.69 -4.52 -14.50
C LYS A 55 26.28 -5.07 -14.44
N GLU A 56 25.67 -5.09 -13.24
CA GLU A 56 24.30 -5.57 -13.11
C GLU A 56 23.38 -4.90 -14.11
N MET A 57 23.45 -3.57 -14.21
CA MET A 57 22.55 -2.84 -15.08
C MET A 57 23.16 -2.48 -16.43
N PHE A 58 24.49 -2.41 -16.53
CA PHE A 58 25.08 -2.06 -17.82
C PHE A 58 24.99 -3.24 -18.79
N THR A 59 25.14 -4.46 -18.26
CA THR A 59 25.05 -5.63 -19.13
C THR A 59 23.62 -5.80 -19.66
N LEU A 60 22.62 -5.34 -18.91
CA LEU A 60 21.22 -5.45 -19.33
C LEU A 60 20.79 -4.32 -20.27
N LEU A 61 21.22 -3.08 -19.99
CA LEU A 61 20.69 -1.91 -20.69
C LEU A 61 21.72 -1.10 -21.46
N GLY A 62 23.01 -1.36 -21.28
CA GLY A 62 24.04 -0.72 -22.06
C GLY A 62 24.18 0.78 -21.83
N PRO A 63 25.00 1.41 -22.67
CA PRO A 63 25.32 2.83 -22.44
C PRO A 63 24.12 3.76 -22.51
N GLN A 64 23.08 3.37 -23.26
CA GLN A 64 21.92 4.23 -23.37
C GLN A 64 21.29 4.52 -22.01
N PHE A 65 21.35 3.56 -21.08
CA PHE A 65 20.87 3.81 -19.73
C PHE A 65 21.70 4.90 -19.04
N VAL A 66 22.99 4.95 -19.33
CA VAL A 66 23.81 6.03 -18.77
C VAL A 66 23.34 7.39 -19.32
N ARG A 67 23.15 7.48 -20.65
CA ARG A 67 22.62 8.69 -21.25
C ARG A 67 21.26 9.05 -20.68
N ASP A 68 20.43 8.06 -20.38
CA ASP A 68 19.11 8.35 -19.81
C ASP A 68 19.24 8.96 -18.42
N LEU A 69 20.19 8.48 -17.62
CA LEU A 69 20.39 9.09 -16.30
C LEU A 69 20.90 10.53 -16.43
N HIS A 70 21.76 10.78 -17.42
CA HIS A 70 22.25 12.14 -17.63
C HIS A 70 21.12 13.07 -18.06
N GLN A 71 20.18 12.58 -18.87
CA GLN A 71 19.04 13.40 -19.25
C GLN A 71 18.24 13.82 -18.02
N ARG A 72 18.29 13.03 -16.95
CA ARG A 72 17.60 13.38 -15.72
C ARG A 72 18.44 14.26 -14.82
N GLY A 73 19.65 14.63 -15.25
CA GLY A 73 20.45 15.59 -14.53
C GLY A 73 21.48 15.00 -13.58
N PHE A 74 21.60 13.68 -13.52
CA PHE A 74 22.49 13.02 -12.60
C PHE A 74 23.90 12.89 -13.17
N GLU A 75 24.89 12.97 -12.27
CA GLU A 75 26.24 12.50 -12.55
C GLU A 75 26.36 11.03 -12.17
N VAL A 76 27.19 10.31 -12.91
CA VAL A 76 27.20 8.85 -12.90
C VAL A 76 28.62 8.33 -12.70
N PHE A 77 28.75 7.38 -11.77
CA PHE A 77 29.95 6.57 -11.56
C PHE A 77 29.70 5.30 -12.36
N LEU A 78 30.36 5.18 -13.52
CA LEU A 78 30.28 3.94 -14.27
C LEU A 78 31.26 2.95 -13.64
N ASP A 79 30.72 1.95 -12.95
CA ASP A 79 31.48 1.00 -12.13
C ASP A 79 31.54 -0.35 -12.84
N LEU A 80 32.35 -0.41 -13.89
CA LEU A 80 32.50 -1.63 -14.68
C LEU A 80 33.83 -2.35 -14.40
N LYS A 81 34.73 -1.73 -13.66
CA LYS A 81 35.97 -2.38 -13.23
C LYS A 81 36.71 -3.04 -14.40
N PHE A 82 36.99 -2.23 -15.43
CA PHE A 82 37.76 -2.70 -16.59
C PHE A 82 39.07 -3.37 -16.19
N HIS A 83 39.25 -4.60 -16.67
CA HIS A 83 40.45 -5.39 -16.42
C HIS A 83 40.74 -6.15 -17.71
N ASP A 84 41.62 -5.58 -18.53
CA ASP A 84 41.90 -6.13 -19.86
C ASP A 84 43.32 -5.75 -20.24
N ILE A 85 43.72 -6.06 -21.46
CA ILE A 85 45.02 -5.63 -21.99
C ILE A 85 44.98 -4.10 -22.11
N PRO A 86 46.14 -3.42 -22.14
CA PRO A 86 46.11 -1.96 -22.15
C PRO A 86 45.29 -1.33 -23.27
N ASN A 87 45.50 -1.76 -24.53
CA ASN A 87 44.83 -1.03 -25.61
C ASN A 87 43.32 -1.21 -25.58
N THR A 88 42.83 -2.36 -25.11
CA THR A 88 41.38 -2.52 -24.97
C THR A 88 40.81 -1.71 -23.80
N THR A 89 41.47 -1.76 -22.64
CA THR A 89 41.00 -0.92 -21.53
C THR A 89 40.97 0.53 -21.93
N ALA A 90 42.00 0.97 -22.65
CA ALA A 90 42.07 2.37 -23.05
C ALA A 90 40.88 2.75 -23.93
N ARG A 91 40.49 1.87 -24.84
CA ARG A 91 39.32 2.18 -25.65
C ARG A 91 38.06 2.20 -24.79
N ALA A 92 37.95 1.28 -23.83
CA ALA A 92 36.76 1.26 -22.97
C ALA A 92 36.68 2.52 -22.13
N VAL A 93 37.82 3.01 -21.66
CA VAL A 93 37.82 4.21 -20.84
C VAL A 93 37.43 5.42 -21.69
N ALA A 94 37.94 5.50 -22.91
CA ALA A 94 37.59 6.64 -23.75
C ALA A 94 36.11 6.61 -24.13
N ALA A 95 35.58 5.40 -24.35
CA ALA A 95 34.15 5.25 -24.57
C ALA A 95 33.36 5.79 -23.38
N ALA A 96 33.84 5.54 -22.17
CA ALA A 96 33.17 6.08 -20.98
C ALA A 96 33.24 7.61 -20.95
N ALA A 97 34.39 8.18 -21.31
CA ALA A 97 34.47 9.65 -21.31
C ALA A 97 33.60 10.26 -22.40
N GLU A 98 33.51 9.60 -23.55
CA GLU A 98 32.61 10.04 -24.61
C GLU A 98 31.17 10.02 -24.14
N LEU A 99 30.85 9.02 -23.33
CA LEU A 99 29.56 8.98 -22.65
C LEU A 99 29.40 10.13 -21.65
N GLY A 100 30.48 10.77 -21.23
CA GLY A 100 30.35 11.89 -20.31
C GLY A 100 30.21 11.52 -18.85
N VAL A 101 30.57 10.31 -18.47
CA VAL A 101 30.40 9.92 -17.08
C VAL A 101 31.30 10.76 -16.17
N TRP A 102 30.90 10.84 -14.91
CA TRP A 102 31.64 11.60 -13.93
C TRP A 102 32.80 10.80 -13.35
N MET A 103 32.63 9.49 -13.22
CA MET A 103 33.70 8.61 -12.71
C MET A 103 33.66 7.30 -13.48
N VAL A 104 34.83 6.66 -13.60
CA VAL A 104 34.96 5.34 -14.23
C VAL A 104 36.13 4.66 -13.53
N ASN A 105 36.06 3.33 -13.36
CA ASN A 105 37.13 2.61 -12.67
C ASN A 105 37.70 1.43 -13.50
N VAL A 106 38.89 1.01 -13.06
CA VAL A 106 39.68 -0.06 -13.64
C VAL A 106 40.29 -0.86 -12.49
N HIS A 107 40.70 -2.09 -12.79
CA HIS A 107 41.43 -2.92 -11.82
C HIS A 107 42.92 -2.55 -11.82
N ALA A 108 43.44 -2.16 -10.64
CA ALA A 108 44.88 -1.99 -10.54
C ALA A 108 45.60 -3.27 -10.91
N SER A 109 44.93 -4.42 -10.70
CA SER A 109 45.46 -5.75 -11.02
C SER A 109 45.81 -5.91 -12.48
N GLY A 110 45.20 -5.12 -13.36
CA GLY A 110 45.62 -5.14 -14.76
C GLY A 110 47.02 -4.63 -15.00
N GLY A 111 47.66 -4.07 -13.97
CA GLY A 111 49.07 -3.71 -14.04
C GLY A 111 49.29 -2.29 -14.48
N ALA A 112 50.57 -1.90 -14.42
CA ALA A 112 50.90 -0.49 -14.52
C ALA A 112 50.73 0.03 -15.94
N ARG A 113 50.98 -0.82 -16.94
CA ARG A 113 50.80 -0.40 -18.32
C ARG A 113 49.34 -0.23 -18.68
N MET A 114 48.46 -1.09 -18.15
CA MET A 114 47.04 -0.89 -18.40
C MET A 114 46.54 0.42 -17.77
N MET A 115 46.95 0.71 -16.53
CA MET A 115 46.48 1.94 -15.90
C MET A 115 47.02 3.17 -16.62
N THR A 116 48.33 3.17 -16.94
CA THR A 116 48.87 4.26 -17.74
C THR A 116 48.08 4.46 -19.02
N ALA A 117 47.79 3.37 -19.73
CA ALA A 117 47.00 3.48 -20.96
C ALA A 117 45.62 4.06 -20.68
N ALA A 118 44.99 3.68 -19.56
CA ALA A 118 43.70 4.27 -19.20
C ALA A 118 43.82 5.79 -18.99
N ARG A 119 44.81 6.20 -18.21
CA ARG A 119 44.99 7.64 -17.98
C ARG A 119 45.26 8.37 -19.29
N GLU A 120 46.11 7.81 -20.15
CA GLU A 120 46.40 8.53 -21.39
C GLU A 120 45.19 8.57 -22.31
N ALA A 121 44.30 7.57 -22.24
CA ALA A 121 43.08 7.64 -23.01
C ALA A 121 42.19 8.82 -22.59
N LEU A 122 42.34 9.36 -21.38
CA LEU A 122 41.50 10.49 -20.97
C LEU A 122 42.11 11.86 -21.28
N LEU A 123 43.37 11.92 -21.75
CA LEU A 123 44.00 13.21 -22.02
C LEU A 123 43.23 14.08 -23.01
N PRO A 124 42.65 13.54 -24.07
CA PRO A 124 41.89 14.38 -25.01
C PRO A 124 40.71 15.08 -24.37
N PHE A 125 40.23 14.59 -23.23
CA PHE A 125 38.98 15.07 -22.66
C PHE A 125 39.19 16.20 -21.67
N GLY A 126 40.43 16.55 -21.37
CA GLY A 126 40.75 17.68 -20.53
C GLY A 126 40.07 17.64 -19.18
N LYS A 127 39.58 18.81 -18.76
CA LYS A 127 38.86 18.94 -17.50
C LYS A 127 37.51 18.23 -17.55
N GLU A 128 37.03 17.89 -18.75
CA GLU A 128 35.77 17.18 -18.88
C GLU A 128 35.92 15.68 -18.67
N ALA A 129 37.13 15.20 -18.42
CA ALA A 129 37.36 13.79 -18.27
C ALA A 129 36.72 13.24 -16.99
N PRO A 130 36.25 12.00 -17.02
CA PRO A 130 35.87 11.35 -15.77
C PRO A 130 37.04 11.26 -14.83
N LEU A 131 36.77 11.31 -13.53
CA LEU A 131 37.72 10.81 -12.55
C LEU A 131 38.04 9.35 -12.81
N LEU A 132 39.33 8.99 -12.74
CA LEU A 132 39.80 7.64 -13.07
C LEU A 132 40.28 6.97 -11.78
N ILE A 133 39.55 5.96 -11.35
CA ILE A 133 39.73 5.34 -10.06
C ILE A 133 40.10 3.88 -10.30
N ALA A 134 41.02 3.35 -9.50
CA ALA A 134 41.39 1.94 -9.60
C ALA A 134 40.84 1.15 -8.41
N VAL A 135 40.16 0.04 -8.72
CA VAL A 135 39.90 -0.98 -7.72
C VAL A 135 41.23 -1.62 -7.32
N THR A 136 41.43 -1.84 -6.03
CA THR A 136 42.64 -2.54 -5.62
C THR A 136 42.29 -4.00 -5.30
N VAL A 137 41.88 -4.25 -4.07
CA VAL A 137 41.35 -5.55 -3.65
C VAL A 137 39.86 -5.40 -3.45
N LEU A 138 39.09 -6.26 -4.10
CA LEU A 138 37.65 -6.25 -3.91
C LEU A 138 37.31 -6.50 -2.44
N THR A 139 36.31 -5.78 -1.94
CA THR A 139 35.95 -5.95 -0.54
C THR A 139 35.52 -7.37 -0.22
N SER A 140 35.26 -8.19 -1.24
CA SER A 140 34.86 -9.57 -1.04
C SER A 140 36.02 -10.49 -0.67
N MET A 141 37.27 -10.07 -0.93
CA MET A 141 38.40 -10.98 -0.83
C MET A 141 38.93 -11.02 0.61
N GLU A 142 38.85 -12.19 1.23
CA GLU A 142 39.56 -12.51 2.45
C GLU A 142 40.92 -13.10 2.12
N ALA A 143 41.77 -13.18 3.16
CA ALA A 143 43.10 -13.77 2.96
C ALA A 143 43.02 -15.14 2.29
N SER A 144 42.02 -15.97 2.62
CA SER A 144 41.98 -17.31 2.02
C SER A 144 41.66 -17.25 0.53
N ASP A 145 40.80 -16.31 0.13
CA ASP A 145 40.55 -16.11 -1.29
C ASP A 145 41.83 -15.67 -2.01
N LEU A 146 42.63 -14.82 -1.37
CA LEU A 146 43.88 -14.36 -1.95
C LEU A 146 44.92 -15.47 -2.06
N GLN A 147 44.97 -16.41 -1.11
CA GLN A 147 46.01 -17.43 -1.16
C GLN A 147 45.83 -18.36 -2.34
N ASP A 148 44.58 -18.70 -2.70
CA ASP A 148 44.31 -19.42 -3.94
C ASP A 148 45.05 -18.81 -5.13
N LEU A 149 45.39 -17.54 -5.05
CA LEU A 149 45.99 -16.80 -6.15
C LEU A 149 47.50 -16.60 -5.98
N GLY A 150 48.09 -17.10 -4.90
CA GLY A 150 49.50 -16.88 -4.67
C GLY A 150 49.84 -15.58 -3.97
N ILE A 151 48.87 -14.89 -3.40
CA ILE A 151 49.12 -13.65 -2.65
C ILE A 151 49.14 -14.04 -1.18
N MET A 152 50.28 -13.91 -0.53
CA MET A 152 50.32 -14.15 0.91
C MET A 152 50.13 -12.87 1.72
N LEU A 153 50.17 -11.71 1.08
CA LEU A 153 49.87 -10.45 1.78
C LEU A 153 48.43 -10.42 2.24
N SER A 154 48.18 -9.71 3.34
CA SER A 154 46.83 -9.50 3.78
C SER A 154 46.09 -8.69 2.73
N PRO A 155 44.76 -8.78 2.69
CA PRO A 155 44.00 -7.88 1.79
C PRO A 155 44.36 -6.40 1.94
N ALA A 156 44.44 -5.89 3.18
CA ALA A 156 44.73 -4.49 3.40
C ALA A 156 46.12 -4.11 2.87
N ASP A 157 47.08 -5.02 3.01
CA ASP A 157 48.44 -4.74 2.52
C ASP A 157 48.53 -4.91 1.02
N HIS A 158 47.86 -5.91 0.47
CA HIS A 158 47.85 -6.03 -0.98
C HIS A 158 47.15 -4.83 -1.60
N ALA A 159 46.06 -4.37 -0.99
CA ALA A 159 45.41 -3.18 -1.53
C ALA A 159 46.34 -1.96 -1.44
N ALA A 160 47.11 -1.84 -0.35
CA ALA A 160 48.02 -0.70 -0.23
C ALA A 160 49.08 -0.74 -1.33
N LYS A 161 49.55 -1.95 -1.69
CA LYS A 161 50.52 -2.09 -2.76
C LYS A 161 49.91 -1.65 -4.08
N LEU A 162 48.72 -2.16 -4.41
CA LEU A 162 48.03 -1.75 -5.64
C LEU A 162 47.68 -0.26 -5.64
N ALA A 163 47.34 0.30 -4.47
CA ALA A 163 47.02 1.72 -4.38
C ALA A 163 48.23 2.57 -4.68
N ALA A 164 49.41 2.14 -4.18
CA ALA A 164 50.65 2.85 -4.48
C ALA A 164 50.97 2.78 -5.96
N LEU A 165 50.78 1.61 -6.58
CA LEU A 165 51.00 1.52 -8.01
C LEU A 165 50.06 2.44 -8.76
N THR A 166 48.80 2.51 -8.31
CA THR A 166 47.80 3.38 -8.94
C THR A 166 48.26 4.84 -8.91
N LYS A 167 48.71 5.32 -7.75
CA LYS A 167 49.19 6.69 -7.69
C LYS A 167 50.44 6.89 -8.55
N ARG A 168 51.35 5.91 -8.58
CA ARG A 168 52.53 6.04 -9.44
C ARG A 168 52.13 6.26 -10.90
N CYS A 169 51.07 5.59 -11.34
CA CYS A 169 50.57 5.72 -12.70
C CYS A 169 49.70 6.95 -12.92
N GLY A 170 49.54 7.80 -11.91
CA GLY A 170 48.86 9.04 -12.15
C GLY A 170 47.36 8.98 -12.19
N LEU A 171 46.74 7.95 -11.62
CA LEU A 171 45.30 7.93 -11.55
C LEU A 171 44.81 8.75 -10.36
N ASP A 172 43.50 9.03 -10.32
CA ASP A 172 42.96 10.01 -9.39
C ASP A 172 42.71 9.46 -7.99
N GLY A 173 42.60 8.15 -7.82
CA GLY A 173 42.32 7.59 -6.51
C GLY A 173 42.00 6.12 -6.62
N VAL A 174 41.46 5.56 -5.54
CA VAL A 174 41.19 4.13 -5.46
C VAL A 174 39.85 3.93 -4.77
N VAL A 175 39.29 2.75 -5.01
CA VAL A 175 38.21 2.19 -4.21
C VAL A 175 38.83 1.50 -3.00
N CYS A 176 38.32 1.80 -1.81
CA CYS A 176 38.83 1.11 -0.63
C CYS A 176 37.86 1.26 0.52
N SER A 177 38.08 0.47 1.56
CA SER A 177 37.19 0.48 2.71
C SER A 177 37.49 1.67 3.60
N ALA A 178 36.45 2.15 4.29
CA ALA A 178 36.66 3.19 5.29
C ALA A 178 37.69 2.78 6.34
N GLN A 179 37.96 1.47 6.48
CA GLN A 179 38.94 1.00 7.46
C GLN A 179 40.37 1.31 7.04
N GLU A 180 40.63 1.49 5.75
CA GLU A 180 41.94 1.90 5.25
C GLU A 180 42.01 3.39 4.97
N ALA A 181 40.92 4.13 5.22
CA ALA A 181 40.88 5.55 4.83
C ALA A 181 42.02 6.33 5.47
N VAL A 182 42.13 6.28 6.80
CA VAL A 182 43.19 7.01 7.46
C VAL A 182 44.56 6.56 6.93
N ARG A 183 44.75 5.24 6.84
CA ARG A 183 46.01 4.73 6.28
C ARG A 183 46.29 5.34 4.90
N PHE A 184 45.34 5.26 3.98
CA PHE A 184 45.66 5.67 2.63
C PHE A 184 45.89 7.18 2.51
N LYS A 185 45.22 7.99 3.34
CA LYS A 185 45.46 9.43 3.28
C LYS A 185 46.85 9.77 3.80
N GLN A 186 47.29 9.09 4.86
CA GLN A 186 48.69 9.23 5.30
C GLN A 186 49.65 8.81 4.20
N GLU A 187 49.47 7.59 3.66
CA GLU A 187 50.43 7.07 2.70
C GLU A 187 50.38 7.83 1.38
N LEU A 188 49.19 8.12 0.87
CA LEU A 188 49.04 8.60 -0.51
C LEU A 188 48.66 10.07 -0.64
N GLY A 189 48.28 10.75 0.44
CA GLY A 189 48.07 12.18 0.39
C GLY A 189 46.60 12.56 0.28
N GLN A 190 46.31 13.80 0.70
CA GLN A 190 44.94 14.27 0.83
C GLN A 190 44.26 14.40 -0.52
N GLU A 191 45.02 14.72 -1.55
CA GLU A 191 44.43 14.92 -2.87
C GLU A 191 43.96 13.60 -3.49
N PHE A 192 44.59 12.50 -3.13
CA PHE A 192 44.28 11.20 -3.74
C PHE A 192 42.91 10.70 -3.26
N LYS A 193 41.99 10.51 -4.20
CA LYS A 193 40.59 10.30 -3.86
C LYS A 193 40.35 8.88 -3.37
N LEU A 194 39.51 8.76 -2.35
CA LEU A 194 39.10 7.49 -1.79
C LEU A 194 37.59 7.34 -1.96
N VAL A 195 37.18 6.26 -2.62
CA VAL A 195 35.77 5.90 -2.82
C VAL A 195 35.52 4.61 -2.05
N THR A 196 34.57 4.64 -1.16
CA THR A 196 34.32 3.47 -0.34
C THR A 196 32.97 2.89 -0.71
N PRO A 197 32.84 1.55 -0.88
CA PRO A 197 31.50 1.01 -1.19
C PRO A 197 30.76 0.42 0.00
N ILE A 212 30.92 -1.99 11.01
CA ILE A 212 30.46 -1.12 9.93
C ILE A 212 30.63 0.33 10.34
N MET A 213 31.16 1.15 9.44
CA MET A 213 31.39 2.57 9.68
C MET A 213 30.26 3.39 9.05
N THR A 214 29.92 4.51 9.69
CA THR A 214 28.83 5.33 9.17
C THR A 214 29.34 6.41 8.24
N PRO A 215 28.46 7.01 7.44
CA PRO A 215 28.87 8.09 6.54
C PRO A 215 29.71 9.17 7.20
N GLU A 216 29.16 9.85 8.22
CA GLU A 216 29.91 10.88 8.91
C GLU A 216 31.28 10.36 9.39
N GLN A 217 31.32 9.12 9.88
CA GLN A 217 32.60 8.58 10.31
C GLN A 217 33.52 8.31 9.12
N ALA A 218 32.96 7.87 7.99
CA ALA A 218 33.76 7.72 6.79
C ALA A 218 34.36 9.05 6.37
N GLN A 219 33.54 10.11 6.36
CA GLN A 219 34.04 11.43 6.06
C GLN A 219 35.17 11.82 7.00
N GLN A 220 34.95 11.63 8.30
CA GLN A 220 35.96 11.97 9.30
C GLN A 220 37.27 11.25 9.05
N ALA A 221 37.19 10.03 8.54
CA ALA A 221 38.38 9.27 8.21
C ALA A 221 39.06 9.74 6.92
N GLY A 222 38.39 10.60 6.14
CA GLY A 222 38.96 11.12 4.91
C GLY A 222 38.36 10.58 3.62
N VAL A 223 37.30 9.78 3.70
CA VAL A 223 36.67 9.26 2.49
C VAL A 223 36.10 10.40 1.69
N ASP A 224 36.34 10.38 0.38
CA ASP A 224 35.87 11.42 -0.52
C ASP A 224 34.46 11.16 -1.03
N TYR A 225 34.18 9.95 -1.53
CA TYR A 225 32.87 9.59 -2.05
C TYR A 225 32.44 8.25 -1.47
N MET A 226 31.16 8.12 -1.17
CA MET A 226 30.66 7.00 -0.39
C MET A 226 29.53 6.38 -1.18
N VAL A 227 29.77 5.16 -1.68
CA VAL A 227 28.74 4.42 -2.37
C VAL A 227 27.80 3.83 -1.33
N ILE A 228 26.50 4.00 -1.53
CA ILE A 228 25.50 3.46 -0.62
C ILE A 228 24.40 2.86 -1.49
N GLY A 229 23.99 1.64 -1.16
CA GLY A 229 22.97 0.94 -1.91
C GLY A 229 21.70 0.75 -1.12
N ARG A 230 21.52 -0.45 -0.59
CA ARG A 230 20.22 -0.83 -0.04
C ARG A 230 19.71 0.14 1.02
N PRO A 231 20.50 0.57 2.00
CA PRO A 231 19.97 1.53 2.98
C PRO A 231 19.17 2.64 2.33
N VAL A 232 19.54 3.04 1.12
CA VAL A 232 18.79 4.04 0.39
C VAL A 232 17.77 3.41 -0.55
N THR A 233 18.19 2.47 -1.42
CA THR A 233 17.31 2.04 -2.50
C THR A 233 16.12 1.26 -1.95
N GLN A 234 16.31 0.53 -0.85
CA GLN A 234 15.25 -0.25 -0.23
C GLN A 234 14.67 0.45 0.99
N SER A 235 14.87 1.76 1.12
CA SER A 235 14.29 2.46 2.25
C SER A 235 12.82 2.73 1.98
N ALA A 236 12.10 3.05 3.08
CA ALA A 236 10.70 3.42 2.96
C ALA A 236 10.53 4.67 2.11
N ASP A 237 11.18 5.76 2.53
CA ASP A 237 11.23 7.02 1.78
C ASP A 237 12.69 7.28 1.46
N PRO A 238 13.14 6.97 0.24
CA PRO A 238 14.56 7.22 -0.08
C PRO A 238 14.89 8.69 -0.11
N VAL A 239 13.93 9.54 -0.50
CA VAL A 239 14.15 10.97 -0.40
C VAL A 239 14.48 11.34 1.03
N ALA A 240 13.85 10.67 1.99
CA ALA A 240 14.09 10.99 3.40
C ALA A 240 15.39 10.34 3.90
N THR A 241 15.67 9.12 3.47
CA THR A 241 16.90 8.46 3.89
C THR A 241 18.12 9.22 3.38
N LEU A 242 18.08 9.65 2.11
CA LEU A 242 19.18 10.46 1.59
C LEU A 242 19.36 11.73 2.40
N ALA A 243 18.27 12.46 2.61
CA ALA A 243 18.34 13.74 3.32
C ALA A 243 18.97 13.57 4.69
N SER A 244 18.67 12.47 5.38
CA SER A 244 19.30 12.20 6.67
C SER A 244 20.79 11.96 6.51
N ILE A 245 21.18 11.18 5.48
CA ILE A 245 22.60 10.96 5.23
C ILE A 245 23.30 12.28 4.97
N ASN A 246 22.74 13.09 4.07
CA ASN A 246 23.44 14.32 3.71
C ASN A 246 23.53 15.25 4.90
N ALA A 247 22.51 15.21 5.76
CA ALA A 247 22.47 16.09 6.92
C ALA A 247 23.66 15.83 7.85
N SER A 248 24.01 14.55 8.04
CA SER A 248 25.16 14.19 8.88
C SER A 248 26.51 14.49 8.25
N LEU A 249 26.56 15.08 7.04
CA LEU A 249 27.84 15.23 6.32
C LEU A 249 28.29 16.69 6.08
N ILE B 20 23.88 -23.52 -36.43
CA ILE B 20 25.12 -23.80 -35.65
C ILE B 20 26.31 -23.37 -36.51
N THR B 21 27.48 -23.98 -36.25
CA THR B 21 28.66 -23.70 -37.06
C THR B 21 29.76 -24.70 -36.71
N SER B 22 30.38 -25.28 -37.73
CA SER B 22 31.42 -26.28 -37.51
C SER B 22 32.76 -25.66 -37.11
N SER B 23 32.88 -24.34 -37.10
CA SER B 23 34.21 -23.76 -37.00
C SER B 23 34.64 -23.59 -35.54
N PRO B 24 35.94 -23.76 -35.24
CA PRO B 24 36.48 -23.31 -33.95
C PRO B 24 36.96 -21.87 -33.94
N VAL B 25 36.81 -21.15 -35.05
CA VAL B 25 37.36 -19.80 -35.19
C VAL B 25 36.36 -18.79 -34.66
N VAL B 26 36.85 -17.89 -33.80
CA VAL B 26 36.06 -16.76 -33.32
C VAL B 26 36.74 -15.49 -33.80
N VAL B 27 36.01 -14.68 -34.57
CA VAL B 27 36.58 -13.51 -35.21
C VAL B 27 36.31 -12.31 -34.32
N ALA B 28 37.38 -11.67 -33.87
CA ALA B 28 37.26 -10.51 -33.01
C ALA B 28 36.72 -9.32 -33.78
N LEU B 29 35.57 -8.81 -33.33
CA LEU B 29 35.03 -7.54 -33.80
C LEU B 29 35.49 -6.46 -32.82
N ASP B 30 36.59 -5.79 -33.15
CA ASP B 30 37.14 -4.72 -32.32
C ASP B 30 36.96 -3.35 -32.96
N TYR B 31 35.79 -3.09 -33.52
CA TYR B 31 35.55 -1.88 -34.29
C TYR B 31 35.16 -0.70 -33.40
N ASP B 32 35.39 0.50 -33.93
CA ASP B 32 35.07 1.76 -33.30
C ASP B 32 33.64 2.20 -33.57
N ASN B 33 32.97 1.56 -34.52
CA ASN B 33 31.77 2.11 -35.11
C ASN B 33 30.89 0.97 -35.60
N ARG B 34 29.59 1.10 -35.35
CA ARG B 34 28.63 0.03 -35.62
C ARG B 34 28.64 -0.38 -37.09
N ASP B 35 28.45 0.59 -37.99
CA ASP B 35 28.26 0.26 -39.40
C ASP B 35 29.48 -0.43 -39.99
N LYS B 36 30.67 0.02 -39.63
CA LYS B 36 31.88 -0.63 -40.13
C LYS B 36 31.90 -2.09 -39.70
N ALA B 37 31.47 -2.38 -38.47
CA ALA B 37 31.46 -3.77 -38.00
C ALA B 37 30.46 -4.60 -38.80
N LEU B 38 29.23 -4.08 -38.95
CA LEU B 38 28.19 -4.85 -39.65
C LEU B 38 28.50 -5.00 -41.13
N ALA B 39 29.17 -4.01 -41.73
CA ALA B 39 29.55 -4.15 -43.14
C ALA B 39 30.56 -5.27 -43.34
N PHE B 40 31.43 -5.53 -42.36
CA PHE B 40 32.24 -6.73 -42.40
C PHE B 40 31.39 -7.98 -42.13
N VAL B 41 30.41 -7.85 -41.23
CA VAL B 41 29.63 -9.02 -40.86
C VAL B 41 28.75 -9.48 -42.01
N GLU B 42 28.30 -8.55 -42.86
CA GLU B 42 27.52 -8.94 -44.03
C GLU B 42 28.34 -9.79 -44.99
N ARG B 43 29.64 -9.50 -45.07
CA ARG B 43 30.53 -10.20 -45.99
C ARG B 43 30.81 -11.63 -45.59
N ILE B 44 30.36 -12.08 -44.41
CA ILE B 44 30.65 -13.42 -43.92
C ILE B 44 29.35 -14.10 -43.52
N ASP B 45 29.49 -15.37 -43.15
CA ASP B 45 28.41 -16.33 -43.01
C ASP B 45 28.51 -17.01 -41.64
N PRO B 46 27.40 -17.17 -40.93
CA PRO B 46 27.48 -17.84 -39.62
C PRO B 46 28.03 -19.25 -39.68
N ARG B 47 28.03 -19.89 -40.85
CA ARG B 47 28.54 -21.25 -40.96
C ARG B 47 30.06 -21.28 -40.82
N ASP B 48 30.75 -20.17 -41.07
CA ASP B 48 32.21 -20.22 -41.13
C ASP B 48 32.89 -19.76 -39.86
N CYS B 49 32.19 -19.07 -38.95
CA CYS B 49 32.85 -18.63 -37.73
C CYS B 49 31.83 -18.12 -36.74
N ARG B 50 32.27 -18.01 -35.50
CA ARG B 50 31.57 -17.23 -34.50
C ARG B 50 32.26 -15.88 -34.36
N LEU B 51 31.63 -14.98 -33.59
CA LEU B 51 32.10 -13.62 -33.41
C LEU B 51 32.37 -13.31 -31.95
N LYS B 52 33.40 -12.51 -31.68
CA LYS B 52 33.72 -12.11 -30.32
C LYS B 52 33.40 -10.63 -30.13
N VAL B 53 32.70 -10.30 -29.06
CA VAL B 53 32.33 -8.94 -28.74
C VAL B 53 33.00 -8.60 -27.42
N GLY B 54 33.91 -7.63 -27.46
CA GLY B 54 34.71 -7.25 -26.33
C GLY B 54 34.28 -5.92 -25.72
N LYS B 55 35.08 -5.47 -24.74
CA LYS B 55 34.72 -4.27 -23.97
C LYS B 55 34.60 -3.04 -24.86
N GLU B 56 35.35 -2.98 -25.96
CA GLU B 56 35.29 -1.77 -26.77
C GLU B 56 33.91 -1.61 -27.41
N MET B 57 33.46 -2.60 -28.18
CA MET B 57 32.15 -2.44 -28.82
C MET B 57 31.01 -2.52 -27.80
N PHE B 58 31.19 -3.23 -26.69
CA PHE B 58 30.08 -3.32 -25.75
C PHE B 58 29.88 -2.00 -25.01
N THR B 59 30.97 -1.35 -24.60
CA THR B 59 30.85 -0.04 -23.96
C THR B 59 30.24 1.00 -24.88
N LEU B 60 30.37 0.82 -26.20
CA LEU B 60 29.89 1.77 -27.19
C LEU B 60 28.43 1.53 -27.59
N LEU B 61 28.00 0.27 -27.61
CA LEU B 61 26.72 -0.10 -28.20
C LEU B 61 25.81 -0.93 -27.29
N GLY B 62 26.33 -1.60 -26.27
CA GLY B 62 25.50 -2.35 -25.35
C GLY B 62 25.00 -3.67 -25.90
N PRO B 63 24.13 -4.34 -25.13
CA PRO B 63 23.64 -5.66 -25.56
C PRO B 63 22.93 -5.65 -26.91
N GLN B 64 22.42 -4.49 -27.34
CA GLN B 64 21.72 -4.40 -28.62
C GLN B 64 22.61 -4.85 -29.77
N PHE B 65 23.90 -4.48 -29.76
CA PHE B 65 24.78 -4.98 -30.80
C PHE B 65 24.84 -6.51 -30.79
N VAL B 66 24.82 -7.13 -29.60
CA VAL B 66 24.83 -8.59 -29.53
C VAL B 66 23.55 -9.15 -30.13
N ARG B 67 22.43 -8.48 -29.92
CA ARG B 67 21.17 -8.91 -30.52
C ARG B 67 21.21 -8.81 -32.03
N ASP B 68 21.81 -7.75 -32.55
CA ASP B 68 21.94 -7.59 -34.00
C ASP B 68 22.77 -8.72 -34.60
N LEU B 69 23.84 -9.14 -33.90
CA LEU B 69 24.61 -10.28 -34.36
C LEU B 69 23.81 -11.57 -34.26
N HIS B 70 22.90 -11.64 -33.28
CA HIS B 70 22.05 -12.82 -33.13
C HIS B 70 21.03 -12.88 -34.26
N GLN B 71 20.38 -11.76 -34.56
CA GLN B 71 19.51 -11.69 -35.73
C GLN B 71 20.21 -12.25 -36.96
N ARG B 72 21.42 -11.80 -37.20
CA ARG B 72 22.17 -12.19 -38.37
C ARG B 72 22.67 -13.63 -38.31
N GLY B 73 22.25 -14.41 -37.31
CA GLY B 73 22.47 -15.84 -37.30
C GLY B 73 23.74 -16.32 -36.62
N PHE B 74 24.54 -15.41 -36.05
CA PHE B 74 25.84 -15.77 -35.50
C PHE B 74 25.73 -16.11 -34.03
N GLU B 75 26.63 -16.98 -33.58
CA GLU B 75 26.87 -17.17 -32.17
C GLU B 75 27.99 -16.22 -31.72
N VAL B 76 27.86 -15.70 -30.50
CA VAL B 76 28.67 -14.58 -30.00
C VAL B 76 29.42 -15.02 -28.74
N PHE B 77 30.72 -14.76 -28.73
CA PHE B 77 31.53 -14.81 -27.52
C PHE B 77 31.54 -13.40 -26.93
N LEU B 78 30.83 -13.20 -25.81
CA LEU B 78 30.78 -11.90 -25.13
C LEU B 78 32.00 -11.86 -24.22
N ASP B 79 33.02 -11.12 -24.64
CA ASP B 79 34.33 -11.13 -24.00
C ASP B 79 34.48 -9.88 -23.13
N LEU B 80 33.83 -9.90 -21.96
CA LEU B 80 33.84 -8.73 -21.07
C LEU B 80 34.73 -8.92 -19.83
N LYS B 81 35.27 -10.11 -19.64
CA LYS B 81 36.24 -10.40 -18.58
C LYS B 81 35.74 -9.89 -17.21
N PHE B 82 34.59 -10.39 -16.79
CA PHE B 82 34.00 -9.93 -15.54
C PHE B 82 34.95 -10.16 -14.36
N HIS B 83 35.20 -9.10 -13.58
CA HIS B 83 36.04 -9.21 -12.39
C HIS B 83 35.42 -8.34 -11.30
N ASP B 84 34.63 -8.96 -10.43
CA ASP B 84 33.87 -8.22 -9.44
C ASP B 84 33.60 -9.16 -8.27
N ILE B 85 32.87 -8.64 -7.29
CA ILE B 85 32.47 -9.45 -6.14
C ILE B 85 31.54 -10.55 -6.63
N PRO B 86 31.37 -11.64 -5.87
CA PRO B 86 30.61 -12.78 -6.40
C PRO B 86 29.19 -12.46 -6.81
N ASN B 87 28.46 -11.65 -6.04
CA ASN B 87 27.06 -11.39 -6.37
C ASN B 87 26.94 -10.64 -7.68
N THR B 88 27.84 -9.70 -7.93
CA THR B 88 27.74 -8.87 -9.13
C THR B 88 28.17 -9.66 -10.37
N THR B 89 29.17 -10.52 -10.23
CA THR B 89 29.58 -11.34 -11.36
C THR B 89 28.50 -12.36 -11.71
N ALA B 90 27.93 -13.00 -10.69
CA ALA B 90 26.83 -13.93 -10.94
C ALA B 90 25.70 -13.26 -11.70
N ARG B 91 25.37 -12.01 -11.34
CA ARG B 91 24.28 -11.32 -12.02
C ARG B 91 24.68 -10.85 -13.42
N ALA B 92 25.94 -10.47 -13.62
CA ALA B 92 26.40 -10.12 -14.96
C ALA B 92 26.37 -11.34 -15.87
N VAL B 93 26.81 -12.49 -15.35
CA VAL B 93 26.83 -13.71 -16.16
C VAL B 93 25.41 -14.19 -16.46
N ALA B 94 24.51 -14.08 -15.49
CA ALA B 94 23.11 -14.40 -15.73
C ALA B 94 22.49 -13.48 -16.78
N ALA B 95 22.89 -12.21 -16.78
CA ALA B 95 22.43 -11.28 -17.79
C ALA B 95 22.94 -11.70 -19.17
N ALA B 96 24.19 -12.16 -19.24
CA ALA B 96 24.71 -12.71 -20.49
C ALA B 96 23.89 -13.91 -20.95
N ALA B 97 23.55 -14.83 -20.03
CA ALA B 97 22.70 -15.97 -20.38
C ALA B 97 21.32 -15.52 -20.85
N GLU B 98 20.71 -14.56 -20.17
CA GLU B 98 19.45 -14.01 -20.65
C GLU B 98 19.61 -13.39 -22.04
N LEU B 99 20.79 -12.84 -22.34
CA LEU B 99 21.03 -12.27 -23.66
C LEU B 99 21.15 -13.36 -24.73
N GLY B 100 21.45 -14.58 -24.32
CA GLY B 100 21.52 -15.71 -25.23
C GLY B 100 22.89 -15.98 -25.81
N VAL B 101 23.95 -15.36 -25.27
CA VAL B 101 25.25 -15.52 -25.92
C VAL B 101 25.75 -16.93 -25.71
N TRP B 102 26.74 -17.28 -26.52
CA TRP B 102 27.22 -18.64 -26.62
C TRP B 102 28.41 -18.91 -25.73
N MET B 103 29.21 -17.88 -25.47
CA MET B 103 30.35 -17.95 -24.55
C MET B 103 30.48 -16.62 -23.81
N VAL B 104 30.86 -16.68 -22.53
CA VAL B 104 31.13 -15.50 -21.71
C VAL B 104 32.31 -15.85 -20.84
N ASN B 105 33.12 -14.84 -20.47
CA ASN B 105 34.31 -15.10 -19.67
C ASN B 105 34.35 -14.21 -18.42
N VAL B 106 35.15 -14.67 -17.48
CA VAL B 106 35.34 -14.06 -16.18
C VAL B 106 36.83 -14.14 -15.92
N HIS B 107 37.32 -13.26 -15.05
CA HIS B 107 38.68 -13.35 -14.55
C HIS B 107 38.77 -14.38 -13.44
N ALA B 108 39.65 -15.37 -13.62
CA ALA B 108 40.00 -16.25 -12.51
C ALA B 108 40.63 -15.48 -11.35
N SER B 109 41.28 -14.35 -11.63
CA SER B 109 41.79 -13.48 -10.56
C SER B 109 40.71 -13.09 -9.56
N GLY B 110 39.43 -13.17 -9.95
CA GLY B 110 38.36 -12.89 -9.01
C GLY B 110 38.25 -13.88 -7.87
N GLY B 111 38.89 -15.04 -7.98
CA GLY B 111 38.85 -16.04 -6.92
C GLY B 111 37.78 -17.10 -7.09
N ALA B 112 37.94 -18.18 -6.30
CA ALA B 112 37.09 -19.36 -6.43
C ALA B 112 35.63 -19.06 -6.09
N ARG B 113 35.37 -18.25 -5.06
CA ARG B 113 33.98 -17.96 -4.73
C ARG B 113 33.31 -17.23 -5.89
N MET B 114 34.02 -16.30 -6.52
CA MET B 114 33.44 -15.56 -7.65
C MET B 114 33.14 -16.48 -8.82
N MET B 115 34.08 -17.38 -9.15
CA MET B 115 33.83 -18.32 -10.23
C MET B 115 32.71 -19.30 -9.87
N THR B 116 32.74 -19.85 -8.65
CA THR B 116 31.66 -20.73 -8.23
C THR B 116 30.31 -20.04 -8.41
N ALA B 117 30.26 -18.75 -8.09
CA ALA B 117 29.00 -18.01 -8.16
C ALA B 117 28.60 -17.80 -9.61
N ALA B 118 29.58 -17.50 -10.47
CA ALA B 118 29.28 -17.41 -11.90
C ALA B 118 28.78 -18.76 -12.43
N ARG B 119 29.39 -19.85 -12.01
CA ARG B 119 28.88 -21.14 -12.43
C ARG B 119 27.45 -21.37 -11.93
N GLU B 120 27.20 -21.13 -10.64
CA GLU B 120 25.88 -21.45 -10.08
C GLU B 120 24.80 -20.59 -10.71
N ALA B 121 25.13 -19.35 -11.09
CA ALA B 121 24.17 -18.52 -11.79
C ALA B 121 23.73 -19.12 -13.13
N LEU B 122 24.55 -19.97 -13.74
CA LEU B 122 24.17 -20.53 -15.03
C LEU B 122 23.43 -21.87 -14.93
N LEU B 123 23.48 -22.57 -13.79
CA LEU B 123 22.81 -23.86 -13.69
C LEU B 123 21.33 -23.80 -14.10
N PRO B 124 20.56 -22.79 -13.70
CA PRO B 124 19.15 -22.75 -14.12
C PRO B 124 18.94 -22.64 -15.62
N PHE B 125 19.97 -22.34 -16.40
CA PHE B 125 19.80 -22.20 -17.85
C PHE B 125 19.98 -23.51 -18.60
N GLY B 126 20.51 -24.55 -17.94
CA GLY B 126 20.58 -25.87 -18.54
C GLY B 126 21.63 -25.96 -19.64
N LYS B 127 21.36 -26.84 -20.61
CA LYS B 127 22.19 -26.95 -21.80
C LYS B 127 22.05 -25.74 -22.72
N GLU B 128 21.31 -24.70 -22.34
CA GLU B 128 21.18 -23.48 -23.11
C GLU B 128 21.89 -22.32 -22.43
N ALA B 129 22.88 -22.60 -21.58
CA ALA B 129 23.74 -21.60 -20.97
C ALA B 129 24.95 -21.38 -21.87
N PRO B 130 25.57 -20.21 -21.83
CA PRO B 130 26.85 -20.06 -22.52
C PRO B 130 27.90 -20.88 -21.82
N LEU B 131 28.89 -21.33 -22.59
CA LEU B 131 30.13 -21.78 -21.97
C LEU B 131 30.70 -20.67 -21.09
N LEU B 132 31.34 -21.07 -20.00
CA LEU B 132 31.84 -20.15 -18.96
C LEU B 132 33.35 -20.34 -18.88
N ILE B 133 34.09 -19.37 -19.39
CA ILE B 133 35.54 -19.46 -19.52
C ILE B 133 36.23 -18.46 -18.61
N ALA B 134 37.36 -18.85 -18.05
CA ALA B 134 38.16 -17.94 -17.24
C ALA B 134 39.35 -17.40 -18.02
N VAL B 135 39.54 -16.09 -17.94
CA VAL B 135 40.85 -15.51 -18.23
C VAL B 135 41.78 -15.85 -17.09
N THR B 136 42.98 -16.30 -17.41
CA THR B 136 43.97 -16.60 -16.37
C THR B 136 44.87 -15.38 -16.26
N VAL B 137 45.91 -15.36 -17.09
CA VAL B 137 46.86 -14.26 -17.17
C VAL B 137 46.71 -13.65 -18.55
N LEU B 138 46.48 -12.34 -18.59
CA LEU B 138 46.32 -11.68 -19.87
C LEU B 138 47.57 -11.85 -20.70
N THR B 139 47.39 -12.05 -22.01
CA THR B 139 48.52 -12.21 -22.92
C THR B 139 49.47 -11.02 -22.87
N SER B 140 48.97 -9.87 -22.40
CA SER B 140 49.76 -8.65 -22.32
C SER B 140 50.77 -8.66 -21.18
N MET B 141 50.58 -9.50 -20.17
CA MET B 141 51.38 -9.41 -18.95
C MET B 141 52.71 -10.13 -19.14
N GLU B 142 53.80 -9.41 -18.91
CA GLU B 142 55.14 -9.99 -18.79
C GLU B 142 55.44 -10.22 -17.31
N ALA B 143 56.61 -10.80 -17.02
CA ALA B 143 56.97 -11.07 -15.63
C ALA B 143 57.17 -9.78 -14.84
N SER B 144 57.62 -8.70 -15.50
CA SER B 144 57.74 -7.41 -14.84
C SER B 144 56.39 -6.97 -14.28
N ASP B 145 55.35 -7.04 -15.10
CA ASP B 145 53.99 -6.71 -14.64
C ASP B 145 53.62 -7.55 -13.44
N LEU B 146 54.06 -8.81 -13.41
CA LEU B 146 53.70 -9.70 -12.30
C LEU B 146 54.46 -9.36 -11.02
N GLN B 147 55.70 -8.89 -11.15
CA GLN B 147 56.45 -8.45 -9.97
C GLN B 147 55.75 -7.29 -9.29
N ASP B 148 55.24 -6.31 -10.07
CA ASP B 148 54.57 -5.16 -9.50
C ASP B 148 53.43 -5.58 -8.58
N LEU B 149 52.78 -6.69 -8.87
CA LEU B 149 51.60 -7.11 -8.15
C LEU B 149 51.90 -8.16 -7.09
N GLY B 150 53.18 -8.50 -6.89
CA GLY B 150 53.56 -9.45 -5.85
C GLY B 150 53.45 -10.89 -6.27
N ILE B 151 53.58 -11.17 -7.56
CA ILE B 151 53.50 -12.51 -8.11
C ILE B 151 54.91 -12.89 -8.54
N MET B 152 55.57 -13.73 -7.77
CA MET B 152 56.95 -14.11 -8.08
C MET B 152 57.04 -15.12 -9.22
N LEU B 153 56.05 -16.00 -9.38
CA LEU B 153 56.09 -17.01 -10.42
C LEU B 153 56.21 -16.38 -11.81
N SER B 154 56.38 -17.26 -12.80
CA SER B 154 56.37 -16.89 -14.19
C SER B 154 54.94 -16.79 -14.70
N PRO B 155 54.71 -16.02 -15.76
CA PRO B 155 53.35 -15.91 -16.30
C PRO B 155 52.67 -17.24 -16.53
N ALA B 156 53.42 -18.28 -16.93
CA ALA B 156 52.78 -19.55 -17.25
C ALA B 156 52.52 -20.37 -15.99
N ASP B 157 53.42 -20.33 -15.01
CA ASP B 157 53.16 -21.02 -13.75
C ASP B 157 51.97 -20.40 -13.03
N HIS B 158 51.89 -19.07 -13.02
CA HIS B 158 50.73 -18.42 -12.41
C HIS B 158 49.46 -18.70 -13.21
N ALA B 159 49.55 -18.65 -14.55
CA ALA B 159 48.42 -19.04 -15.39
C ALA B 159 48.03 -20.49 -15.14
N ALA B 160 49.00 -21.37 -14.95
CA ALA B 160 48.70 -22.76 -14.64
C ALA B 160 47.93 -22.87 -13.33
N LYS B 161 48.38 -22.13 -12.31
CA LYS B 161 47.71 -22.15 -11.01
C LYS B 161 46.27 -21.65 -11.12
N LEU B 162 46.05 -20.58 -11.89
CA LEU B 162 44.70 -20.07 -12.12
C LEU B 162 43.86 -21.04 -12.94
N ALA B 163 44.45 -21.67 -13.96
CA ALA B 163 43.68 -22.64 -14.74
C ALA B 163 43.20 -23.78 -13.86
N ALA B 164 44.11 -24.31 -13.03
CA ALA B 164 43.76 -25.36 -12.05
C ALA B 164 42.66 -24.91 -11.09
N LEU B 165 42.71 -23.67 -10.63
CA LEU B 165 41.63 -23.17 -9.77
C LEU B 165 40.33 -23.11 -10.55
N THR B 166 40.41 -22.71 -11.83
CA THR B 166 39.22 -22.62 -12.66
C THR B 166 38.56 -23.99 -12.81
N LYS B 167 39.34 -25.04 -13.05
CA LYS B 167 38.77 -26.38 -13.19
C LYS B 167 38.18 -26.87 -11.87
N ARG B 168 38.86 -26.59 -10.74
CA ARG B 168 38.31 -26.89 -9.42
C ARG B 168 36.89 -26.35 -9.23
N CYS B 169 36.63 -25.16 -9.75
CA CYS B 169 35.33 -24.53 -9.61
C CYS B 169 34.35 -24.98 -10.68
N GLY B 170 34.74 -25.94 -11.52
CA GLY B 170 33.83 -26.49 -12.50
C GLY B 170 33.50 -25.60 -13.69
N LEU B 171 34.33 -24.60 -13.98
CA LEU B 171 34.10 -23.81 -15.17
C LEU B 171 34.47 -24.62 -16.42
N ASP B 172 34.04 -24.13 -17.57
CA ASP B 172 34.12 -24.92 -18.80
C ASP B 172 35.50 -24.89 -19.44
N GLY B 173 36.31 -23.88 -19.17
CA GLY B 173 37.65 -23.84 -19.73
C GLY B 173 38.32 -22.52 -19.42
N VAL B 174 39.48 -22.32 -20.05
CA VAL B 174 40.32 -21.15 -19.82
C VAL B 174 40.78 -20.58 -21.15
N VAL B 175 41.13 -19.29 -21.13
CA VAL B 175 41.87 -18.62 -22.18
C VAL B 175 43.36 -18.84 -21.91
N CYS B 176 44.09 -19.28 -22.92
CA CYS B 176 45.52 -19.48 -22.73
C CYS B 176 46.23 -19.49 -24.08
N SER B 177 47.57 -19.40 -24.01
CA SER B 177 48.39 -19.46 -25.21
C SER B 177 48.29 -20.84 -25.84
N ALA B 178 48.43 -20.88 -27.17
CA ALA B 178 48.53 -22.18 -27.85
C ALA B 178 49.78 -22.94 -27.41
N GLN B 179 50.86 -22.22 -27.09
CA GLN B 179 52.05 -22.90 -26.59
C GLN B 179 51.73 -23.82 -25.42
N GLU B 180 50.86 -23.36 -24.51
CA GLU B 180 50.50 -24.12 -23.32
C GLU B 180 49.38 -25.13 -23.53
N ALA B 181 48.77 -25.19 -24.72
CA ALA B 181 47.69 -26.15 -24.94
C ALA B 181 48.11 -27.57 -24.56
N VAL B 182 49.24 -28.04 -25.10
CA VAL B 182 49.77 -29.35 -24.74
C VAL B 182 49.72 -29.54 -23.23
N ARG B 183 50.46 -28.69 -22.51
CA ARG B 183 50.58 -28.81 -21.06
C ARG B 183 49.21 -28.79 -20.37
N PHE B 184 48.28 -27.95 -20.84
CA PHE B 184 47.02 -27.78 -20.13
C PHE B 184 46.09 -28.96 -20.37
N LYS B 185 45.92 -29.36 -21.63
CA LYS B 185 45.14 -30.56 -21.91
C LYS B 185 45.66 -31.74 -21.12
N GLN B 186 46.96 -31.74 -20.82
CA GLN B 186 47.55 -32.74 -19.93
C GLN B 186 47.00 -32.61 -18.51
N GLU B 187 47.34 -31.52 -17.82
CA GLU B 187 47.05 -31.40 -16.39
C GLU B 187 45.56 -31.39 -16.09
N LEU B 188 44.72 -30.95 -17.04
CA LEU B 188 43.33 -30.60 -16.74
C LEU B 188 42.30 -31.47 -17.46
N GLY B 189 42.68 -32.23 -18.48
CA GLY B 189 41.79 -33.14 -19.15
C GLY B 189 41.39 -32.66 -20.53
N GLN B 190 40.95 -33.61 -21.36
CA GLN B 190 40.59 -33.30 -22.74
C GLN B 190 39.34 -32.43 -22.81
N GLU B 191 38.39 -32.65 -21.90
CA GLU B 191 37.10 -31.98 -21.99
C GLU B 191 37.17 -30.51 -21.56
N PHE B 192 38.25 -30.09 -20.87
CA PHE B 192 38.42 -28.71 -20.39
C PHE B 192 38.77 -27.81 -21.56
N LYS B 193 37.83 -26.94 -21.97
CA LYS B 193 37.97 -26.18 -23.20
C LYS B 193 39.10 -25.16 -23.10
N LEU B 194 39.92 -25.10 -24.14
CA LEU B 194 41.01 -24.13 -24.24
C LEU B 194 40.69 -23.17 -25.39
N VAL B 195 40.63 -21.88 -25.07
CA VAL B 195 40.34 -20.80 -26.01
C VAL B 195 41.61 -19.97 -26.10
N THR B 196 41.94 -19.53 -27.30
CA THR B 196 43.21 -18.86 -27.52
C THR B 196 42.96 -17.50 -28.17
N PRO B 197 43.56 -16.40 -27.65
CA PRO B 197 43.13 -15.09 -28.16
C PRO B 197 43.93 -14.57 -29.35
N MET B 213 52.89 -20.06 -34.27
CA MET B 213 51.87 -21.05 -33.96
C MET B 213 50.65 -20.89 -34.87
N THR B 214 50.47 -21.88 -35.78
CA THR B 214 49.48 -21.77 -36.85
C THR B 214 48.15 -22.37 -36.44
N PRO B 215 47.04 -21.95 -37.04
CA PRO B 215 45.75 -22.58 -36.76
C PRO B 215 45.76 -24.09 -36.99
N GLU B 216 46.82 -24.61 -37.62
CA GLU B 216 47.02 -26.05 -37.69
C GLU B 216 47.79 -26.54 -36.47
N GLN B 217 48.96 -25.95 -36.20
CA GLN B 217 49.77 -26.36 -35.05
C GLN B 217 48.98 -26.34 -33.74
N ALA B 218 48.03 -25.42 -33.61
CA ALA B 218 47.32 -25.26 -32.35
C ALA B 218 46.26 -26.33 -32.18
N GLN B 219 45.49 -26.60 -33.25
CA GLN B 219 44.48 -27.65 -33.18
C GLN B 219 45.10 -28.97 -32.72
N GLN B 220 46.25 -29.33 -33.29
CA GLN B 220 46.93 -30.56 -32.91
C GLN B 220 47.40 -30.54 -31.47
N ALA B 221 47.73 -29.35 -30.94
CA ALA B 221 48.28 -29.24 -29.58
C ALA B 221 47.20 -29.06 -28.51
N GLY B 222 45.92 -29.02 -28.89
CA GLY B 222 44.84 -29.11 -27.93
C GLY B 222 43.70 -28.10 -28.06
N VAL B 223 43.95 -26.97 -28.73
CA VAL B 223 43.03 -25.85 -28.64
C VAL B 223 41.64 -26.22 -29.13
N ASP B 224 40.63 -25.60 -28.55
CA ASP B 224 39.24 -25.85 -28.91
C ASP B 224 38.65 -24.76 -29.79
N TYR B 225 38.75 -23.51 -29.36
CA TYR B 225 38.29 -22.38 -30.14
C TYR B 225 39.44 -21.39 -30.28
N MET B 226 39.42 -20.65 -31.38
CA MET B 226 40.55 -19.81 -31.77
C MET B 226 40.01 -18.43 -32.08
N VAL B 227 40.47 -17.44 -31.34
CA VAL B 227 40.11 -16.06 -31.62
C VAL B 227 41.11 -15.53 -32.62
N ILE B 228 40.63 -14.95 -33.70
CA ILE B 228 41.52 -14.37 -34.70
C ILE B 228 40.92 -13.04 -35.10
N GLY B 229 41.74 -11.99 -35.10
CA GLY B 229 41.26 -10.67 -35.45
C GLY B 229 41.68 -10.18 -36.82
N ARG B 230 42.70 -9.33 -36.85
CA ARG B 230 43.04 -8.62 -38.08
C ARG B 230 43.35 -9.52 -39.26
N PRO B 231 44.05 -10.66 -39.11
CA PRO B 231 44.26 -11.53 -40.27
C PRO B 231 42.98 -11.85 -41.02
N VAL B 232 41.84 -11.84 -40.33
CA VAL B 232 40.55 -12.03 -40.99
C VAL B 232 39.91 -10.69 -41.31
N THR B 233 39.87 -9.76 -40.34
CA THR B 233 39.11 -8.53 -40.55
C THR B 233 39.84 -7.53 -41.43
N GLN B 234 41.16 -7.66 -41.59
CA GLN B 234 41.92 -6.76 -42.46
C GLN B 234 42.31 -7.43 -43.78
N SER B 235 41.79 -8.61 -44.07
CA SER B 235 42.08 -9.31 -45.31
C SER B 235 41.20 -8.80 -46.43
N ALA B 236 41.56 -9.22 -47.65
CA ALA B 236 40.78 -8.84 -48.83
C ALA B 236 39.49 -9.67 -48.94
N ASP B 237 39.62 -10.99 -48.90
CA ASP B 237 38.49 -11.91 -48.93
C ASP B 237 38.42 -12.64 -47.59
N PRO B 238 37.96 -11.97 -46.52
CA PRO B 238 37.87 -12.65 -45.22
C PRO B 238 37.26 -14.03 -45.31
N VAL B 239 36.30 -14.21 -46.21
CA VAL B 239 35.66 -15.52 -46.35
C VAL B 239 36.67 -16.55 -46.81
N ALA B 240 37.45 -16.22 -47.85
CA ALA B 240 38.48 -17.14 -48.33
C ALA B 240 39.54 -17.37 -47.26
N THR B 241 40.01 -16.29 -46.64
CA THR B 241 40.91 -16.45 -45.50
C THR B 241 40.28 -17.36 -44.47
N LEU B 242 38.99 -17.13 -44.17
CA LEU B 242 38.28 -18.04 -43.26
C LEU B 242 38.31 -19.45 -43.80
N ALA B 243 37.98 -19.61 -45.08
CA ALA B 243 38.05 -20.93 -45.71
C ALA B 243 39.41 -21.55 -45.48
N SER B 244 40.48 -20.77 -45.66
CA SER B 244 41.83 -21.34 -45.60
C SER B 244 42.15 -21.81 -44.19
N ILE B 245 41.93 -20.97 -43.19
CA ILE B 245 42.17 -21.38 -41.80
C ILE B 245 41.31 -22.60 -41.47
N ASN B 246 40.02 -22.54 -41.80
CA ASN B 246 39.11 -23.66 -41.53
C ASN B 246 39.61 -24.93 -42.21
N ALA B 247 39.99 -24.83 -43.48
CA ALA B 247 40.42 -26.01 -44.23
C ALA B 247 41.55 -26.77 -43.52
N SER B 248 42.39 -26.06 -42.78
CA SER B 248 43.45 -26.71 -42.01
C SER B 248 42.91 -27.12 -40.64
N ILE C 20 19.29 15.00 -37.93
CA ILE C 20 17.96 15.61 -38.29
C ILE C 20 17.35 14.87 -39.48
N THR C 21 16.06 14.54 -39.36
CA THR C 21 15.41 13.64 -40.29
C THR C 21 15.00 14.35 -41.57
N SER C 22 14.70 13.53 -42.59
CA SER C 22 14.16 14.00 -43.85
C SER C 22 12.74 13.49 -44.13
N SER C 23 12.29 12.48 -43.41
CA SER C 23 10.96 11.93 -43.63
C SER C 23 9.89 12.85 -43.05
N PRO C 24 8.75 13.00 -43.73
CA PRO C 24 7.57 13.64 -43.12
C PRO C 24 6.76 12.72 -42.22
N VAL C 25 7.22 11.50 -41.99
CA VAL C 25 6.46 10.52 -41.20
C VAL C 25 6.72 10.74 -39.72
N VAL C 26 5.66 10.73 -38.92
CA VAL C 26 5.76 10.76 -37.47
C VAL C 26 5.08 9.50 -36.96
N VAL C 27 5.81 8.67 -36.25
CA VAL C 27 5.27 7.39 -35.80
C VAL C 27 4.65 7.53 -34.43
N ALA C 28 3.41 7.09 -34.31
CA ALA C 28 2.64 7.20 -33.08
C ALA C 28 3.14 6.16 -32.06
N LEU C 29 3.69 6.64 -30.96
CA LEU C 29 4.01 5.80 -29.81
C LEU C 29 2.81 5.81 -28.86
N ASP C 30 2.07 4.71 -28.83
CA ASP C 30 0.86 4.59 -28.03
C ASP C 30 0.91 3.33 -27.17
N TYR C 31 2.10 2.94 -26.73
CA TYR C 31 2.26 1.72 -25.97
C TYR C 31 1.73 1.91 -24.54
N ASP C 32 1.57 0.78 -23.83
CA ASP C 32 1.10 0.76 -22.45
C ASP C 32 2.24 0.76 -21.43
N ASN C 33 3.49 0.67 -21.87
CA ASN C 33 4.61 0.49 -20.96
C ASN C 33 5.86 1.08 -21.60
N ARG C 34 6.76 1.58 -20.75
CA ARG C 34 7.98 2.19 -21.26
C ARG C 34 8.80 1.20 -22.09
N ASP C 35 9.00 -0.02 -21.58
CA ASP C 35 9.98 -0.90 -22.18
C ASP C 35 9.60 -1.32 -23.59
N LYS C 36 8.30 -1.57 -23.85
CA LYS C 36 7.89 -1.90 -25.22
C LYS C 36 8.10 -0.73 -26.17
N ALA C 37 7.92 0.50 -25.68
CA ALA C 37 8.16 1.65 -26.57
C ALA C 37 9.65 1.80 -26.87
N LEU C 38 10.50 1.63 -25.86
CA LEU C 38 11.93 1.80 -26.11
C LEU C 38 12.49 0.66 -26.94
N ALA C 39 11.93 -0.54 -26.81
CA ALA C 39 12.37 -1.65 -27.66
C ALA C 39 12.05 -1.35 -29.12
N PHE C 40 10.85 -0.81 -29.39
CA PHE C 40 10.53 -0.41 -30.76
C PHE C 40 11.43 0.73 -31.24
N VAL C 41 11.71 1.71 -30.37
CA VAL C 41 12.53 2.84 -30.77
C VAL C 41 13.95 2.39 -31.07
N GLU C 42 14.49 1.46 -30.25
CA GLU C 42 15.85 0.97 -30.47
C GLU C 42 16.03 0.32 -31.83
N ARG C 43 14.93 -0.05 -32.51
CA ARG C 43 15.02 -0.69 -33.81
C ARG C 43 15.17 0.31 -34.94
N ILE C 44 14.63 1.52 -34.79
CA ILE C 44 14.60 2.47 -35.90
C ILE C 44 15.64 3.55 -35.67
N ASP C 45 15.84 4.38 -36.71
CA ASP C 45 16.85 5.42 -36.75
C ASP C 45 16.18 6.77 -37.00
N PRO C 46 16.52 7.80 -36.23
CA PRO C 46 15.81 9.08 -36.39
C PRO C 46 16.00 9.68 -37.75
N ARG C 47 16.94 9.16 -38.54
CA ARG C 47 17.00 9.56 -39.95
C ARG C 47 15.71 9.22 -40.68
N ASP C 48 14.98 8.20 -40.21
CA ASP C 48 13.84 7.67 -40.95
C ASP C 48 12.48 8.17 -40.47
N CYS C 49 12.39 8.81 -39.31
CA CYS C 49 11.10 9.33 -38.85
C CYS C 49 11.26 10.17 -37.58
N ARG C 50 10.21 10.94 -37.29
CA ARG C 50 10.00 11.55 -35.98
C ARG C 50 9.00 10.69 -35.22
N LEU C 51 8.79 11.03 -33.93
CA LEU C 51 7.95 10.25 -33.03
C LEU C 51 6.87 11.13 -32.41
N LYS C 52 5.66 10.59 -32.25
CA LYS C 52 4.58 11.29 -31.55
C LYS C 52 4.40 10.66 -30.19
N VAL C 53 4.36 11.50 -29.15
CA VAL C 53 4.03 11.09 -27.81
C VAL C 53 2.71 11.76 -27.48
N GLY C 54 1.70 10.96 -27.13
CA GLY C 54 0.39 11.47 -26.85
C GLY C 54 0.03 11.34 -25.39
N LYS C 55 -1.25 11.61 -25.11
CA LYS C 55 -1.72 11.57 -23.74
C LYS C 55 -1.54 10.21 -23.10
N GLU C 56 -1.57 9.14 -23.90
CA GLU C 56 -1.41 7.80 -23.34
C GLU C 56 -0.05 7.65 -22.66
N MET C 57 1.02 7.84 -23.43
CA MET C 57 2.35 7.68 -22.84
C MET C 57 2.77 8.86 -21.97
N PHE C 58 2.28 10.08 -22.24
CA PHE C 58 2.71 11.20 -21.40
C PHE C 58 2.12 11.12 -20.01
N THR C 59 0.81 10.81 -19.91
CA THR C 59 0.20 10.67 -18.60
C THR C 59 0.86 9.57 -17.78
N LEU C 60 1.38 8.53 -18.45
CA LEU C 60 2.04 7.42 -17.77
C LEU C 60 3.49 7.73 -17.37
N LEU C 61 4.27 8.36 -18.26
CA LEU C 61 5.70 8.51 -18.05
C LEU C 61 6.18 9.95 -17.92
N GLY C 62 5.37 10.95 -18.27
CA GLY C 62 5.75 12.30 -17.99
C GLY C 62 6.76 12.84 -18.99
N PRO C 63 7.19 14.07 -18.80
CA PRO C 63 8.13 14.66 -19.76
C PRO C 63 9.45 13.91 -19.81
N GLN C 64 9.80 13.17 -18.76
CA GLN C 64 11.09 12.49 -18.81
C GLN C 64 11.15 11.45 -19.95
N PHE C 65 10.01 10.86 -20.33
CA PHE C 65 10.00 9.98 -21.50
C PHE C 65 10.32 10.74 -22.78
N VAL C 66 9.79 11.96 -22.92
CA VAL C 66 10.14 12.80 -24.06
C VAL C 66 11.65 13.06 -24.09
N ARG C 67 12.27 13.32 -22.92
CA ARG C 67 13.72 13.52 -22.92
C ARG C 67 14.47 12.25 -23.33
N ASP C 68 14.03 11.08 -22.85
CA ASP C 68 14.66 9.83 -23.26
C ASP C 68 14.64 9.69 -24.78
N LEU C 69 13.56 10.15 -25.43
CA LEU C 69 13.49 10.03 -26.88
C LEU C 69 14.40 11.01 -27.56
N HIS C 70 14.60 12.19 -26.97
CA HIS C 70 15.59 13.13 -27.50
C HIS C 70 17.01 12.57 -27.37
N GLN C 71 17.31 11.91 -26.25
CA GLN C 71 18.63 11.35 -26.00
C GLN C 71 18.92 10.14 -26.89
N ARG C 72 17.94 9.68 -27.67
CA ARG C 72 18.15 8.70 -28.72
C ARG C 72 18.22 9.37 -30.09
N GLY C 73 18.07 10.69 -30.14
CA GLY C 73 18.26 11.44 -31.36
C GLY C 73 17.00 11.75 -32.14
N PHE C 74 15.83 11.47 -31.60
CA PHE C 74 14.61 11.68 -32.34
C PHE C 74 14.00 13.06 -32.08
N GLU C 75 13.32 13.57 -33.09
CA GLU C 75 12.44 14.71 -32.94
C GLU C 75 11.04 14.23 -32.55
N VAL C 76 10.39 14.98 -31.65
CA VAL C 76 9.16 14.55 -31.00
C VAL C 76 8.04 15.54 -31.28
N PHE C 77 6.86 15.00 -31.57
CA PHE C 77 5.61 15.75 -31.68
C PHE C 77 4.86 15.43 -30.41
N LEU C 78 4.84 16.39 -29.47
CA LEU C 78 4.09 16.26 -28.22
C LEU C 78 2.61 16.55 -28.51
N ASP C 79 1.80 15.48 -28.56
CA ASP C 79 0.40 15.54 -28.99
C ASP C 79 -0.54 15.47 -27.78
N LEU C 80 -0.56 16.56 -27.02
CA LEU C 80 -1.36 16.64 -25.80
C LEU C 80 -2.65 17.45 -25.97
N LYS C 81 -2.80 18.16 -27.09
CA LYS C 81 -4.04 18.83 -27.45
C LYS C 81 -4.51 19.74 -26.31
N PHE C 82 -3.62 20.64 -25.92
CA PHE C 82 -3.90 21.60 -24.86
C PHE C 82 -5.17 22.38 -25.14
N HIS C 83 -6.08 22.39 -24.16
CA HIS C 83 -7.33 23.13 -24.26
C HIS C 83 -7.64 23.65 -22.87
N ASP C 84 -7.32 24.91 -22.63
CA ASP C 84 -7.49 25.48 -21.29
C ASP C 84 -7.58 26.99 -21.44
N ILE C 85 -7.59 27.67 -20.30
CA ILE C 85 -7.62 29.13 -20.31
C ILE C 85 -6.31 29.65 -20.92
N PRO C 86 -6.31 30.84 -21.50
CA PRO C 86 -5.09 31.28 -22.21
C PRO C 86 -3.81 31.23 -21.39
N ASN C 87 -3.85 31.58 -20.10
CA ASN C 87 -2.62 31.64 -19.34
C ASN C 87 -2.05 30.25 -19.06
N THR C 88 -2.95 29.28 -18.85
CA THR C 88 -2.52 27.90 -18.58
C THR C 88 -2.03 27.23 -19.85
N THR C 89 -2.71 27.45 -20.98
CA THR C 89 -2.22 26.92 -22.24
C THR C 89 -0.86 27.53 -22.59
N ALA C 90 -0.71 28.85 -22.32
CA ALA C 90 0.54 29.53 -22.62
C ALA C 90 1.69 28.93 -21.82
N ARG C 91 1.45 28.68 -20.53
CA ARG C 91 2.47 28.06 -19.70
C ARG C 91 2.76 26.62 -20.13
N ALA C 92 1.73 25.88 -20.55
CA ALA C 92 2.00 24.51 -20.98
C ALA C 92 2.80 24.49 -22.27
N VAL C 93 2.54 25.42 -23.18
CA VAL C 93 3.26 25.46 -24.44
C VAL C 93 4.70 25.92 -24.20
N ALA C 94 4.89 26.82 -23.25
CA ALA C 94 6.24 27.23 -22.91
C ALA C 94 7.00 26.10 -22.25
N ALA C 95 6.31 25.30 -21.42
CA ALA C 95 6.96 24.17 -20.79
C ALA C 95 7.36 23.13 -21.82
N ALA C 96 6.57 23.00 -22.88
CA ALA C 96 6.90 22.08 -23.97
C ALA C 96 8.10 22.59 -24.76
N ALA C 97 8.16 23.91 -24.98
CA ALA C 97 9.33 24.54 -25.57
C ALA C 97 10.58 24.28 -24.73
N GLU C 98 10.53 24.60 -23.42
CA GLU C 98 11.67 24.32 -22.56
C GLU C 98 12.06 22.84 -22.65
N LEU C 99 11.08 21.97 -22.91
CA LEU C 99 11.35 20.55 -23.08
C LEU C 99 12.11 20.26 -24.37
N GLY C 100 12.05 21.17 -25.34
CA GLY C 100 12.81 21.04 -26.56
C GLY C 100 12.09 20.31 -27.69
N VAL C 101 10.77 20.16 -27.61
CA VAL C 101 10.07 19.31 -28.57
C VAL C 101 10.00 20.03 -29.92
N TRP C 102 9.82 19.22 -30.96
CA TRP C 102 9.79 19.68 -32.33
C TRP C 102 8.43 20.26 -32.71
N MET C 103 7.36 19.79 -32.08
CA MET C 103 5.99 20.14 -32.45
C MET C 103 5.11 19.94 -31.24
N VAL C 104 4.10 20.79 -31.10
CA VAL C 104 3.16 20.69 -29.98
C VAL C 104 1.85 21.26 -30.47
N ASN C 105 0.73 20.66 -30.03
CA ASN C 105 -0.58 21.10 -30.50
C ASN C 105 -1.50 21.58 -29.38
N VAL C 106 -2.53 22.32 -29.83
CA VAL C 106 -3.55 22.93 -29.00
C VAL C 106 -4.85 22.74 -29.74
N HIS C 107 -5.94 22.89 -29.01
CA HIS C 107 -7.28 22.85 -29.58
C HIS C 107 -7.63 24.25 -30.08
N ALA C 108 -7.95 24.39 -31.37
CA ALA C 108 -8.50 25.64 -31.86
C ALA C 108 -9.82 25.96 -31.18
N SER C 109 -10.51 24.92 -30.71
CA SER C 109 -11.74 25.10 -29.94
C SER C 109 -11.53 25.93 -28.68
N GLY C 110 -10.28 26.07 -28.19
CA GLY C 110 -10.05 26.97 -27.05
C GLY C 110 -10.18 28.44 -27.38
N GLY C 111 -10.29 28.77 -28.66
CA GLY C 111 -10.55 30.12 -29.09
C GLY C 111 -9.30 30.92 -29.45
N ALA C 112 -9.57 32.08 -30.05
CA ALA C 112 -8.52 32.94 -30.60
C ALA C 112 -7.57 33.46 -29.54
N ARG C 113 -8.09 33.86 -28.36
CA ARG C 113 -7.18 34.38 -27.35
C ARG C 113 -6.24 33.28 -26.84
N MET C 114 -6.75 32.06 -26.65
CA MET C 114 -5.88 30.99 -26.18
C MET C 114 -4.77 30.69 -27.18
N MET C 115 -5.10 30.59 -28.47
CA MET C 115 -4.08 30.33 -29.47
C MET C 115 -3.09 31.49 -29.58
N THR C 116 -3.58 32.74 -29.57
CA THR C 116 -2.68 33.89 -29.58
C THR C 116 -1.70 33.81 -28.43
N ALA C 117 -2.18 33.38 -27.26
CA ALA C 117 -1.31 33.36 -26.09
C ALA C 117 -0.28 32.25 -26.19
N ALA C 118 -0.68 31.08 -26.72
CA ALA C 118 0.30 30.03 -26.96
C ALA C 118 1.35 30.49 -27.95
N ARG C 119 0.94 31.19 -29.00
CA ARG C 119 1.94 31.66 -29.94
C ARG C 119 2.87 32.67 -29.28
N GLU C 120 2.31 33.61 -28.50
CA GLU C 120 3.16 34.61 -27.88
C GLU C 120 4.09 33.97 -26.86
N ALA C 121 3.66 32.88 -26.23
CA ALA C 121 4.55 32.19 -25.30
C ALA C 121 5.76 31.59 -25.98
N LEU C 122 5.68 31.32 -27.30
CA LEU C 122 6.79 30.67 -27.99
C LEU C 122 7.78 31.67 -28.61
N LEU C 123 7.34 32.90 -28.93
CA LEU C 123 8.24 33.91 -29.51
C LEU C 123 9.61 33.98 -28.82
N PRO C 124 9.72 34.05 -27.50
CA PRO C 124 11.05 34.16 -26.90
C PRO C 124 11.98 33.00 -27.21
N PHE C 125 11.46 31.87 -27.70
CA PHE C 125 12.32 30.73 -28.05
C PHE C 125 12.86 30.84 -29.46
N GLY C 126 12.35 31.77 -30.26
CA GLY C 126 12.95 32.05 -31.54
C GLY C 126 12.90 30.86 -32.46
N LYS C 127 13.95 30.70 -33.27
CA LYS C 127 13.99 29.64 -34.25
C LYS C 127 13.85 28.26 -33.61
N GLU C 128 14.23 28.13 -32.33
CA GLU C 128 14.20 26.86 -31.64
C GLU C 128 12.85 26.54 -31.01
N ALA C 129 11.81 27.31 -31.33
CA ALA C 129 10.52 27.01 -30.77
C ALA C 129 9.97 25.72 -31.37
N PRO C 130 9.06 25.04 -30.68
CA PRO C 130 8.31 23.99 -31.35
C PRO C 130 7.39 24.61 -32.40
N LEU C 131 7.19 23.86 -33.48
CA LEU C 131 6.04 24.10 -34.35
C LEU C 131 4.76 24.03 -33.53
N LEU C 132 3.82 24.95 -33.81
CA LEU C 132 2.61 25.12 -33.03
C LEU C 132 1.41 24.88 -33.93
N ILE C 133 0.71 23.78 -33.67
CA ILE C 133 -0.33 23.26 -34.55
C ILE C 133 -1.64 23.20 -33.79
N ALA C 134 -2.74 23.49 -34.47
CA ALA C 134 -4.04 23.42 -33.83
C ALA C 134 -4.80 22.19 -34.30
N VAL C 135 -5.34 21.44 -33.35
CA VAL C 135 -6.43 20.53 -33.64
C VAL C 135 -7.69 21.33 -33.92
N THR C 136 -8.42 20.92 -34.95
CA THR C 136 -9.65 21.60 -35.33
C THR C 136 -10.84 20.72 -34.97
N VAL C 137 -11.09 19.67 -35.73
CA VAL C 137 -12.09 18.66 -35.36
C VAL C 137 -11.39 17.32 -35.26
N LEU C 138 -11.59 16.63 -34.14
CA LEU C 138 -10.98 15.33 -33.97
C LEU C 138 -11.53 14.37 -35.02
N THR C 139 -10.66 13.51 -35.56
CA THR C 139 -11.07 12.53 -36.56
C THR C 139 -12.17 11.62 -36.05
N SER C 140 -12.32 11.49 -34.73
CA SER C 140 -13.36 10.67 -34.16
C SER C 140 -14.74 11.32 -34.20
N MET C 141 -14.82 12.61 -34.54
CA MET C 141 -16.05 13.39 -34.38
C MET C 141 -16.98 13.21 -35.57
N GLU C 142 -18.20 12.76 -35.30
CA GLU C 142 -19.24 12.65 -36.32
C GLU C 142 -20.23 13.80 -36.18
N ALA C 143 -21.01 14.02 -37.25
CA ALA C 143 -21.89 15.19 -37.27
C ALA C 143 -22.97 15.11 -36.19
N SER C 144 -23.40 13.89 -35.83
CA SER C 144 -24.26 13.74 -34.65
C SER C 144 -23.58 14.30 -33.40
N ASP C 145 -22.31 13.95 -33.19
CA ASP C 145 -21.57 14.50 -32.06
C ASP C 145 -21.54 16.02 -32.09
N LEU C 146 -21.47 16.61 -33.30
CA LEU C 146 -21.50 18.07 -33.40
C LEU C 146 -22.87 18.65 -33.08
N GLN C 147 -23.96 17.94 -33.41
CA GLN C 147 -25.29 18.45 -33.10
C GLN C 147 -25.50 18.56 -31.58
N ASP C 148 -24.98 17.59 -30.82
CA ASP C 148 -25.06 17.65 -29.36
C ASP C 148 -24.49 18.95 -28.83
N LEU C 149 -23.43 19.46 -29.46
CA LEU C 149 -22.71 20.62 -28.98
C LEU C 149 -23.21 21.91 -29.62
N GLY C 150 -24.27 21.86 -30.41
CA GLY C 150 -24.83 23.06 -31.01
C GLY C 150 -24.11 23.55 -32.25
N ILE C 151 -23.35 22.70 -32.92
CA ILE C 151 -22.65 23.07 -34.14
C ILE C 151 -23.54 22.72 -35.32
N MET C 152 -23.89 23.73 -36.11
CA MET C 152 -24.82 23.57 -37.23
C MET C 152 -24.10 23.33 -38.54
N LEU C 153 -22.83 22.94 -38.51
CA LEU C 153 -22.05 22.74 -39.72
C LEU C 153 -21.62 21.29 -39.85
N SER C 154 -21.15 20.95 -41.04
CA SER C 154 -20.50 19.67 -41.24
C SER C 154 -19.15 19.66 -40.51
N PRO C 155 -18.70 18.51 -40.07
CA PRO C 155 -17.33 18.40 -39.56
C PRO C 155 -16.31 19.13 -40.42
N ALA C 156 -16.43 19.03 -41.75
CA ALA C 156 -15.45 19.64 -42.64
C ALA C 156 -15.55 21.16 -42.65
N ASP C 157 -16.79 21.69 -42.67
CA ASP C 157 -16.97 23.14 -42.70
C ASP C 157 -16.55 23.77 -41.38
N HIS C 158 -16.83 23.08 -40.27
CA HIS C 158 -16.42 23.57 -38.96
C HIS C 158 -14.91 23.48 -38.80
N ALA C 159 -14.31 22.38 -39.28
CA ALA C 159 -12.86 22.28 -39.29
C ALA C 159 -12.27 23.41 -40.11
N ALA C 160 -12.86 23.71 -41.26
CA ALA C 160 -12.36 24.80 -42.08
C ALA C 160 -12.49 26.14 -41.37
N LYS C 161 -13.58 26.33 -40.62
CA LYS C 161 -13.74 27.58 -39.88
C LYS C 161 -12.68 27.69 -38.79
N LEU C 162 -12.48 26.62 -38.02
CA LEU C 162 -11.44 26.64 -37.00
C LEU C 162 -10.06 26.78 -37.60
N ALA C 163 -9.84 26.24 -38.80
CA ALA C 163 -8.52 26.32 -39.41
C ALA C 163 -8.21 27.73 -39.84
N ALA C 164 -9.20 28.44 -40.38
CA ALA C 164 -9.00 29.82 -40.76
C ALA C 164 -8.79 30.70 -39.53
N LEU C 165 -9.50 30.39 -38.43
CA LEU C 165 -9.19 31.05 -37.17
C LEU C 165 -7.75 30.79 -36.74
N THR C 166 -7.30 29.52 -36.86
CA THR C 166 -5.93 29.21 -36.48
C THR C 166 -4.94 30.03 -37.29
N LYS C 167 -5.16 30.13 -38.61
CA LYS C 167 -4.26 30.96 -39.43
C LYS C 167 -4.29 32.41 -38.98
N ARG C 168 -5.48 32.98 -38.80
CA ARG C 168 -5.59 34.37 -38.35
C ARG C 168 -4.79 34.64 -37.08
N CYS C 169 -4.65 33.64 -36.20
CA CYS C 169 -3.85 33.82 -35.01
C CYS C 169 -2.36 33.59 -35.24
N GLY C 170 -1.93 33.22 -36.45
CA GLY C 170 -0.51 33.11 -36.72
C GLY C 170 0.15 31.83 -36.26
N LEU C 171 -0.63 30.76 -36.12
CA LEU C 171 -0.09 29.47 -35.74
C LEU C 171 0.44 28.78 -36.99
N ASP C 172 1.21 27.72 -36.79
CA ASP C 172 2.02 27.18 -37.88
C ASP C 172 1.26 26.21 -38.78
N GLY C 173 0.11 25.72 -38.35
CA GLY C 173 -0.62 24.76 -39.14
C GLY C 173 -1.72 24.13 -38.33
N VAL C 174 -2.34 23.11 -38.92
CA VAL C 174 -3.47 22.44 -38.31
C VAL C 174 -3.32 20.95 -38.59
N VAL C 175 -4.04 20.16 -37.79
CA VAL C 175 -4.25 18.75 -38.05
C VAL C 175 -5.53 18.62 -38.87
N CYS C 176 -5.46 17.87 -39.97
CA CYS C 176 -6.68 17.65 -40.75
C CYS C 176 -6.54 16.36 -41.54
N SER C 177 -7.68 15.81 -41.91
CA SER C 177 -7.69 14.65 -42.79
C SER C 177 -7.08 15.00 -44.14
N ALA C 178 -6.39 14.03 -44.75
CA ALA C 178 -5.82 14.25 -46.07
C ALA C 178 -6.89 14.64 -47.11
N GLN C 179 -8.15 14.30 -46.86
CA GLN C 179 -9.21 14.61 -47.81
C GLN C 179 -9.43 16.11 -47.98
N GLU C 180 -9.12 16.91 -46.96
CA GLU C 180 -9.24 18.37 -47.04
C GLU C 180 -7.95 19.05 -47.43
N ALA C 181 -6.83 18.32 -47.49
CA ALA C 181 -5.54 18.93 -47.78
C ALA C 181 -5.61 19.88 -48.97
N VAL C 182 -6.24 19.43 -50.07
CA VAL C 182 -6.31 20.26 -51.27
C VAL C 182 -7.02 21.57 -50.96
N ARG C 183 -8.24 21.50 -50.41
CA ARG C 183 -8.97 22.70 -50.05
C ARG C 183 -8.14 23.60 -49.14
N PHE C 184 -7.56 23.02 -48.08
CA PHE C 184 -6.90 23.85 -47.06
C PHE C 184 -5.68 24.57 -47.63
N LYS C 185 -4.91 23.90 -48.49
CA LYS C 185 -3.77 24.58 -49.08
C LYS C 185 -4.22 25.70 -50.00
N GLN C 186 -5.36 25.54 -50.67
CA GLN C 186 -5.92 26.61 -51.50
C GLN C 186 -6.42 27.76 -50.65
N GLU C 187 -7.19 27.46 -49.59
CA GLU C 187 -7.81 28.50 -48.78
C GLU C 187 -6.84 29.14 -47.78
N LEU C 188 -5.73 28.49 -47.45
CA LEU C 188 -4.87 28.97 -46.37
C LEU C 188 -3.40 29.10 -46.76
N GLY C 189 -2.99 28.62 -47.94
CA GLY C 189 -1.67 28.88 -48.45
C GLY C 189 -0.75 27.69 -48.31
N GLN C 190 0.41 27.81 -48.96
CA GLN C 190 1.38 26.73 -49.01
C GLN C 190 2.24 26.65 -47.76
N GLU C 191 2.51 27.80 -47.13
CA GLU C 191 3.34 27.80 -45.92
C GLU C 191 2.58 27.25 -44.71
N PHE C 192 1.25 27.12 -44.79
CA PHE C 192 0.44 26.69 -43.66
C PHE C 192 0.50 25.17 -43.56
N LYS C 193 1.21 24.67 -42.55
CA LYS C 193 1.47 23.24 -42.42
C LYS C 193 0.20 22.44 -42.15
N LEU C 194 0.16 21.24 -42.72
CA LEU C 194 -0.95 20.32 -42.58
C LEU C 194 -0.40 18.99 -42.09
N VAL C 195 -0.98 18.50 -41.00
CA VAL C 195 -0.55 17.27 -40.32
C VAL C 195 -1.74 16.33 -40.29
N THR C 196 -1.57 15.11 -40.83
CA THR C 196 -2.65 14.13 -40.81
C THR C 196 -2.43 13.11 -39.70
N PRO C 197 -3.47 12.78 -38.91
CA PRO C 197 -3.35 11.86 -37.78
C PRO C 197 -3.34 10.38 -38.15
N MET C 213 -6.43 7.53 -47.53
CA MET C 213 -5.41 7.75 -48.55
C MET C 213 -4.11 7.02 -48.22
N THR C 214 -3.18 7.01 -49.19
CA THR C 214 -1.83 6.49 -49.03
C THR C 214 -0.86 7.63 -48.77
N PRO C 215 0.32 7.34 -48.22
CA PRO C 215 1.32 8.41 -48.04
C PRO C 215 1.53 9.26 -49.29
N GLU C 216 1.85 8.63 -50.43
CA GLU C 216 2.10 9.38 -51.65
C GLU C 216 0.86 10.14 -52.11
N GLN C 217 -0.33 9.53 -51.95
CA GLN C 217 -1.56 10.25 -52.24
C GLN C 217 -1.66 11.52 -51.40
N ALA C 218 -1.28 11.45 -50.12
CA ALA C 218 -1.38 12.61 -49.25
C ALA C 218 -0.31 13.65 -49.60
N GLN C 219 0.91 13.21 -49.90
CA GLN C 219 1.97 14.15 -50.26
C GLN C 219 1.67 14.87 -51.56
N GLN C 220 1.02 14.20 -52.52
CA GLN C 220 0.57 14.89 -53.71
C GLN C 220 -0.56 15.86 -53.36
N ALA C 221 -1.31 15.58 -52.29
CA ALA C 221 -2.47 16.39 -51.88
C ALA C 221 -2.09 17.62 -51.08
N GLY C 222 -0.85 17.71 -50.58
CA GLY C 222 -0.39 18.87 -49.83
C GLY C 222 0.01 18.59 -48.39
N VAL C 223 -0.30 17.43 -47.82
CA VAL C 223 0.10 17.13 -46.45
C VAL C 223 1.60 17.34 -46.29
N ASP C 224 1.99 17.99 -45.19
CA ASP C 224 3.38 18.22 -44.84
C ASP C 224 3.94 17.16 -43.91
N TYR C 225 3.11 16.57 -43.03
CA TYR C 225 3.58 15.57 -42.08
C TYR C 225 2.45 14.56 -41.86
N MET C 226 2.83 13.31 -41.58
CA MET C 226 1.89 12.19 -41.59
C MET C 226 2.09 11.37 -40.33
N VAL C 227 1.08 11.34 -39.46
CA VAL C 227 1.10 10.49 -38.27
C VAL C 227 0.71 9.08 -38.70
N ILE C 228 1.56 8.10 -38.39
CA ILE C 228 1.30 6.70 -38.75
C ILE C 228 1.61 5.83 -37.54
N GLY C 229 0.66 5.01 -37.13
CA GLY C 229 0.88 4.20 -35.97
C GLY C 229 1.06 2.73 -36.30
N ARG C 230 -0.03 1.97 -36.21
CA ARG C 230 0.06 0.53 -36.24
C ARG C 230 0.72 -0.03 -37.51
N PRO C 231 0.53 0.54 -38.69
CA PRO C 231 1.25 0.01 -39.87
C PRO C 231 2.75 -0.07 -39.67
N VAL C 232 3.32 0.79 -38.83
CA VAL C 232 4.76 0.75 -38.54
C VAL C 232 5.05 -0.01 -37.26
N THR C 233 4.21 0.17 -36.23
CA THR C 233 4.51 -0.40 -34.92
C THR C 233 4.09 -1.85 -34.78
N GLN C 234 3.01 -2.25 -35.47
CA GLN C 234 2.55 -3.63 -35.44
C GLN C 234 3.16 -4.45 -36.57
N SER C 235 4.14 -3.88 -37.26
CA SER C 235 4.80 -4.55 -38.37
C SER C 235 6.04 -5.29 -37.90
N ALA C 236 6.43 -6.30 -38.67
CA ALA C 236 7.47 -7.22 -38.23
C ALA C 236 8.88 -6.68 -38.48
N ASP C 237 9.05 -5.83 -39.49
CA ASP C 237 10.33 -5.15 -39.74
C ASP C 237 10.04 -3.67 -39.98
N PRO C 238 9.78 -2.91 -38.92
CA PRO C 238 9.44 -1.49 -39.09
C PRO C 238 10.46 -0.70 -39.90
N VAL C 239 11.75 -1.03 -39.82
CA VAL C 239 12.72 -0.24 -40.54
C VAL C 239 12.43 -0.29 -42.03
N ALA C 240 12.05 -1.47 -42.55
CA ALA C 240 11.75 -1.62 -43.96
C ALA C 240 10.43 -0.97 -44.30
N THR C 241 9.40 -1.19 -43.48
CA THR C 241 8.13 -0.52 -43.71
C THR C 241 8.33 0.99 -43.79
N LEU C 242 9.14 1.57 -42.89
CA LEU C 242 9.46 2.99 -42.97
C LEU C 242 10.14 3.34 -44.28
N ALA C 243 11.08 2.51 -44.73
CA ALA C 243 11.77 2.81 -45.98
C ALA C 243 10.81 2.88 -47.14
N SER C 244 9.85 1.95 -47.22
CA SER C 244 8.93 1.88 -48.35
C SER C 244 7.93 3.03 -48.34
N ILE C 245 7.48 3.46 -47.16
CA ILE C 245 6.73 4.70 -47.09
C ILE C 245 7.60 5.86 -47.57
N ASN C 246 8.81 5.96 -47.03
CA ASN C 246 9.70 7.04 -47.43
C ASN C 246 10.13 6.91 -48.89
N ALA C 247 10.11 5.69 -49.44
CA ALA C 247 10.43 5.52 -50.85
C ALA C 247 9.28 6.00 -51.74
N SER C 248 8.04 5.69 -51.35
CA SER C 248 6.88 6.14 -52.11
C SER C 248 6.77 7.66 -52.15
N LEU C 249 7.67 8.36 -51.46
CA LEU C 249 7.70 9.82 -51.47
C LEU C 249 9.04 10.34 -51.98
N THR D 21 -9.79 14.55 4.62
CA THR D 21 -10.13 15.94 4.91
C THR D 21 -11.63 16.22 4.74
N SER D 22 -12.15 17.15 5.53
CA SER D 22 -13.54 17.59 5.46
C SER D 22 -13.70 18.96 4.81
N SER D 23 -12.63 19.59 4.43
CA SER D 23 -12.76 20.86 3.74
C SER D 23 -13.15 20.64 2.29
N PRO D 24 -13.99 21.53 1.74
CA PRO D 24 -14.25 21.54 0.30
C PRO D 24 -13.19 22.25 -0.53
N VAL D 25 -12.12 22.68 0.06
CA VAL D 25 -11.17 23.56 -0.61
C VAL D 25 -10.15 22.72 -1.34
N VAL D 26 -9.77 23.18 -2.53
CA VAL D 26 -8.71 22.57 -3.35
C VAL D 26 -7.77 23.71 -3.73
N VAL D 27 -6.56 23.68 -3.20
CA VAL D 27 -5.58 24.71 -3.46
C VAL D 27 -4.86 24.39 -4.75
N ALA D 28 -4.84 25.35 -5.67
CA ALA D 28 -4.21 25.18 -6.97
C ALA D 28 -2.70 25.35 -6.84
N LEU D 29 -1.94 24.35 -7.32
CA LEU D 29 -0.48 24.43 -7.35
C LEU D 29 -0.09 24.76 -8.78
N ASP D 30 0.27 26.03 -8.99
CA ASP D 30 0.59 26.53 -10.32
C ASP D 30 2.01 27.08 -10.37
N TYR D 31 2.90 26.54 -9.54
CA TYR D 31 4.27 27.02 -9.49
C TYR D 31 5.02 26.70 -10.78
N ASP D 32 6.03 27.51 -11.09
CA ASP D 32 6.91 27.27 -12.23
C ASP D 32 8.09 26.39 -11.83
N ASN D 33 8.05 25.82 -10.64
CA ASN D 33 9.24 25.26 -10.02
C ASN D 33 8.80 24.21 -9.00
N ARG D 34 9.45 23.04 -9.05
CA ARG D 34 9.10 21.97 -8.11
C ARG D 34 9.36 22.38 -6.67
N ASP D 35 10.49 23.05 -6.42
CA ASP D 35 10.90 23.33 -5.06
C ASP D 35 9.94 24.29 -4.40
N LYS D 36 9.51 25.33 -5.12
CA LYS D 36 8.58 26.28 -4.53
C LYS D 36 7.28 25.59 -4.17
N ALA D 37 6.84 24.65 -5.01
CA ALA D 37 5.57 23.99 -4.74
C ALA D 37 5.63 23.17 -3.46
N LEU D 38 6.64 22.31 -3.33
CA LEU D 38 6.73 21.48 -2.14
C LEU D 38 6.97 22.31 -0.88
N ALA D 39 7.73 23.41 -1.00
CA ALA D 39 7.93 24.27 0.17
C ALA D 39 6.60 24.74 0.74
N PHE D 40 5.66 25.13 -0.13
CA PHE D 40 4.34 25.52 0.35
C PHE D 40 3.57 24.32 0.88
N VAL D 41 3.62 23.18 0.17
CA VAL D 41 2.90 21.99 0.59
C VAL D 41 3.38 21.53 1.96
N GLU D 42 4.68 21.66 2.23
CA GLU D 42 5.20 21.29 3.55
C GLU D 42 4.53 22.08 4.66
N ARG D 43 4.18 23.34 4.39
CA ARG D 43 3.59 24.17 5.44
C ARG D 43 2.19 23.73 5.78
N ILE D 44 1.42 23.26 4.80
CA ILE D 44 0.01 23.00 5.03
C ILE D 44 -0.12 21.54 5.45
N ASP D 45 -1.35 21.11 5.73
CA ASP D 45 -1.55 19.76 6.19
C ASP D 45 -2.74 19.18 5.45
N PRO D 46 -2.69 17.89 5.08
CA PRO D 46 -3.78 17.29 4.30
C PRO D 46 -5.14 17.35 4.95
N ARG D 47 -5.20 17.64 6.26
CA ARG D 47 -6.50 17.79 6.91
C ARG D 47 -7.17 19.07 6.48
N ASP D 48 -6.42 20.03 5.95
CA ASP D 48 -6.96 21.35 5.68
C ASP D 48 -7.39 21.56 4.23
N CYS D 49 -6.96 20.72 3.28
CA CYS D 49 -7.37 20.96 1.90
C CYS D 49 -6.89 19.82 1.02
N ARG D 50 -7.43 19.79 -0.19
CA ARG D 50 -6.90 18.96 -1.27
C ARG D 50 -6.07 19.87 -2.18
N LEU D 51 -5.38 19.27 -3.14
CA LEU D 51 -4.52 20.02 -4.05
C LEU D 51 -4.92 19.76 -5.49
N LYS D 52 -4.77 20.79 -6.31
CA LYS D 52 -5.01 20.70 -7.74
C LYS D 52 -3.69 20.78 -8.50
N VAL D 53 -3.47 19.81 -9.37
CA VAL D 53 -2.33 19.84 -10.28
C VAL D 53 -2.88 19.98 -11.69
N GLY D 54 -2.45 21.02 -12.38
CA GLY D 54 -2.89 21.27 -13.73
C GLY D 54 -1.76 21.13 -14.72
N LYS D 55 -2.04 21.61 -15.93
CA LYS D 55 -1.05 21.47 -16.99
C LYS D 55 0.23 22.25 -16.68
N GLU D 56 0.12 23.36 -15.92
CA GLU D 56 1.29 24.16 -15.62
C GLU D 56 2.40 23.32 -15.00
N MET D 57 2.06 22.52 -13.99
CA MET D 57 3.07 21.73 -13.32
C MET D 57 3.20 20.32 -13.89
N PHE D 58 2.15 19.81 -14.54
CA PHE D 58 2.20 18.42 -15.00
C PHE D 58 3.09 18.30 -16.23
N THR D 59 2.98 19.25 -17.16
CA THR D 59 3.87 19.26 -18.31
C THR D 59 5.32 19.40 -17.88
N LEU D 60 5.56 20.10 -16.77
CA LEU D 60 6.91 20.29 -16.26
C LEU D 60 7.43 19.04 -15.54
N LEU D 61 6.57 18.34 -14.78
CA LEU D 61 7.04 17.33 -13.85
C LEU D 61 6.52 15.92 -14.10
N GLY D 62 5.39 15.75 -14.79
CA GLY D 62 4.79 14.45 -14.99
C GLY D 62 4.11 13.89 -13.76
N PRO D 63 3.66 12.64 -13.88
CA PRO D 63 2.91 12.00 -12.79
C PRO D 63 3.71 11.78 -11.54
N GLN D 64 5.05 11.83 -11.62
CA GLN D 64 5.84 11.73 -10.41
C GLN D 64 5.53 12.86 -9.42
N PHE D 65 5.14 14.04 -9.90
CA PHE D 65 4.75 15.09 -8.95
C PHE D 65 3.47 14.70 -8.22
N VAL D 66 2.51 14.07 -8.89
CA VAL D 66 1.32 13.59 -8.17
C VAL D 66 1.73 12.60 -7.09
N ARG D 67 2.60 11.64 -7.44
CA ARG D 67 3.05 10.63 -6.49
C ARG D 67 3.69 11.27 -5.26
N ASP D 68 4.44 12.35 -5.45
CA ASP D 68 5.10 13.01 -4.33
C ASP D 68 4.07 13.68 -3.41
N LEU D 69 3.02 14.24 -4.00
CA LEU D 69 1.98 14.82 -3.17
C LEU D 69 1.21 13.74 -2.41
N HIS D 70 0.92 12.61 -3.08
CA HIS D 70 0.34 11.45 -2.40
C HIS D 70 1.21 10.94 -1.27
N GLN D 71 2.53 10.96 -1.45
CA GLN D 71 3.42 10.49 -0.39
C GLN D 71 3.33 11.39 0.83
N ARG D 72 2.99 12.66 0.65
CA ARG D 72 2.85 13.63 1.73
C ARG D 72 1.46 13.65 2.32
N GLY D 73 0.57 12.74 1.88
CA GLY D 73 -0.75 12.56 2.45
C GLY D 73 -1.90 13.25 1.75
N PHE D 74 -1.64 14.06 0.73
CA PHE D 74 -2.68 14.88 0.12
C PHE D 74 -3.50 14.10 -0.89
N GLU D 75 -4.77 14.47 -0.98
CA GLU D 75 -5.61 14.08 -2.09
C GLU D 75 -5.58 15.17 -3.15
N VAL D 76 -5.62 14.74 -4.41
CA VAL D 76 -5.17 15.53 -5.54
C VAL D 76 -6.26 15.55 -6.60
N PHE D 77 -6.56 16.75 -7.10
CA PHE D 77 -7.41 16.98 -8.26
C PHE D 77 -6.49 17.12 -9.45
N LEU D 78 -6.49 16.12 -10.35
CA LEU D 78 -5.64 16.18 -11.52
C LEU D 78 -6.46 16.89 -12.60
N ASP D 79 -6.08 18.13 -12.89
CA ASP D 79 -6.86 19.05 -13.70
C ASP D 79 -6.14 19.21 -15.04
N LEU D 80 -6.29 18.20 -15.89
CA LEU D 80 -5.62 18.22 -17.17
C LEU D 80 -6.58 18.42 -18.32
N LYS D 81 -7.89 18.39 -18.06
CA LYS D 81 -8.90 18.75 -19.06
C LYS D 81 -8.71 17.95 -20.36
N PHE D 82 -8.72 16.63 -20.21
CA PHE D 82 -8.54 15.73 -21.36
C PHE D 82 -9.59 16.04 -22.42
N HIS D 83 -9.11 16.33 -23.63
CA HIS D 83 -9.95 16.57 -24.80
C HIS D 83 -9.32 15.84 -26.00
N ASP D 84 -9.81 14.63 -26.26
CA ASP D 84 -9.18 13.79 -27.28
C ASP D 84 -10.19 12.79 -27.80
N ILE D 85 -9.76 11.93 -28.74
CA ILE D 85 -10.65 10.87 -29.21
C ILE D 85 -10.99 9.95 -28.03
N PRO D 86 -12.12 9.21 -28.12
CA PRO D 86 -12.52 8.37 -26.98
C PRO D 86 -11.47 7.42 -26.46
N ASN D 87 -10.85 6.59 -27.31
CA ASN D 87 -9.89 5.61 -26.82
C ASN D 87 -8.76 6.28 -26.06
N THR D 88 -8.22 7.36 -26.63
CA THR D 88 -7.12 8.05 -25.97
C THR D 88 -7.55 8.65 -24.65
N THR D 89 -8.69 9.35 -24.63
CA THR D 89 -9.17 9.92 -23.38
C THR D 89 -9.38 8.82 -22.34
N ALA D 90 -9.98 7.71 -22.73
CA ALA D 90 -10.22 6.62 -21.79
C ALA D 90 -8.90 6.15 -21.17
N ARG D 91 -7.86 5.98 -21.98
CA ARG D 91 -6.60 5.51 -21.40
C ARG D 91 -6.00 6.56 -20.46
N ALA D 92 -6.09 7.84 -20.85
CA ALA D 92 -5.60 8.93 -19.98
C ALA D 92 -6.33 8.93 -18.63
N VAL D 93 -7.65 8.82 -18.67
CA VAL D 93 -8.41 8.77 -17.42
C VAL D 93 -8.03 7.53 -16.61
N ALA D 94 -7.81 6.40 -17.27
CA ALA D 94 -7.46 5.20 -16.54
C ALA D 94 -6.06 5.31 -15.93
N ALA D 95 -5.13 5.96 -16.63
CA ALA D 95 -3.83 6.20 -16.02
C ALA D 95 -3.96 7.14 -14.81
N ALA D 96 -4.86 8.11 -14.88
CA ALA D 96 -5.11 8.95 -13.71
C ALA D 96 -5.62 8.10 -12.54
N ALA D 97 -6.52 7.16 -12.81
CA ALA D 97 -7.03 6.30 -11.76
C ALA D 97 -5.93 5.41 -11.18
N GLU D 98 -5.08 4.84 -12.04
CA GLU D 98 -3.97 4.02 -11.55
C GLU D 98 -3.05 4.83 -10.67
N LEU D 99 -2.86 6.10 -11.00
CA LEU D 99 -2.11 7.03 -10.17
C LEU D 99 -2.78 7.32 -8.84
N GLY D 100 -4.05 6.97 -8.68
CA GLY D 100 -4.74 7.13 -7.42
C GLY D 100 -5.34 8.51 -7.16
N VAL D 101 -5.54 9.33 -8.17
CA VAL D 101 -5.99 10.68 -7.87
C VAL D 101 -7.45 10.69 -7.39
N TRP D 102 -7.80 11.76 -6.68
CA TRP D 102 -9.12 11.90 -6.09
C TRP D 102 -10.13 12.45 -7.07
N MET D 103 -9.71 13.31 -8.00
CA MET D 103 -10.59 13.84 -9.03
C MET D 103 -9.80 14.03 -10.32
N VAL D 104 -10.47 13.82 -11.46
CA VAL D 104 -9.87 14.05 -12.77
C VAL D 104 -10.96 14.65 -13.65
N ASN D 105 -10.58 15.53 -14.57
CA ASN D 105 -11.57 16.14 -15.44
C ASN D 105 -11.26 15.96 -16.94
N VAL D 106 -12.31 16.15 -17.75
CA VAL D 106 -12.28 16.06 -19.20
C VAL D 106 -13.13 17.20 -19.75
N HIS D 107 -13.01 17.47 -21.06
CA HIS D 107 -13.84 18.47 -21.71
C HIS D 107 -15.14 17.82 -22.17
N ALA D 108 -16.27 18.42 -21.79
CA ALA D 108 -17.54 17.97 -22.35
C ALA D 108 -17.61 18.24 -23.84
N SER D 109 -16.89 19.28 -24.30
CA SER D 109 -16.76 19.56 -25.73
C SER D 109 -16.21 18.35 -26.50
N GLY D 110 -15.57 17.41 -25.81
CA GLY D 110 -15.10 16.18 -26.46
C GLY D 110 -16.21 15.27 -26.95
N GLY D 111 -17.44 15.50 -26.52
CA GLY D 111 -18.57 14.77 -27.04
C GLY D 111 -19.02 13.63 -26.14
N ALA D 112 -20.23 13.15 -26.42
CA ALA D 112 -20.82 12.15 -25.56
C ALA D 112 -20.01 10.86 -25.55
N ARG D 113 -19.59 10.39 -26.74
CA ARG D 113 -18.84 9.15 -26.81
C ARG D 113 -17.56 9.25 -26.01
N MET D 114 -16.91 10.42 -26.03
CA MET D 114 -15.68 10.59 -25.30
C MET D 114 -15.90 10.47 -23.80
N MET D 115 -16.92 11.18 -23.29
CA MET D 115 -17.20 11.14 -21.86
C MET D 115 -17.67 9.76 -21.43
N THR D 116 -18.49 9.11 -22.24
CA THR D 116 -18.89 7.74 -21.94
C THR D 116 -17.65 6.86 -21.81
N ALA D 117 -16.71 6.98 -22.75
CA ALA D 117 -15.50 6.17 -22.67
C ALA D 117 -14.75 6.46 -21.38
N ALA D 118 -14.65 7.73 -21.01
CA ALA D 118 -13.96 8.09 -19.77
C ALA D 118 -14.60 7.44 -18.56
N ARG D 119 -15.93 7.50 -18.46
CA ARG D 119 -16.59 6.85 -17.33
C ARG D 119 -16.39 5.33 -17.37
N GLU D 120 -16.54 4.71 -18.55
CA GLU D 120 -16.32 3.27 -18.61
C GLU D 120 -14.91 2.90 -18.15
N ALA D 121 -13.93 3.74 -18.50
CA ALA D 121 -12.55 3.51 -18.09
C ALA D 121 -12.39 3.43 -16.58
N LEU D 122 -13.28 4.03 -15.81
CA LEU D 122 -13.19 4.01 -14.35
C LEU D 122 -13.92 2.84 -13.71
N LEU D 123 -14.79 2.15 -14.44
CA LEU D 123 -15.51 1.00 -13.86
C LEU D 123 -14.60 0.02 -13.12
N PRO D 124 -13.48 -0.44 -13.68
CA PRO D 124 -12.61 -1.36 -12.93
C PRO D 124 -12.28 -0.88 -11.51
N PHE D 125 -12.20 0.44 -11.30
CA PHE D 125 -11.58 0.95 -10.10
C PHE D 125 -12.54 1.05 -8.93
N GLY D 126 -13.84 0.83 -9.15
CA GLY D 126 -14.76 0.70 -8.05
C GLY D 126 -15.03 2.04 -7.39
N LYS D 127 -15.32 1.99 -6.09
CA LYS D 127 -15.55 3.22 -5.35
C LYS D 127 -14.25 3.95 -5.02
N GLU D 128 -13.11 3.32 -5.26
CA GLU D 128 -11.83 4.02 -5.19
C GLU D 128 -11.54 4.85 -6.45
N ALA D 129 -12.40 4.83 -7.46
CA ALA D 129 -12.12 5.58 -8.68
C ALA D 129 -12.11 7.08 -8.39
N PRO D 130 -11.34 7.86 -9.15
CA PRO D 130 -11.42 9.30 -9.03
C PRO D 130 -12.83 9.77 -9.36
N LEU D 131 -13.28 10.82 -8.70
CA LEU D 131 -14.45 11.54 -9.21
C LEU D 131 -14.14 12.06 -10.60
N LEU D 132 -15.11 11.94 -11.50
CA LEU D 132 -14.92 12.30 -12.90
C LEU D 132 -15.82 13.50 -13.25
N ILE D 133 -15.19 14.65 -13.49
CA ILE D 133 -15.85 15.93 -13.68
C ILE D 133 -15.55 16.41 -15.10
N ALA D 134 -16.51 17.07 -15.74
CA ALA D 134 -16.29 17.66 -17.06
C ALA D 134 -16.20 19.18 -16.99
N VAL D 135 -15.27 19.75 -17.74
CA VAL D 135 -15.25 21.18 -17.99
C VAL D 135 -16.32 21.45 -19.04
N THR D 136 -17.12 22.51 -18.83
CA THR D 136 -18.16 22.84 -19.78
C THR D 136 -17.61 23.94 -20.70
N VAL D 137 -17.82 25.19 -20.31
CA VAL D 137 -17.16 26.34 -20.92
C VAL D 137 -16.07 26.81 -19.98
N LEU D 138 -14.91 27.11 -20.53
CA LEU D 138 -13.84 27.65 -19.70
C LEU D 138 -14.24 29.03 -19.16
N THR D 139 -13.80 29.35 -17.95
CA THR D 139 -14.16 30.63 -17.34
C THR D 139 -13.71 31.80 -18.19
N SER D 140 -12.69 31.61 -19.03
CA SER D 140 -12.09 32.65 -19.85
C SER D 140 -12.89 33.00 -21.10
N MET D 141 -13.97 32.28 -21.37
CA MET D 141 -14.70 32.38 -22.64
C MET D 141 -15.89 33.33 -22.49
N GLU D 142 -15.85 34.43 -23.20
CA GLU D 142 -16.98 35.35 -23.29
C GLU D 142 -17.71 35.10 -24.61
N ALA D 143 -18.81 35.82 -24.82
CA ALA D 143 -19.61 35.60 -26.02
C ALA D 143 -18.79 35.79 -27.30
N SER D 144 -17.94 36.83 -27.36
CA SER D 144 -17.19 37.05 -28.60
C SER D 144 -16.24 35.90 -28.89
N ASP D 145 -15.58 35.37 -27.86
CA ASP D 145 -14.73 34.21 -28.05
C ASP D 145 -15.50 33.04 -28.63
N LEU D 146 -16.74 32.82 -28.16
CA LEU D 146 -17.55 31.69 -28.63
C LEU D 146 -18.07 31.89 -30.04
N GLN D 147 -18.46 33.11 -30.40
CA GLN D 147 -18.97 33.34 -31.75
C GLN D 147 -17.90 33.01 -32.80
N ASP D 148 -16.63 33.31 -32.50
CA ASP D 148 -15.55 32.89 -33.39
C ASP D 148 -15.64 31.42 -33.76
N LEU D 149 -16.26 30.62 -32.89
CA LEU D 149 -16.43 29.18 -33.08
C LEU D 149 -17.81 28.82 -33.60
N GLY D 150 -18.63 29.80 -33.97
CA GLY D 150 -19.97 29.51 -34.44
C GLY D 150 -21.00 29.30 -33.36
N ILE D 151 -20.62 29.40 -32.09
CA ILE D 151 -21.53 29.20 -30.98
C ILE D 151 -22.17 30.54 -30.68
N MET D 152 -23.47 30.63 -30.89
CA MET D 152 -24.20 31.87 -30.65
C MET D 152 -24.96 31.85 -29.33
N LEU D 153 -24.96 30.74 -28.59
CA LEU D 153 -25.49 30.75 -27.23
C LEU D 153 -24.58 31.56 -26.32
N SER D 154 -25.14 32.01 -25.19
CA SER D 154 -24.32 32.67 -24.19
C SER D 154 -23.42 31.65 -23.52
N PRO D 155 -22.29 32.08 -22.96
CA PRO D 155 -21.43 31.12 -22.25
C PRO D 155 -22.18 30.32 -21.19
N ALA D 156 -23.04 30.98 -20.41
CA ALA D 156 -23.81 30.25 -19.40
C ALA D 156 -24.72 29.19 -20.03
N ASP D 157 -25.40 29.53 -21.13
CA ASP D 157 -26.36 28.59 -21.69
C ASP D 157 -25.68 27.46 -22.46
N HIS D 158 -24.52 27.73 -23.07
CA HIS D 158 -23.75 26.67 -23.66
C HIS D 158 -23.19 25.77 -22.58
N ALA D 159 -22.76 26.38 -21.46
CA ALA D 159 -22.30 25.57 -20.34
C ALA D 159 -23.39 24.66 -19.85
N ALA D 160 -24.64 25.16 -19.83
CA ALA D 160 -25.76 24.38 -19.32
C ALA D 160 -26.11 23.23 -20.27
N LYS D 161 -25.96 23.46 -21.59
CA LYS D 161 -26.15 22.41 -22.57
C LYS D 161 -25.11 21.30 -22.40
N LEU D 162 -23.83 21.68 -22.30
CA LEU D 162 -22.77 20.70 -22.06
C LEU D 162 -22.90 20.01 -20.70
N ALA D 163 -23.35 20.74 -19.67
CA ALA D 163 -23.51 20.12 -18.36
C ALA D 163 -24.60 19.07 -18.40
N ALA D 164 -25.67 19.34 -19.15
CA ALA D 164 -26.74 18.37 -19.30
C ALA D 164 -26.23 17.13 -20.01
N LEU D 165 -25.36 17.32 -21.00
CA LEU D 165 -24.79 16.19 -21.72
C LEU D 165 -23.91 15.37 -20.80
N THR D 166 -23.16 16.05 -19.94
CA THR D 166 -22.29 15.41 -18.96
C THR D 166 -23.09 14.54 -18.00
N LYS D 167 -24.20 15.07 -17.49
CA LYS D 167 -25.07 14.30 -16.63
C LYS D 167 -25.68 13.11 -17.37
N ARG D 168 -26.12 13.30 -18.62
CA ARG D 168 -26.67 12.19 -19.39
C ARG D 168 -25.67 11.07 -19.63
N CYS D 169 -24.39 11.38 -19.68
CA CYS D 169 -23.34 10.37 -19.86
C CYS D 169 -22.90 9.75 -18.55
N GLY D 170 -23.46 10.15 -17.43
CA GLY D 170 -23.19 9.49 -16.18
C GLY D 170 -21.99 9.99 -15.42
N LEU D 171 -21.44 11.15 -15.77
CA LEU D 171 -20.32 11.67 -15.01
C LEU D 171 -20.79 12.29 -13.70
N ASP D 172 -19.82 12.60 -12.83
CA ASP D 172 -20.12 12.98 -11.45
C ASP D 172 -20.48 14.45 -11.27
N GLY D 173 -20.14 15.32 -12.22
CA GLY D 173 -20.43 16.73 -12.08
C GLY D 173 -19.66 17.52 -13.12
N VAL D 174 -19.62 18.84 -12.91
CA VAL D 174 -19.02 19.77 -13.82
C VAL D 174 -18.23 20.80 -13.05
N VAL D 175 -17.30 21.43 -13.76
CA VAL D 175 -16.67 22.67 -13.33
C VAL D 175 -17.59 23.81 -13.77
N CYS D 176 -17.87 24.75 -12.87
CA CYS D 176 -18.68 25.89 -13.29
C CYS D 176 -18.53 27.03 -12.29
N SER D 177 -18.90 28.22 -12.73
CA SER D 177 -18.83 29.37 -11.84
C SER D 177 -19.94 29.32 -10.80
N ALA D 178 -19.66 29.91 -9.63
CA ALA D 178 -20.68 29.98 -8.59
C ALA D 178 -21.92 30.72 -9.06
N GLN D 179 -21.79 31.60 -10.06
CA GLN D 179 -22.92 32.34 -10.61
C GLN D 179 -23.94 31.43 -11.30
N GLU D 180 -23.53 30.23 -11.73
CA GLU D 180 -24.41 29.23 -12.32
C GLU D 180 -24.82 28.16 -11.32
N ALA D 181 -24.33 28.22 -10.09
CA ALA D 181 -24.52 27.10 -9.15
C ALA D 181 -25.98 26.88 -8.81
N VAL D 182 -26.69 27.96 -8.40
CA VAL D 182 -28.13 27.81 -8.14
C VAL D 182 -28.82 27.18 -9.34
N ARG D 183 -28.60 27.73 -10.52
CA ARG D 183 -29.19 27.20 -11.74
C ARG D 183 -28.87 25.73 -11.94
N PHE D 184 -27.59 25.35 -11.83
CA PHE D 184 -27.21 23.96 -12.13
C PHE D 184 -27.72 22.98 -11.08
N LYS D 185 -27.79 23.39 -9.81
CA LYS D 185 -28.40 22.53 -8.79
C LYS D 185 -29.90 22.36 -9.04
N GLN D 186 -30.57 23.41 -9.50
CA GLN D 186 -31.98 23.27 -9.89
C GLN D 186 -32.11 22.34 -11.10
N GLU D 187 -31.28 22.58 -12.13
CA GLU D 187 -31.40 21.83 -13.39
C GLU D 187 -30.92 20.39 -13.26
N LEU D 188 -29.81 20.18 -12.55
CA LEU D 188 -29.10 18.91 -12.55
C LEU D 188 -29.21 18.13 -11.25
N GLY D 189 -29.66 18.75 -10.17
CA GLY D 189 -29.93 18.02 -8.94
C GLY D 189 -28.81 18.16 -7.92
N GLN D 190 -29.20 17.96 -6.67
CA GLN D 190 -28.30 18.21 -5.54
C GLN D 190 -27.08 17.30 -5.58
N GLU D 191 -27.22 16.10 -6.12
CA GLU D 191 -26.15 15.12 -6.09
C GLU D 191 -25.09 15.35 -7.17
N PHE D 192 -25.41 16.11 -8.21
CA PHE D 192 -24.47 16.40 -9.28
C PHE D 192 -23.46 17.43 -8.80
N LYS D 193 -22.18 17.05 -8.77
CA LYS D 193 -21.18 17.86 -8.10
C LYS D 193 -20.81 19.09 -8.93
N LEU D 194 -20.57 20.19 -8.24
CA LEU D 194 -20.16 21.44 -8.86
C LEU D 194 -18.80 21.84 -8.32
N VAL D 195 -17.86 22.05 -9.22
CA VAL D 195 -16.51 22.44 -8.88
C VAL D 195 -16.29 23.83 -9.45
N THR D 196 -15.95 24.77 -8.59
CA THR D 196 -15.80 26.12 -9.05
C THR D 196 -14.32 26.38 -9.29
N PRO D 197 -13.91 27.09 -10.35
CA PRO D 197 -12.44 27.14 -10.56
C PRO D 197 -11.79 28.37 -9.96
N MET D 213 -17.62 35.92 -5.76
CA MET D 213 -18.22 35.30 -4.58
C MET D 213 -17.17 34.78 -3.59
N THR D 214 -17.53 34.78 -2.32
CA THR D 214 -16.67 34.24 -1.28
C THR D 214 -16.95 32.75 -1.09
N PRO D 215 -16.05 32.05 -0.38
CA PRO D 215 -16.30 30.64 -0.09
C PRO D 215 -17.66 30.37 0.54
N GLU D 216 -18.01 31.11 1.60
CA GLU D 216 -19.33 31.01 2.22
C GLU D 216 -20.45 31.15 1.20
N GLN D 217 -20.37 32.19 0.37
CA GLN D 217 -21.44 32.45 -0.58
C GLN D 217 -21.51 31.37 -1.65
N ALA D 218 -20.36 30.82 -2.04
CA ALA D 218 -20.36 29.75 -3.01
C ALA D 218 -21.01 28.51 -2.43
N GLN D 219 -20.67 28.17 -1.19
CA GLN D 219 -21.26 27.00 -0.57
C GLN D 219 -22.77 27.17 -0.45
N GLN D 220 -23.21 28.36 -0.04
CA GLN D 220 -24.64 28.66 0.02
C GLN D 220 -25.31 28.43 -1.33
N ALA D 221 -24.63 28.80 -2.41
CA ALA D 221 -25.20 28.63 -3.74
C ALA D 221 -25.28 27.17 -4.16
N GLY D 222 -24.63 26.26 -3.45
CA GLY D 222 -24.67 24.86 -3.77
C GLY D 222 -23.34 24.26 -4.20
N VAL D 223 -22.26 25.04 -4.24
CA VAL D 223 -20.99 24.54 -4.76
C VAL D 223 -20.45 23.47 -3.82
N ASP D 224 -19.97 22.37 -4.41
CA ASP D 224 -19.44 21.25 -3.63
C ASP D 224 -17.95 21.39 -3.30
N TYR D 225 -17.14 21.79 -4.29
CA TYR D 225 -15.71 21.97 -4.08
C TYR D 225 -15.22 23.28 -4.69
N MET D 226 -14.26 23.88 -4.02
CA MET D 226 -13.82 25.23 -4.36
C MET D 226 -12.33 25.20 -4.64
N VAL D 227 -11.94 25.58 -5.86
CA VAL D 227 -10.54 25.72 -6.20
C VAL D 227 -10.09 27.13 -5.84
N ILE D 228 -9.01 27.23 -5.08
CA ILE D 228 -8.50 28.50 -4.61
C ILE D 228 -6.99 28.52 -4.87
N GLY D 229 -6.53 29.57 -5.55
CA GLY D 229 -5.13 29.73 -5.88
C GLY D 229 -4.45 30.81 -5.06
N ARG D 230 -4.13 31.91 -5.73
CA ARG D 230 -3.28 32.96 -5.16
C ARG D 230 -3.69 33.40 -3.76
N PRO D 231 -4.98 33.57 -3.44
CA PRO D 231 -5.33 34.00 -2.08
C PRO D 231 -4.73 33.13 -0.99
N VAL D 232 -4.48 31.85 -1.27
CA VAL D 232 -3.80 30.98 -0.31
C VAL D 232 -2.31 30.87 -0.61
N THR D 233 -1.94 30.63 -1.87
CA THR D 233 -0.54 30.33 -2.17
C THR D 233 0.32 31.57 -2.06
N GLN D 234 -0.15 32.70 -2.59
CA GLN D 234 0.58 33.95 -2.48
C GLN D 234 0.27 34.68 -1.19
N SER D 235 -0.40 34.03 -0.26
CA SER D 235 -0.64 34.67 1.02
C SER D 235 0.68 34.80 1.78
N ALA D 236 0.63 35.58 2.87
CA ALA D 236 1.79 35.75 3.73
C ALA D 236 1.92 34.60 4.73
N ASP D 237 0.79 34.13 5.25
CA ASP D 237 0.74 32.91 6.06
C ASP D 237 -0.39 32.07 5.47
N PRO D 238 -0.10 30.89 4.88
CA PRO D 238 -1.16 30.15 4.20
C PRO D 238 -1.95 29.31 5.17
N VAL D 239 -1.27 28.79 6.19
CA VAL D 239 -1.94 27.98 7.19
C VAL D 239 -3.10 28.74 7.82
N ALA D 240 -2.94 30.06 7.98
CA ALA D 240 -3.99 30.87 8.59
C ALA D 240 -5.02 31.30 7.56
N THR D 241 -4.57 31.66 6.35
CA THR D 241 -5.54 31.96 5.30
C THR D 241 -6.48 30.79 5.10
N LEU D 242 -5.96 29.57 5.21
CA LEU D 242 -6.77 28.39 4.97
C LEU D 242 -7.74 28.13 6.13
N ALA D 243 -7.29 28.35 7.36
CA ALA D 243 -8.18 28.15 8.51
C ALA D 243 -9.35 29.12 8.46
N SER D 244 -9.13 30.36 8.03
CA SER D 244 -10.23 31.30 7.94
C SER D 244 -11.22 30.89 6.86
N ILE D 245 -10.72 30.41 5.70
CA ILE D 245 -11.60 29.85 4.70
C ILE D 245 -12.41 28.70 5.29
N ASN D 246 -11.72 27.70 5.85
CA ASN D 246 -12.44 26.57 6.41
C ASN D 246 -13.40 27.03 7.51
N ALA D 247 -12.98 28.02 8.31
CA ALA D 247 -13.84 28.52 9.37
C ALA D 247 -15.16 29.01 8.81
N SER D 248 -15.13 29.89 7.81
CA SER D 248 -16.38 30.38 7.26
C SER D 248 -17.25 29.26 6.69
N LEU D 249 -16.66 28.08 6.44
CA LEU D 249 -17.38 26.96 5.85
C LEU D 249 -17.84 25.92 6.86
N ASN D 250 -17.45 26.06 8.13
CA ASN D 250 -17.72 25.02 9.14
C ASN D 250 -17.20 23.65 8.69
N ILE E 20 -10.03 1.78 33.34
CA ILE E 20 -8.86 1.35 34.16
C ILE E 20 -9.34 0.94 35.55
N THR E 21 -9.00 -0.29 35.95
CA THR E 21 -9.41 -0.87 37.21
C THR E 21 -8.31 -0.81 38.26
N SER E 22 -8.72 -0.97 39.51
CA SER E 22 -7.81 -1.10 40.63
C SER E 22 -7.76 -2.53 41.15
N SER E 23 -8.62 -3.40 40.66
CA SER E 23 -8.56 -4.80 41.08
C SER E 23 -7.23 -5.40 40.67
N PRO E 24 -6.61 -6.22 41.53
CA PRO E 24 -5.46 -7.00 41.09
C PRO E 24 -5.82 -8.30 40.40
N VAL E 25 -7.10 -8.52 40.09
CA VAL E 25 -7.55 -9.73 39.44
C VAL E 25 -7.33 -9.65 37.93
N VAL E 26 -6.83 -10.73 37.35
CA VAL E 26 -6.69 -10.90 35.92
C VAL E 26 -7.33 -12.25 35.57
N VAL E 27 -8.43 -12.22 34.84
CA VAL E 27 -9.18 -13.42 34.51
C VAL E 27 -8.57 -14.06 33.28
N ALA E 28 -8.24 -15.34 33.38
CA ALA E 28 -7.68 -16.11 32.26
C ALA E 28 -8.78 -16.53 31.30
N LEU E 29 -8.60 -16.18 30.03
CA LEU E 29 -9.53 -16.56 28.96
C LEU E 29 -8.99 -17.81 28.28
N ASP E 30 -9.43 -18.98 28.74
CA ASP E 30 -8.93 -20.23 28.18
C ASP E 30 -10.03 -20.95 27.39
N TYR E 31 -10.61 -20.26 26.43
CA TYR E 31 -11.59 -20.82 25.51
C TYR E 31 -10.86 -21.25 24.25
N ASP E 32 -11.56 -22.00 23.39
CA ASP E 32 -11.08 -22.26 22.05
C ASP E 32 -12.10 -21.80 21.00
N ASN E 33 -12.95 -20.84 21.36
CA ASN E 33 -13.96 -20.28 20.47
C ASN E 33 -14.09 -18.80 20.79
N ARG E 34 -14.04 -17.94 19.76
CA ARG E 34 -14.15 -16.50 20.01
C ARG E 34 -15.51 -16.14 20.59
N ASP E 35 -16.58 -16.78 20.10
CA ASP E 35 -17.92 -16.41 20.55
C ASP E 35 -18.14 -16.80 22.01
N LYS E 36 -17.70 -18.01 22.37
CA LYS E 36 -17.81 -18.45 23.76
C LYS E 36 -17.08 -17.49 24.69
N ALA E 37 -15.82 -17.15 24.36
CA ALA E 37 -15.09 -16.22 25.20
C ALA E 37 -15.78 -14.87 25.26
N LEU E 38 -16.21 -14.37 24.12
CA LEU E 38 -16.85 -13.07 24.11
C LEU E 38 -18.24 -13.10 24.78
N ALA E 39 -18.88 -14.28 24.82
CA ALA E 39 -20.09 -14.41 25.62
C ALA E 39 -19.79 -14.21 27.11
N PHE E 40 -18.67 -14.75 27.59
CA PHE E 40 -18.29 -14.48 28.97
C PHE E 40 -17.90 -13.02 29.15
N VAL E 41 -17.15 -12.45 28.20
CA VAL E 41 -16.68 -11.08 28.43
C VAL E 41 -17.86 -10.11 28.47
N GLU E 42 -18.94 -10.40 27.73
CA GLU E 42 -20.10 -9.52 27.70
C GLU E 42 -20.75 -9.35 29.08
N ARG E 43 -20.54 -10.31 29.99
CA ARG E 43 -21.21 -10.28 31.28
C ARG E 43 -20.53 -9.38 32.29
N ILE E 44 -19.24 -9.16 32.16
CA ILE E 44 -18.46 -8.57 33.24
C ILE E 44 -18.01 -7.17 32.81
N ASP E 45 -17.44 -6.45 33.75
CA ASP E 45 -17.12 -5.06 33.51
C ASP E 45 -15.61 -4.83 33.63
N PRO E 46 -15.00 -4.04 32.73
CA PRO E 46 -13.56 -3.78 32.81
C PRO E 46 -13.14 -3.06 34.08
N ARG E 47 -14.09 -2.48 34.81
CA ARG E 47 -13.75 -1.91 36.11
C ARG E 47 -13.45 -2.97 37.15
N ASP E 48 -13.86 -4.22 36.92
CA ASP E 48 -13.76 -5.29 37.91
C ASP E 48 -12.54 -6.19 37.74
N CYS E 49 -11.89 -6.22 36.58
CA CYS E 49 -10.75 -7.10 36.38
C CYS E 49 -10.08 -6.77 35.07
N ARG E 50 -8.87 -7.27 34.91
CA ARG E 50 -8.23 -7.34 33.61
C ARG E 50 -8.34 -8.76 33.09
N LEU E 51 -7.98 -8.95 31.82
CA LEU E 51 -8.13 -10.23 31.13
C LEU E 51 -6.79 -10.72 30.60
N LYS E 52 -6.58 -12.04 30.65
CA LYS E 52 -5.36 -12.64 30.12
C LYS E 52 -5.68 -13.41 28.85
N VAL E 53 -4.90 -13.11 27.81
CA VAL E 53 -4.98 -13.77 26.52
C VAL E 53 -3.72 -14.62 26.38
N GLY E 54 -3.90 -15.94 26.30
CA GLY E 54 -2.80 -16.89 26.23
C GLY E 54 -2.64 -17.52 24.86
N LYS E 55 -1.69 -18.46 24.78
CA LYS E 55 -1.21 -18.92 23.48
C LYS E 55 -2.31 -19.60 22.66
N GLU E 56 -3.19 -20.36 23.31
CA GLU E 56 -4.19 -21.09 22.54
C GLU E 56 -5.09 -20.15 21.77
N MET E 57 -5.70 -19.18 22.44
CA MET E 57 -6.61 -18.30 21.72
C MET E 57 -5.85 -17.41 20.75
N PHE E 58 -4.66 -16.97 21.12
CA PHE E 58 -3.92 -16.11 20.20
C PHE E 58 -3.51 -16.89 18.96
N THR E 59 -3.12 -18.15 19.11
CA THR E 59 -2.85 -18.99 17.95
C THR E 59 -4.11 -19.16 17.11
N LEU E 60 -5.28 -19.23 17.76
CA LEU E 60 -6.53 -19.40 17.06
C LEU E 60 -7.02 -18.11 16.39
N LEU E 61 -6.90 -16.96 17.05
CA LEU E 61 -7.59 -15.76 16.60
C LEU E 61 -6.69 -14.57 16.29
N GLY E 62 -5.46 -14.55 16.79
CA GLY E 62 -4.56 -13.49 16.45
C GLY E 62 -4.84 -12.23 17.24
N PRO E 63 -4.17 -11.14 16.90
CA PRO E 63 -4.34 -9.90 17.65
C PRO E 63 -5.71 -9.29 17.51
N GLN E 64 -6.48 -9.66 16.48
CA GLN E 64 -7.83 -9.11 16.36
C GLN E 64 -8.67 -9.45 17.58
N PHE E 65 -8.43 -10.60 18.22
CA PHE E 65 -9.16 -10.91 19.45
C PHE E 65 -8.77 -9.94 20.55
N VAL E 66 -7.48 -9.59 20.63
CA VAL E 66 -7.02 -8.59 21.58
C VAL E 66 -7.74 -7.26 21.35
N ARG E 67 -7.92 -6.86 20.10
CA ARG E 67 -8.63 -5.62 19.83
C ARG E 67 -10.11 -5.75 20.20
N ASP E 68 -10.70 -6.93 20.00
CA ASP E 68 -12.09 -7.13 20.40
C ASP E 68 -12.27 -6.86 21.89
N LEU E 69 -11.26 -7.17 22.71
CA LEU E 69 -11.29 -6.88 24.14
C LEU E 69 -11.02 -5.42 24.43
N HIS E 70 -10.09 -4.81 23.68
CA HIS E 70 -9.80 -3.39 23.88
C HIS E 70 -11.01 -2.53 23.53
N GLN E 71 -11.78 -2.92 22.50
CA GLN E 71 -13.00 -2.18 22.20
C GLN E 71 -13.94 -2.14 23.39
N ARG E 72 -13.88 -3.14 24.27
CA ARG E 72 -14.79 -3.26 25.41
C ARG E 72 -14.20 -2.67 26.68
N GLY E 73 -13.06 -2.01 26.58
CA GLY E 73 -12.49 -1.26 27.69
C GLY E 73 -11.60 -2.04 28.62
N PHE E 74 -11.24 -3.27 28.27
CA PHE E 74 -10.40 -4.09 29.14
C PHE E 74 -8.93 -3.83 28.85
N GLU E 75 -8.15 -3.82 29.92
CA GLU E 75 -6.72 -3.99 29.80
C GLU E 75 -6.39 -5.49 29.75
N VAL E 76 -5.34 -5.81 29.00
CA VAL E 76 -5.06 -7.18 28.55
C VAL E 76 -3.64 -7.56 28.92
N PHE E 77 -3.50 -8.70 29.60
CA PHE E 77 -2.24 -9.40 29.77
C PHE E 77 -2.11 -10.37 28.59
N LEU E 78 -1.16 -10.08 27.71
CA LEU E 78 -0.85 -10.92 26.55
C LEU E 78 0.20 -11.92 27.01
N ASP E 79 -0.26 -13.14 27.30
CA ASP E 79 0.59 -14.19 27.88
C ASP E 79 1.08 -15.13 26.78
N LEU E 80 2.07 -14.65 26.03
CA LEU E 80 2.66 -15.43 24.96
C LEU E 80 4.04 -15.99 25.30
N LYS E 81 4.63 -15.57 26.41
CA LYS E 81 5.87 -16.18 26.91
C LYS E 81 6.93 -16.22 25.81
N PHE E 82 7.18 -15.06 25.20
CA PHE E 82 8.11 -14.96 24.08
C PHE E 82 9.46 -15.54 24.48
N HIS E 83 10.02 -16.38 23.60
CA HIS E 83 11.32 -17.00 23.85
C HIS E 83 12.00 -17.22 22.51
N ASP E 84 12.83 -16.25 22.11
CA ASP E 84 13.52 -16.28 20.83
C ASP E 84 14.84 -15.54 20.94
N ILE E 85 15.55 -15.42 19.82
CA ILE E 85 16.82 -14.68 19.80
C ILE E 85 16.48 -13.24 20.18
N PRO E 86 17.43 -12.44 20.67
CA PRO E 86 17.08 -11.09 21.16
C PRO E 86 16.35 -10.19 20.16
N ASN E 87 16.76 -10.15 18.89
CA ASN E 87 16.10 -9.21 17.97
C ASN E 87 14.66 -9.61 17.65
N THR E 88 14.39 -10.90 17.46
CA THR E 88 13.03 -11.34 17.17
C THR E 88 12.12 -11.11 18.39
N THR E 89 12.64 -11.35 19.60
CA THR E 89 11.85 -11.10 20.80
C THR E 89 11.54 -9.61 20.93
N ALA E 90 12.54 -8.77 20.64
CA ALA E 90 12.31 -7.33 20.71
C ALA E 90 11.19 -6.90 19.76
N ARG E 91 11.19 -7.43 18.54
CA ARG E 91 10.17 -7.01 17.59
C ARG E 91 8.81 -7.58 17.94
N ALA E 92 8.74 -8.75 18.58
CA ALA E 92 7.43 -9.25 18.99
C ALA E 92 6.91 -8.46 20.19
N VAL E 93 7.79 -8.06 21.10
CA VAL E 93 7.35 -7.26 22.23
C VAL E 93 6.87 -5.90 21.74
N ALA E 94 7.58 -5.33 20.75
CA ALA E 94 7.17 -4.08 20.15
C ALA E 94 5.80 -4.23 19.50
N ALA E 95 5.58 -5.33 18.78
CA ALA E 95 4.27 -5.54 18.19
C ALA E 95 3.19 -5.62 19.25
N ALA E 96 3.54 -6.09 20.45
CA ALA E 96 2.58 -6.15 21.54
C ALA E 96 2.26 -4.75 22.06
N ALA E 97 3.29 -3.91 22.19
CA ALA E 97 3.09 -2.53 22.58
C ALA E 97 2.25 -1.77 21.55
N GLU E 98 2.44 -2.06 20.25
CA GLU E 98 1.64 -1.44 19.21
C GLU E 98 0.21 -1.97 19.20
N LEU E 99 0.01 -3.19 19.71
CA LEU E 99 -1.34 -3.68 19.93
C LEU E 99 -2.01 -2.96 21.08
N GLY E 100 -1.22 -2.35 21.97
CA GLY E 100 -1.76 -1.59 23.07
C GLY E 100 -2.01 -2.36 24.35
N VAL E 101 -1.34 -3.49 24.55
CA VAL E 101 -1.66 -4.34 25.70
C VAL E 101 -1.01 -3.80 26.96
N TRP E 102 -1.63 -4.14 28.09
CA TRP E 102 -1.24 -3.66 29.41
C TRP E 102 -0.06 -4.44 29.99
N MET E 103 0.06 -5.73 29.67
CA MET E 103 1.14 -6.58 30.21
C MET E 103 1.51 -7.59 29.12
N VAL E 104 2.79 -7.94 29.05
CA VAL E 104 3.28 -8.98 28.14
C VAL E 104 4.44 -9.66 28.86
N ASN E 105 4.78 -10.89 28.46
CA ASN E 105 5.81 -11.64 29.18
C ASN E 105 6.76 -12.36 28.22
N VAL E 106 7.95 -12.66 28.74
CA VAL E 106 9.04 -13.33 28.04
C VAL E 106 9.62 -14.36 28.99
N HIS E 107 10.40 -15.29 28.45
CA HIS E 107 11.05 -16.32 29.24
C HIS E 107 12.39 -15.80 29.74
N ALA E 108 12.59 -15.84 31.07
CA ALA E 108 13.90 -15.48 31.60
C ALA E 108 14.98 -16.40 31.03
N SER E 109 14.63 -17.66 30.76
CA SER E 109 15.54 -18.63 30.17
C SER E 109 16.07 -18.20 28.82
N GLY E 110 15.41 -17.25 28.15
CA GLY E 110 15.98 -16.64 26.96
C GLY E 110 17.29 -15.91 27.19
N GLY E 111 17.63 -15.59 28.44
CA GLY E 111 18.89 -14.97 28.78
C GLY E 111 18.79 -13.46 28.96
N ALA E 112 19.86 -12.90 29.54
CA ALA E 112 19.91 -11.47 29.84
C ALA E 112 19.85 -10.63 28.57
N ARG E 113 20.65 -10.97 27.56
CA ARG E 113 20.62 -10.19 26.33
C ARG E 113 19.24 -10.18 25.68
N MET E 114 18.47 -11.24 25.86
CA MET E 114 17.12 -11.23 25.31
C MET E 114 16.22 -10.30 26.11
N MET E 115 16.31 -10.40 27.43
CA MET E 115 15.47 -9.58 28.29
C MET E 115 15.81 -8.11 28.13
N THR E 116 17.10 -7.81 28.02
CA THR E 116 17.54 -6.43 27.79
C THR E 116 16.97 -5.87 26.49
N ALA E 117 17.04 -6.66 25.40
CA ALA E 117 16.57 -6.16 24.12
C ALA E 117 15.05 -6.00 24.10
N ALA E 118 14.33 -6.86 24.84
CA ALA E 118 12.89 -6.68 24.95
C ALA E 118 12.56 -5.40 25.71
N ARG E 119 13.23 -5.16 26.84
CA ARG E 119 13.04 -3.92 27.59
C ARG E 119 13.31 -2.71 26.70
N GLU E 120 14.48 -2.70 26.05
CA GLU E 120 14.81 -1.59 25.17
C GLU E 120 13.78 -1.42 24.06
N ALA E 121 13.10 -2.50 23.66
CA ALA E 121 12.14 -2.39 22.58
C ALA E 121 10.89 -1.62 23.00
N LEU E 122 10.63 -1.52 24.30
CA LEU E 122 9.42 -0.86 24.80
C LEU E 122 9.63 0.60 25.18
N LEU E 123 10.87 1.07 25.31
CA LEU E 123 11.10 2.45 25.71
C LEU E 123 10.49 3.45 24.73
N PRO E 124 10.55 3.23 23.42
CA PRO E 124 9.92 4.18 22.48
C PRO E 124 8.42 4.35 22.69
N PHE E 125 7.79 3.50 23.50
CA PHE E 125 6.35 3.55 23.74
C PHE E 125 6.01 4.29 25.02
N GLY E 126 7.01 4.81 25.72
CA GLY E 126 6.79 5.68 26.85
C GLY E 126 5.87 5.05 27.89
N LYS E 127 5.22 5.94 28.66
CA LYS E 127 4.22 5.51 29.63
C LYS E 127 3.11 4.71 28.96
N GLU E 128 3.02 4.73 27.63
CA GLU E 128 2.06 3.93 26.88
C GLU E 128 2.66 2.60 26.45
N ALA E 129 3.24 1.85 27.39
CA ALA E 129 3.95 0.63 27.03
C ALA E 129 3.60 -0.51 27.99
N PRO E 130 3.51 -1.74 27.49
CA PRO E 130 3.15 -2.84 28.38
C PRO E 130 4.09 -2.95 29.57
N LEU E 131 3.54 -3.37 30.70
CA LEU E 131 4.39 -3.98 31.72
C LEU E 131 5.08 -5.19 31.12
N LEU E 132 6.37 -5.37 31.45
CA LEU E 132 7.21 -6.45 30.90
C LEU E 132 7.59 -7.36 32.05
N ILE E 133 7.06 -8.58 32.02
CA ILE E 133 7.20 -9.57 33.08
C ILE E 133 7.99 -10.74 32.51
N ALA E 134 8.79 -11.41 33.33
CA ALA E 134 9.46 -12.64 32.87
C ALA E 134 8.93 -13.85 33.60
N VAL E 135 8.63 -14.90 32.82
CA VAL E 135 8.49 -16.23 33.36
C VAL E 135 9.86 -16.73 33.81
N THR E 136 9.90 -17.47 34.90
CA THR E 136 11.15 -17.97 35.44
C THR E 136 11.14 -19.50 35.26
N VAL E 137 10.63 -20.24 36.21
CA VAL E 137 10.31 -21.65 36.00
C VAL E 137 8.80 -21.76 35.83
N LEU E 138 8.38 -22.44 34.76
CA LEU E 138 6.97 -22.72 34.58
C LEU E 138 6.42 -23.41 35.82
N THR E 139 5.22 -23.03 36.23
CA THR E 139 4.65 -23.61 37.45
C THR E 139 4.41 -25.11 37.29
N SER E 140 4.39 -25.61 36.05
CA SER E 140 4.30 -27.04 35.81
C SER E 140 5.61 -27.78 36.02
N MET E 141 6.76 -27.11 35.98
CA MET E 141 8.04 -27.79 36.08
C MET E 141 8.24 -28.34 37.50
N GLU E 142 8.32 -29.66 37.61
CA GLU E 142 8.76 -30.29 38.85
C GLU E 142 10.27 -30.49 38.78
N ALA E 143 10.85 -31.17 39.78
CA ALA E 143 12.30 -31.29 39.82
C ALA E 143 12.82 -32.23 38.74
N SER E 144 12.10 -33.34 38.49
CA SER E 144 12.53 -34.32 37.50
C SER E 144 12.49 -33.75 36.09
N ASP E 145 11.69 -32.72 35.85
CA ASP E 145 11.67 -32.07 34.55
C ASP E 145 12.94 -31.26 34.32
N LEU E 146 13.39 -30.53 35.35
CA LEU E 146 14.64 -29.79 35.23
C LEU E 146 15.85 -30.71 35.14
N GLN E 147 15.71 -31.95 35.61
CA GLN E 147 16.80 -32.92 35.53
C GLN E 147 17.19 -33.20 34.09
N ASP E 148 16.20 -33.43 33.23
CA ASP E 148 16.48 -33.74 31.84
C ASP E 148 17.24 -32.61 31.16
N LEU E 149 17.20 -31.41 31.73
CA LEU E 149 17.73 -30.21 31.09
C LEU E 149 19.10 -29.80 31.62
N GLY E 150 19.68 -30.57 32.53
CA GLY E 150 20.97 -30.22 33.09
C GLY E 150 20.91 -29.20 34.20
N ILE E 151 19.78 -29.07 34.88
CA ILE E 151 19.60 -28.11 35.96
C ILE E 151 19.60 -28.85 37.29
N MET E 152 20.57 -28.52 38.15
CA MET E 152 20.70 -29.17 39.45
C MET E 152 19.79 -28.52 40.49
N LEU E 153 19.70 -27.19 40.51
CA LEU E 153 18.89 -26.50 41.50
C LEU E 153 17.46 -27.02 41.54
N SER E 154 16.76 -26.74 42.63
CA SER E 154 15.35 -27.08 42.67
C SER E 154 14.58 -26.04 41.89
N PRO E 155 13.35 -26.36 41.49
CA PRO E 155 12.50 -25.35 40.84
C PRO E 155 12.58 -23.99 41.52
N ALA E 156 12.45 -23.96 42.84
CA ALA E 156 12.37 -22.68 43.57
C ALA E 156 13.68 -21.90 43.46
N ASP E 157 14.80 -22.55 43.75
CA ASP E 157 16.09 -21.86 43.67
C ASP E 157 16.41 -21.46 42.25
N HIS E 158 16.08 -22.30 41.26
CA HIS E 158 16.29 -21.91 39.87
C HIS E 158 15.39 -20.73 39.51
N ALA E 159 14.12 -20.76 39.91
CA ALA E 159 13.28 -19.59 39.74
C ALA E 159 13.90 -18.37 40.41
N ALA E 160 14.40 -18.55 41.63
CA ALA E 160 15.09 -17.46 42.31
C ALA E 160 16.23 -16.92 41.45
N LYS E 161 17.05 -17.81 40.86
CA LYS E 161 18.16 -17.33 40.06
C LYS E 161 17.66 -16.53 38.85
N LEU E 162 16.61 -17.01 38.18
CA LEU E 162 16.14 -16.32 36.97
C LEU E 162 15.45 -15.00 37.30
N ALA E 163 14.70 -14.96 38.40
CA ALA E 163 14.05 -13.71 38.83
C ALA E 163 15.08 -12.62 39.14
N ALA E 164 16.15 -12.98 39.85
CA ALA E 164 17.22 -12.04 40.15
C ALA E 164 17.83 -11.49 38.88
N LEU E 165 18.03 -12.37 37.88
CA LEU E 165 18.53 -11.94 36.57
C LEU E 165 17.54 -11.01 35.90
N THR E 166 16.24 -11.34 35.98
CA THR E 166 15.22 -10.45 35.43
C THR E 166 15.30 -9.06 36.08
N LYS E 167 15.55 -9.00 37.39
CA LYS E 167 15.68 -7.69 38.02
C LYS E 167 16.91 -6.94 37.53
N ARG E 168 18.03 -7.63 37.32
CA ARG E 168 19.24 -6.96 36.83
C ARG E 168 19.00 -6.34 35.46
N CYS E 169 18.21 -7.00 34.60
CA CYS E 169 17.95 -6.47 33.27
C CYS E 169 16.94 -5.33 33.28
N GLY E 170 16.35 -5.00 34.42
CA GLY E 170 15.46 -3.86 34.48
C GLY E 170 14.04 -4.12 34.06
N LEU E 171 13.58 -5.37 34.11
CA LEU E 171 12.22 -5.69 33.74
C LEU E 171 11.28 -5.41 34.92
N ASP E 172 9.99 -5.38 34.62
CA ASP E 172 9.03 -4.86 35.60
C ASP E 172 8.65 -5.88 36.65
N GLY E 173 8.79 -7.17 36.38
CA GLY E 173 8.49 -8.18 37.39
C GLY E 173 8.55 -9.58 36.79
N VAL E 174 7.97 -10.54 37.53
CA VAL E 174 8.04 -11.94 37.16
C VAL E 174 6.78 -12.67 37.59
N VAL E 175 6.56 -13.82 36.97
CA VAL E 175 5.52 -14.76 37.37
C VAL E 175 6.12 -15.68 38.41
N CYS E 176 5.37 -15.96 39.47
CA CYS E 176 5.88 -16.92 40.44
C CYS E 176 4.76 -17.51 41.26
N SER E 177 4.82 -18.84 41.45
CA SER E 177 3.81 -19.56 42.20
C SER E 177 3.61 -18.92 43.56
N ALA E 178 2.44 -19.12 44.16
CA ALA E 178 2.23 -18.63 45.52
C ALA E 178 3.19 -19.27 46.51
N GLN E 179 3.62 -20.50 46.24
CA GLN E 179 4.51 -21.23 47.15
C GLN E 179 5.75 -20.41 47.49
N GLU E 180 6.36 -19.79 46.48
CA GLU E 180 7.53 -18.94 46.65
C GLU E 180 7.17 -17.46 46.65
N ALA E 181 5.95 -17.12 47.06
CA ALA E 181 5.47 -15.75 46.90
C ALA E 181 6.19 -14.78 47.83
N VAL E 182 6.41 -15.19 49.08
CA VAL E 182 7.03 -14.30 50.07
C VAL E 182 8.55 -14.39 50.04
N ARG E 183 9.08 -15.62 49.86
CA ARG E 183 10.51 -15.76 49.66
C ARG E 183 11.01 -14.80 48.57
N PHE E 184 10.18 -14.54 47.55
CA PHE E 184 10.59 -13.71 46.44
C PHE E 184 10.27 -12.23 46.67
N LYS E 185 9.10 -11.92 47.21
CA LYS E 185 8.77 -10.53 47.48
C LYS E 185 9.79 -9.91 48.44
N GLN E 186 10.27 -10.69 49.41
CA GLN E 186 11.27 -10.21 50.35
C GLN E 186 12.57 -9.83 49.64
N GLU E 187 13.00 -10.66 48.68
CA GLU E 187 14.32 -10.53 48.08
C GLU E 187 14.39 -9.49 46.97
N LEU E 188 13.26 -9.08 46.39
CA LEU E 188 13.27 -8.27 45.18
C LEU E 188 12.67 -6.89 45.34
N GLY E 189 11.86 -6.64 46.37
CA GLY E 189 11.38 -5.31 46.63
C GLY E 189 9.97 -5.09 46.13
N GLN E 190 9.33 -4.06 46.69
CA GLN E 190 7.92 -3.78 46.44
C GLN E 190 7.68 -3.26 45.03
N GLU E 191 8.62 -2.52 44.45
CA GLU E 191 8.43 -2.05 43.08
C GLU E 191 8.41 -3.19 42.06
N PHE E 192 8.94 -4.39 42.40
CA PHE E 192 9.15 -5.48 41.44
C PHE E 192 7.92 -6.39 41.47
N LYS E 193 7.02 -6.20 40.50
CA LYS E 193 5.73 -6.85 40.51
C LYS E 193 5.83 -8.38 40.50
N LEU E 194 4.90 -9.03 41.21
CA LEU E 194 4.74 -10.47 41.22
C LEU E 194 3.37 -10.82 40.64
N VAL E 195 3.38 -11.60 39.56
CA VAL E 195 2.19 -12.14 38.92
C VAL E 195 2.09 -13.61 39.28
N THR E 196 0.98 -14.02 39.89
CA THR E 196 0.86 -15.35 40.44
C THR E 196 -0.36 -16.05 39.84
N PRO E 197 -0.19 -17.19 39.18
CA PRO E 197 -1.36 -17.96 38.73
C PRO E 197 -1.77 -19.03 39.74
N GLY E 198 -2.98 -19.56 39.54
CA GLY E 198 -3.49 -20.59 40.42
C GLY E 198 -4.03 -20.13 41.76
N ILE E 199 -4.48 -18.89 41.87
CA ILE E 199 -5.18 -18.42 43.06
C ILE E 199 -6.64 -18.83 42.92
N ARG E 200 -7.14 -19.61 43.89
CA ARG E 200 -8.54 -20.01 43.91
C ARG E 200 -9.21 -19.49 45.18
N PRO E 201 -10.49 -19.05 45.11
CA PRO E 201 -11.22 -18.64 46.33
C PRO E 201 -11.39 -19.73 47.39
N ILE E 212 -4.47 -24.32 47.41
CA ILE E 212 -3.40 -23.38 47.05
C ILE E 212 -3.50 -22.14 47.95
N MET E 213 -3.37 -20.95 47.37
CA MET E 213 -3.48 -19.69 48.10
C MET E 213 -4.77 -18.97 47.71
N THR E 214 -5.49 -18.46 48.70
CA THR E 214 -6.72 -17.73 48.42
C THR E 214 -6.37 -16.33 47.96
N PRO E 215 -7.33 -15.60 47.39
CA PRO E 215 -7.04 -14.22 46.94
C PRO E 215 -6.54 -13.33 48.05
N GLU E 216 -6.97 -13.54 49.29
CA GLU E 216 -6.52 -12.66 50.37
C GLU E 216 -5.13 -13.05 50.85
N GLN E 217 -4.84 -14.35 50.96
CA GLN E 217 -3.48 -14.79 51.31
C GLN E 217 -2.46 -14.24 50.31
N ALA E 218 -2.79 -14.28 49.01
CA ALA E 218 -1.87 -13.76 48.00
C ALA E 218 -1.62 -12.27 48.20
N GLN E 219 -2.66 -11.51 48.58
CA GLN E 219 -2.45 -10.12 48.97
C GLN E 219 -1.56 -10.03 50.21
N GLN E 220 -1.82 -10.88 51.20
CA GLN E 220 -1.03 -10.86 52.43
C GLN E 220 0.44 -11.16 52.14
N ALA E 221 0.70 -11.98 51.13
CA ALA E 221 2.05 -12.46 50.86
C ALA E 221 2.82 -11.56 49.92
N GLY E 222 2.15 -10.59 49.30
CA GLY E 222 2.82 -9.59 48.47
C GLY E 222 2.54 -9.69 46.98
N VAL E 223 1.75 -10.67 46.54
CA VAL E 223 1.37 -10.76 45.14
C VAL E 223 0.73 -9.45 44.69
N ASP E 224 1.11 -8.98 43.50
CA ASP E 224 0.57 -7.74 42.93
C ASP E 224 -0.61 -7.99 42.01
N TYR E 225 -0.49 -8.97 41.11
CA TYR E 225 -1.54 -9.33 40.17
C TYR E 225 -1.80 -10.81 40.28
N MET E 226 -3.10 -11.17 40.22
CA MET E 226 -3.58 -12.50 40.54
C MET E 226 -4.36 -13.04 39.36
N VAL E 227 -3.85 -14.13 38.79
CA VAL E 227 -4.46 -14.75 37.62
C VAL E 227 -5.43 -15.82 38.12
N ILE E 228 -6.70 -15.69 37.74
CA ILE E 228 -7.77 -16.57 38.18
C ILE E 228 -8.55 -17.01 36.96
N GLY E 229 -8.79 -18.31 36.85
CA GLY E 229 -9.37 -18.88 35.65
C GLY E 229 -10.79 -19.40 35.82
N ARG E 230 -10.93 -20.72 35.83
CA ARG E 230 -12.27 -21.32 35.89
C ARG E 230 -13.08 -20.92 37.11
N PRO E 231 -12.51 -20.68 38.28
CA PRO E 231 -13.34 -20.13 39.37
C PRO E 231 -14.18 -18.94 38.96
N VAL E 232 -13.74 -18.17 37.97
CA VAL E 232 -14.50 -17.03 37.47
C VAL E 232 -15.24 -17.37 36.18
N THR E 233 -14.53 -17.94 35.19
CA THR E 233 -15.14 -18.14 33.87
C THR E 233 -16.24 -19.19 33.88
N GLN E 234 -16.14 -20.20 34.75
CA GLN E 234 -17.15 -21.23 34.87
C GLN E 234 -18.19 -20.89 35.94
N SER E 235 -18.25 -19.64 36.37
CA SER E 235 -19.23 -19.25 37.38
C SER E 235 -20.58 -18.99 36.74
N ALA E 236 -21.65 -19.33 37.48
CA ALA E 236 -23.00 -18.99 37.07
C ALA E 236 -23.22 -17.49 37.04
N ASP E 237 -22.54 -16.74 37.91
CA ASP E 237 -22.67 -15.28 38.00
C ASP E 237 -21.29 -14.69 38.18
N PRO E 238 -20.46 -14.72 37.13
CA PRO E 238 -19.08 -14.19 37.25
C PRO E 238 -19.00 -12.79 37.80
N VAL E 239 -19.98 -11.94 37.52
CA VAL E 239 -19.99 -10.62 38.16
C VAL E 239 -20.02 -10.77 39.67
N ALA E 240 -20.83 -11.71 40.17
CA ALA E 240 -20.94 -11.94 41.60
C ALA E 240 -19.66 -12.54 42.15
N THR E 241 -19.05 -13.47 41.42
CA THR E 241 -17.79 -14.03 41.88
C THR E 241 -16.72 -12.96 41.97
N LEU E 242 -16.61 -12.10 40.94
CA LEU E 242 -15.62 -11.02 40.96
C LEU E 242 -15.91 -10.01 42.06
N ALA E 243 -17.19 -9.73 42.33
CA ALA E 243 -17.54 -8.84 43.44
C ALA E 243 -17.01 -9.39 44.76
N SER E 244 -17.22 -10.69 45.01
CA SER E 244 -16.76 -11.29 46.26
C SER E 244 -15.25 -11.25 46.37
N ILE E 245 -14.56 -11.66 45.30
CA ILE E 245 -13.09 -11.66 45.29
C ILE E 245 -12.56 -10.27 45.62
N ASN E 246 -13.03 -9.25 44.90
CA ASN E 246 -12.50 -7.90 45.10
C ASN E 246 -12.90 -7.35 46.47
N ALA E 247 -14.15 -7.60 46.90
CA ALA E 247 -14.55 -7.17 48.24
C ALA E 247 -13.64 -7.78 49.29
N SER E 248 -13.24 -9.04 49.09
CA SER E 248 -12.33 -9.68 50.03
C SER E 248 -10.96 -9.03 50.03
N LEU E 249 -10.65 -8.23 49.02
CA LEU E 249 -9.37 -7.52 48.96
C LEU E 249 -9.45 -6.10 49.51
N ASN E 250 -10.64 -5.51 49.56
CA ASN E 250 -10.81 -4.12 49.94
C ASN E 250 -10.71 -3.92 51.45
N ILE F 20 3.07 -29.74 -4.14
CA ILE F 20 4.02 -29.72 -2.98
C ILE F 20 5.45 -29.78 -3.48
N THR F 21 6.31 -28.94 -2.87
CA THR F 21 7.65 -28.71 -3.40
C THR F 21 8.61 -29.79 -2.92
N SER F 22 9.56 -30.13 -3.80
CA SER F 22 10.73 -30.93 -3.47
C SER F 22 11.92 -30.10 -2.99
N SER F 23 11.85 -28.78 -3.11
CA SER F 23 12.93 -27.96 -2.59
C SER F 23 13.04 -28.11 -1.08
N PRO F 24 14.23 -28.14 -0.51
CA PRO F 24 14.36 -28.03 0.95
C PRO F 24 14.41 -26.60 1.46
N VAL F 25 14.14 -25.60 0.62
CA VAL F 25 14.32 -24.19 0.99
C VAL F 25 13.06 -23.69 1.66
N VAL F 26 13.23 -22.99 2.79
CA VAL F 26 12.13 -22.36 3.52
C VAL F 26 12.57 -20.90 3.65
N VAL F 27 11.85 -20.00 2.97
CA VAL F 27 12.19 -18.58 3.01
C VAL F 27 11.51 -17.95 4.23
N ALA F 28 12.29 -17.17 4.98
CA ALA F 28 11.82 -16.51 6.19
C ALA F 28 11.19 -15.16 5.85
N LEU F 29 9.89 -15.01 6.16
CA LEU F 29 9.17 -13.76 5.93
C LEU F 29 9.29 -12.94 7.20
N ASP F 30 10.27 -12.05 7.23
CA ASP F 30 10.57 -11.23 8.40
C ASP F 30 10.25 -9.79 8.05
N TYR F 31 9.02 -9.55 7.61
CA TYR F 31 8.53 -8.23 7.28
C TYR F 31 7.71 -7.69 8.45
N ASP F 32 7.96 -6.44 8.82
CA ASP F 32 7.12 -5.76 9.79
C ASP F 32 5.84 -5.19 9.16
N ASN F 33 5.46 -5.67 7.98
CA ASN F 33 4.36 -5.07 7.23
C ASN F 33 3.77 -6.11 6.30
N ARG F 34 2.43 -6.07 6.17
CA ARG F 34 1.73 -7.10 5.41
C ARG F 34 1.88 -6.93 3.90
N ASP F 35 1.79 -5.70 3.40
CA ASP F 35 1.77 -5.54 1.96
C ASP F 35 3.17 -5.69 1.36
N LYS F 36 4.19 -5.22 2.05
CA LYS F 36 5.56 -5.46 1.61
C LYS F 36 5.87 -6.95 1.54
N ALA F 37 5.12 -7.78 2.27
CA ALA F 37 5.37 -9.22 2.35
C ALA F 37 4.56 -10.03 1.34
N LEU F 38 3.32 -9.63 1.06
CA LEU F 38 2.57 -10.35 0.03
C LEU F 38 3.05 -9.97 -1.36
N ALA F 39 3.62 -8.78 -1.52
CA ALA F 39 4.31 -8.43 -2.75
C ALA F 39 5.39 -9.46 -3.05
N PHE F 40 6.27 -9.73 -2.07
CA PHE F 40 7.26 -10.78 -2.23
C PHE F 40 6.61 -12.10 -2.60
N VAL F 41 5.65 -12.55 -1.78
CA VAL F 41 5.11 -13.88 -2.00
C VAL F 41 4.49 -13.98 -3.39
N GLU F 42 3.92 -12.89 -3.90
CA GLU F 42 3.37 -12.89 -5.25
C GLU F 42 4.48 -13.12 -6.28
N ARG F 43 5.70 -12.65 -5.99
CA ARG F 43 6.81 -12.80 -6.93
C ARG F 43 7.19 -14.26 -7.12
N ILE F 44 7.18 -15.05 -6.05
CA ILE F 44 7.70 -16.42 -6.10
C ILE F 44 6.56 -17.38 -6.31
N ASP F 45 6.86 -18.68 -6.31
CA ASP F 45 5.93 -19.73 -6.65
C ASP F 45 6.06 -20.88 -5.66
N PRO F 46 4.94 -21.49 -5.22
CA PRO F 46 5.02 -22.53 -4.17
C PRO F 46 5.77 -23.77 -4.58
N ARG F 47 5.93 -24.01 -5.88
CA ARG F 47 6.75 -25.13 -6.33
C ARG F 47 8.22 -24.90 -6.00
N ASP F 48 8.61 -23.64 -5.75
CA ASP F 48 10.01 -23.28 -5.58
C ASP F 48 10.49 -23.27 -4.13
N CYS F 49 9.60 -23.19 -3.16
CA CYS F 49 10.07 -23.10 -1.78
C CYS F 49 8.90 -23.23 -0.84
N ARG F 50 9.21 -23.27 0.44
CA ARG F 50 8.25 -23.12 1.50
C ARG F 50 8.49 -21.79 2.20
N LEU F 51 7.59 -21.45 3.09
CA LEU F 51 7.62 -20.16 3.75
C LEU F 51 7.58 -20.34 5.26
N LYS F 52 8.33 -19.49 5.97
CA LYS F 52 8.36 -19.47 7.42
C LYS F 52 7.73 -18.19 7.94
N VAL F 53 6.82 -18.36 8.88
CA VAL F 53 6.11 -17.27 9.53
C VAL F 53 6.52 -17.29 11.00
N GLY F 54 7.16 -16.21 11.46
CA GLY F 54 7.68 -16.12 12.80
C GLY F 54 6.88 -15.16 13.68
N LYS F 55 7.39 -14.99 14.91
CA LYS F 55 6.72 -14.20 15.94
C LYS F 55 6.36 -12.79 15.46
N GLU F 56 7.24 -12.18 14.65
CA GLU F 56 7.02 -10.82 14.19
C GLU F 56 5.72 -10.73 13.40
N MET F 57 5.64 -11.49 12.30
CA MET F 57 4.47 -11.38 11.44
C MET F 57 3.22 -11.97 12.08
N PHE F 58 3.35 -13.01 12.91
CA PHE F 58 2.17 -13.56 13.56
C PHE F 58 1.61 -12.60 14.61
N THR F 59 2.46 -11.97 15.43
CA THR F 59 1.91 -11.04 16.43
C THR F 59 1.21 -9.85 15.77
N LEU F 60 1.68 -9.46 14.58
CA LEU F 60 1.07 -8.33 13.86
C LEU F 60 -0.19 -8.75 13.12
N LEU F 61 -0.20 -9.94 12.51
CA LEU F 61 -1.25 -10.30 11.57
C LEU F 61 -2.08 -11.51 11.99
N GLY F 62 -1.51 -12.44 12.74
CA GLY F 62 -2.27 -13.56 13.26
C GLY F 62 -2.50 -14.66 12.24
N PRO F 63 -3.41 -15.60 12.55
CA PRO F 63 -3.56 -16.77 11.68
C PRO F 63 -4.07 -16.46 10.30
N GLN F 64 -4.68 -15.29 10.09
CA GLN F 64 -5.20 -14.97 8.76
C GLN F 64 -4.09 -14.86 7.75
N PHE F 65 -2.95 -14.29 8.15
CA PHE F 65 -1.81 -14.24 7.25
C PHE F 65 -1.37 -15.65 6.85
N VAL F 66 -1.37 -16.59 7.80
CA VAL F 66 -1.06 -17.96 7.41
C VAL F 66 -2.08 -18.48 6.41
N ARG F 67 -3.35 -18.10 6.58
CA ARG F 67 -4.35 -18.59 5.62
C ARG F 67 -4.14 -17.94 4.26
N ASP F 68 -3.77 -16.67 4.24
CA ASP F 68 -3.42 -16.03 2.97
C ASP F 68 -2.37 -16.85 2.22
N LEU F 69 -1.31 -17.26 2.92
CA LEU F 69 -0.23 -18.01 2.27
C LEU F 69 -0.74 -19.36 1.76
N HIS F 70 -1.60 -20.01 2.53
CA HIS F 70 -2.17 -21.29 2.11
C HIS F 70 -2.97 -21.12 0.83
N GLN F 71 -3.83 -20.11 0.75
CA GLN F 71 -4.68 -20.00 -0.42
C GLN F 71 -3.84 -19.81 -1.69
N ARG F 72 -2.69 -19.11 -1.59
CA ARG F 72 -1.75 -19.00 -2.70
C ARG F 72 -0.96 -20.27 -2.94
N GLY F 73 -1.14 -21.30 -2.12
CA GLY F 73 -0.58 -22.61 -2.38
C GLY F 73 0.72 -22.95 -1.69
N PHE F 74 1.19 -22.14 -0.75
CA PHE F 74 2.45 -22.40 -0.08
C PHE F 74 2.27 -23.26 1.15
N GLU F 75 3.27 -24.08 1.44
CA GLU F 75 3.40 -24.69 2.75
C GLU F 75 4.20 -23.79 3.67
N VAL F 76 3.75 -23.73 4.93
CA VAL F 76 4.22 -22.76 5.91
C VAL F 76 4.80 -23.46 7.12
N PHE F 77 6.01 -23.06 7.49
CA PHE F 77 6.62 -23.36 8.79
C PHE F 77 6.16 -22.26 9.77
N LEU F 78 5.35 -22.64 10.75
CA LEU F 78 4.86 -21.71 11.76
C LEU F 78 5.86 -21.71 12.93
N ASP F 79 6.70 -20.68 12.95
CA ASP F 79 7.90 -20.61 13.80
C ASP F 79 7.61 -19.72 15.01
N LEU F 80 6.80 -20.25 15.94
CA LEU F 80 6.39 -19.50 17.13
C LEU F 80 7.14 -19.95 18.39
N LYS F 81 7.85 -21.06 18.31
CA LYS F 81 8.66 -21.57 19.40
C LYS F 81 7.86 -21.61 20.71
N PHE F 82 6.73 -22.32 20.67
CA PHE F 82 5.90 -22.49 21.85
C PHE F 82 6.70 -22.98 23.04
N HIS F 83 6.56 -22.30 24.18
CA HIS F 83 7.26 -22.68 25.41
C HIS F 83 6.34 -22.37 26.59
N ASP F 84 5.64 -23.40 27.09
CA ASP F 84 4.61 -23.18 28.11
C ASP F 84 4.33 -24.52 28.80
N ILE F 85 3.36 -24.49 29.70
CA ILE F 85 2.99 -25.69 30.47
C ILE F 85 2.49 -26.75 29.50
N PRO F 86 2.66 -28.04 29.82
CA PRO F 86 2.34 -29.09 28.83
C PRO F 86 0.96 -28.97 28.19
N ASN F 87 -0.09 -28.84 28.99
CA ASN F 87 -1.42 -28.74 28.42
C ASN F 87 -1.57 -27.53 27.49
N THR F 88 -1.00 -26.38 27.87
CA THR F 88 -1.13 -25.19 27.04
C THR F 88 -0.40 -25.39 25.71
N THR F 89 0.83 -25.89 25.77
CA THR F 89 1.59 -26.12 24.55
C THR F 89 0.85 -27.09 23.64
N ALA F 90 0.23 -28.11 24.22
CA ALA F 90 -0.45 -29.12 23.41
C ALA F 90 -1.64 -28.52 22.69
N ARG F 91 -2.40 -27.64 23.37
CA ARG F 91 -3.52 -26.98 22.71
C ARG F 91 -3.03 -25.99 21.63
N ALA F 92 -1.95 -25.25 21.92
CA ALA F 92 -1.42 -24.34 20.90
C ALA F 92 -0.94 -25.11 19.67
N VAL F 93 -0.34 -26.28 19.89
CA VAL F 93 0.14 -27.09 18.77
C VAL F 93 -1.04 -27.65 17.96
N ALA F 94 -2.09 -28.15 18.64
CA ALA F 94 -3.28 -28.59 17.93
C ALA F 94 -3.98 -27.43 17.21
N ALA F 95 -3.85 -26.21 17.72
CA ALA F 95 -4.43 -25.07 17.03
C ALA F 95 -3.65 -24.71 15.77
N ALA F 96 -2.34 -24.93 15.78
CA ALA F 96 -1.56 -24.82 14.55
C ALA F 96 -1.90 -25.95 13.60
N ALA F 97 -2.19 -27.14 14.12
CA ALA F 97 -2.56 -28.25 13.26
C ALA F 97 -3.89 -27.98 12.57
N GLU F 98 -4.88 -27.43 13.30
CA GLU F 98 -6.18 -27.13 12.70
C GLU F 98 -6.10 -25.98 11.73
N LEU F 99 -5.09 -25.12 11.88
CA LEU F 99 -4.78 -24.13 10.86
C LEU F 99 -4.13 -24.76 9.63
N GLY F 100 -3.63 -26.00 9.76
CA GLY F 100 -3.09 -26.71 8.61
C GLY F 100 -1.68 -26.34 8.19
N VAL F 101 -0.81 -26.02 9.14
CA VAL F 101 0.56 -25.67 8.76
C VAL F 101 1.37 -26.95 8.51
N TRP F 102 2.43 -26.80 7.72
CA TRP F 102 3.28 -27.93 7.37
C TRP F 102 4.29 -28.22 8.47
N MET F 103 4.66 -27.22 9.25
CA MET F 103 5.60 -27.41 10.33
C MET F 103 5.30 -26.42 11.45
N VAL F 104 5.52 -26.85 12.68
CA VAL F 104 5.38 -26.02 13.87
C VAL F 104 6.45 -26.46 14.86
N ASN F 105 6.92 -25.53 15.69
CA ASN F 105 8.01 -25.80 16.60
C ASN F 105 7.70 -25.37 18.04
N VAL F 106 8.43 -26.00 18.96
CA VAL F 106 8.35 -25.79 20.40
C VAL F 106 9.78 -25.74 20.91
N HIS F 107 9.93 -25.33 22.15
CA HIS F 107 11.24 -25.28 22.80
C HIS F 107 11.49 -26.60 23.54
N ALA F 108 12.63 -27.24 23.25
CA ALA F 108 13.02 -28.41 24.04
C ALA F 108 13.25 -28.06 25.51
N SER F 109 13.68 -26.82 25.78
CA SER F 109 13.78 -26.30 27.14
C SER F 109 12.50 -26.44 27.93
N GLY F 110 11.36 -26.58 27.25
CA GLY F 110 10.11 -26.82 27.95
C GLY F 110 10.04 -28.14 28.68
N GLY F 111 10.87 -29.10 28.29
CA GLY F 111 10.94 -30.38 28.96
C GLY F 111 10.22 -31.50 28.22
N ALA F 112 10.53 -32.73 28.66
CA ALA F 112 10.03 -33.93 28.00
C ALA F 112 8.52 -34.01 28.06
N ARG F 113 7.92 -33.67 29.20
CA ARG F 113 6.47 -33.81 29.34
C ARG F 113 5.75 -32.85 28.40
N MET F 114 6.26 -31.61 28.27
CA MET F 114 5.71 -30.65 27.32
C MET F 114 5.85 -31.16 25.88
N MET F 115 7.04 -31.65 25.53
CA MET F 115 7.22 -32.18 24.17
C MET F 115 6.32 -33.37 23.90
N THR F 116 6.19 -34.27 24.88
CA THR F 116 5.29 -35.42 24.72
C THR F 116 3.86 -34.95 24.54
N ALA F 117 3.42 -33.98 25.36
CA ALA F 117 2.08 -33.44 25.20
C ALA F 117 1.90 -32.86 23.80
N ALA F 118 2.93 -32.18 23.29
CA ALA F 118 2.84 -31.65 21.93
C ALA F 118 2.68 -32.79 20.94
N ARG F 119 3.55 -33.80 21.03
CA ARG F 119 3.46 -34.95 20.13
C ARG F 119 2.06 -35.54 20.15
N GLU F 120 1.54 -35.86 21.33
CA GLU F 120 0.26 -36.54 21.39
C GLU F 120 -0.88 -35.67 20.89
N ALA F 121 -0.79 -34.34 21.07
CA ALA F 121 -1.83 -33.48 20.51
C ALA F 121 -1.91 -33.57 18.99
N LEU F 122 -0.84 -34.04 18.32
CA LEU F 122 -0.83 -34.08 16.87
C LEU F 122 -1.20 -35.44 16.29
N LEU F 123 -0.90 -36.55 16.99
CA LEU F 123 -1.22 -37.89 16.48
C LEU F 123 -2.62 -37.97 15.89
N PRO F 124 -3.64 -37.40 16.53
CA PRO F 124 -4.97 -37.38 15.90
C PRO F 124 -4.96 -37.01 14.42
N PHE F 125 -4.15 -36.01 14.04
CA PHE F 125 -4.23 -35.48 12.68
C PHE F 125 -3.54 -36.38 11.65
N GLY F 126 -2.84 -37.41 12.10
CA GLY F 126 -2.36 -38.45 11.20
C GLY F 126 -1.28 -37.97 10.26
N LYS F 127 -1.38 -38.43 9.01
CA LYS F 127 -0.34 -38.15 8.02
C LYS F 127 -0.28 -36.67 7.66
N GLU F 128 -1.36 -35.92 7.85
CA GLU F 128 -1.42 -34.52 7.44
C GLU F 128 -1.21 -33.55 8.62
N ALA F 129 -0.60 -34.01 9.70
CA ALA F 129 -0.27 -33.11 10.81
C ALA F 129 1.00 -32.33 10.50
N PRO F 130 1.26 -31.26 11.25
CA PRO F 130 2.53 -30.55 11.10
C PRO F 130 3.71 -31.43 11.51
N LEU F 131 4.83 -31.27 10.82
CA LEU F 131 6.09 -31.71 11.40
C LEU F 131 6.29 -30.95 12.71
N LEU F 132 6.59 -31.68 13.78
CA LEU F 132 6.83 -31.11 15.10
C LEU F 132 8.34 -31.13 15.38
N ILE F 133 8.92 -29.93 15.45
CA ILE F 133 10.35 -29.70 15.56
C ILE F 133 10.58 -28.98 16.86
N ALA F 134 11.69 -29.27 17.54
CA ALA F 134 12.02 -28.57 18.77
C ALA F 134 13.22 -27.67 18.57
N VAL F 135 13.16 -26.46 19.14
CA VAL F 135 14.33 -25.61 19.27
C VAL F 135 15.22 -26.16 20.37
N THR F 136 16.53 -26.15 20.14
CA THR F 136 17.41 -26.63 21.20
C THR F 136 18.03 -25.45 21.94
N VAL F 137 19.23 -25.05 21.54
CA VAL F 137 19.83 -23.82 22.02
C VAL F 137 19.65 -22.79 20.94
N LEU F 138 18.99 -21.69 21.27
CA LEU F 138 18.82 -20.62 20.31
C LEU F 138 20.15 -20.32 19.64
N THR F 139 20.13 -20.24 18.31
CA THR F 139 21.36 -20.07 17.55
C THR F 139 22.12 -18.79 17.92
N SER F 140 21.53 -17.89 18.71
CA SER F 140 22.21 -16.68 19.13
C SER F 140 22.93 -16.80 20.48
N MET F 141 22.60 -17.81 21.28
CA MET F 141 23.15 -17.93 22.63
C MET F 141 24.64 -18.32 22.62
N GLU F 142 25.45 -17.57 23.36
CA GLU F 142 26.86 -17.90 23.57
C GLU F 142 27.05 -18.46 24.99
N ALA F 143 28.29 -18.85 25.29
CA ALA F 143 28.57 -19.43 26.60
C ALA F 143 28.16 -18.50 27.74
N SER F 144 28.53 -17.22 27.66
CA SER F 144 28.28 -16.31 28.77
C SER F 144 26.78 -16.15 29.03
N ASP F 145 25.95 -16.26 27.99
CA ASP F 145 24.51 -16.26 28.18
C ASP F 145 24.07 -17.47 29.02
N LEU F 146 24.63 -18.64 28.74
CA LEU F 146 24.20 -19.86 29.41
C LEU F 146 24.68 -19.93 30.85
N GLN F 147 25.83 -19.34 31.15
CA GLN F 147 26.33 -19.33 32.51
C GLN F 147 25.40 -18.55 33.43
N ASP F 148 24.83 -17.45 32.92
CA ASP F 148 23.82 -16.72 33.68
C ASP F 148 22.66 -17.62 34.10
N LEU F 149 22.37 -18.67 33.33
CA LEU F 149 21.23 -19.54 33.61
C LEU F 149 21.61 -20.78 34.39
N GLY F 150 22.87 -20.91 34.79
CA GLY F 150 23.32 -22.06 35.52
C GLY F 150 23.83 -23.22 34.69
N ILE F 151 23.87 -23.08 33.35
CA ILE F 151 24.36 -24.15 32.47
C ILE F 151 25.82 -23.87 32.15
N MET F 152 26.67 -24.86 32.42
CA MET F 152 28.09 -24.73 32.18
C MET F 152 28.58 -25.48 30.94
N LEU F 153 27.77 -26.38 30.39
CA LEU F 153 28.14 -26.98 29.11
C LEU F 153 28.29 -25.91 28.04
N SER F 154 29.15 -26.19 27.07
CA SER F 154 29.20 -25.39 25.85
C SER F 154 27.82 -25.33 25.20
N PRO F 155 27.50 -24.23 24.52
CA PRO F 155 26.27 -24.20 23.71
C PRO F 155 26.08 -25.45 22.86
N ALA F 156 27.15 -25.94 22.22
CA ALA F 156 27.04 -27.13 21.39
C ALA F 156 26.59 -28.33 22.22
N ASP F 157 27.23 -28.54 23.37
CA ASP F 157 26.92 -29.69 24.20
C ASP F 157 25.53 -29.60 24.82
N HIS F 158 25.14 -28.40 25.27
CA HIS F 158 23.78 -28.26 25.78
C HIS F 158 22.77 -28.48 24.65
N ALA F 159 23.04 -27.94 23.47
CA ALA F 159 22.17 -28.20 22.32
C ALA F 159 22.03 -29.69 22.04
N ALA F 160 23.13 -30.44 22.13
CA ALA F 160 23.08 -31.87 21.83
C ALA F 160 22.30 -32.65 22.89
N LYS F 161 22.39 -32.23 24.16
CA LYS F 161 21.55 -32.85 25.17
C LYS F 161 20.07 -32.64 24.87
N LEU F 162 19.68 -31.39 24.56
CA LEU F 162 18.29 -31.07 24.25
C LEU F 162 17.84 -31.75 22.96
N ALA F 163 18.76 -31.93 22.00
CA ALA F 163 18.41 -32.65 20.79
C ALA F 163 18.17 -34.13 21.09
N ALA F 164 19.07 -34.73 21.88
CA ALA F 164 18.87 -36.11 22.31
C ALA F 164 17.54 -36.30 23.00
N LEU F 165 17.19 -35.38 23.91
CA LEU F 165 15.91 -35.47 24.59
C LEU F 165 14.77 -35.37 23.60
N THR F 166 14.92 -34.50 22.59
CA THR F 166 13.85 -34.32 21.61
C THR F 166 13.61 -35.61 20.82
N LYS F 167 14.68 -36.33 20.45
CA LYS F 167 14.50 -37.61 19.78
C LYS F 167 13.86 -38.64 20.70
N ARG F 168 14.36 -38.76 21.93
CA ARG F 168 13.75 -39.69 22.88
C ARG F 168 12.25 -39.48 22.96
N CYS F 169 11.80 -38.22 23.02
CA CYS F 169 10.37 -37.93 23.03
C CYS F 169 9.68 -38.24 21.70
N GLY F 170 10.42 -38.58 20.66
CA GLY F 170 9.75 -38.95 19.43
C GLY F 170 9.21 -37.81 18.62
N LEU F 171 9.76 -36.61 18.77
CA LEU F 171 9.47 -35.51 17.85
C LEU F 171 10.25 -35.71 16.54
N ASP F 172 9.86 -34.96 15.51
CA ASP F 172 10.34 -35.21 14.15
C ASP F 172 11.74 -34.69 13.90
N GLY F 173 12.15 -33.65 14.63
CA GLY F 173 13.50 -33.15 14.48
C GLY F 173 13.72 -31.92 15.33
N VAL F 174 14.76 -31.16 14.99
CA VAL F 174 15.16 -30.01 15.78
C VAL F 174 15.59 -28.88 14.84
N VAL F 175 15.50 -27.65 15.37
CA VAL F 175 16.21 -26.52 14.81
C VAL F 175 17.63 -26.57 15.35
N CYS F 176 18.62 -26.42 14.48
CA CYS F 176 19.99 -26.35 14.97
C CYS F 176 20.79 -25.49 14.01
N SER F 177 21.92 -24.98 14.49
CA SER F 177 22.73 -24.13 13.64
C SER F 177 23.54 -24.97 12.64
N ALA F 178 24.03 -24.28 11.59
CA ALA F 178 24.82 -24.96 10.57
C ALA F 178 26.03 -25.63 11.18
N GLN F 179 26.58 -25.06 12.25
CA GLN F 179 27.80 -25.56 12.86
C GLN F 179 27.59 -26.87 13.62
N GLU F 180 26.34 -27.30 13.80
CA GLU F 180 26.05 -28.53 14.50
C GLU F 180 25.34 -29.55 13.63
N ALA F 181 25.07 -29.25 12.36
CA ALA F 181 24.30 -30.19 11.55
C ALA F 181 25.01 -31.54 11.44
N VAL F 182 26.30 -31.52 11.10
CA VAL F 182 27.03 -32.77 10.91
C VAL F 182 27.02 -33.59 12.19
N ARG F 183 27.22 -32.94 13.33
CA ARG F 183 27.23 -33.66 14.59
C ARG F 183 25.87 -34.29 14.87
N PHE F 184 24.81 -33.51 14.77
CA PHE F 184 23.50 -34.04 15.13
C PHE F 184 23.12 -35.18 14.21
N LYS F 185 23.43 -35.05 12.94
CA LYS F 185 23.15 -36.14 12.02
C LYS F 185 23.93 -37.40 12.41
N GLN F 186 25.19 -37.23 12.86
CA GLN F 186 25.95 -38.40 13.29
C GLN F 186 25.37 -39.00 14.57
N GLU F 187 25.02 -38.16 15.53
CA GLU F 187 24.55 -38.65 16.82
C GLU F 187 23.14 -39.20 16.74
N LEU F 188 22.28 -38.61 15.90
CA LEU F 188 20.85 -38.85 15.99
C LEU F 188 20.26 -39.58 14.79
N GLY F 189 21.00 -39.75 13.70
CA GLY F 189 20.57 -40.58 12.60
C GLY F 189 20.00 -39.77 11.44
N GLN F 190 19.82 -40.46 10.31
CA GLN F 190 19.44 -39.80 9.07
C GLN F 190 17.99 -39.35 9.08
N GLU F 191 17.10 -40.15 9.65
CA GLU F 191 15.67 -39.84 9.54
C GLU F 191 15.22 -38.72 10.47
N PHE F 192 15.98 -38.42 11.52
CA PHE F 192 15.71 -37.29 12.41
C PHE F 192 16.01 -35.97 11.70
N LYS F 193 14.98 -35.15 11.46
CA LYS F 193 15.09 -33.99 10.60
C LYS F 193 15.82 -32.81 11.25
N LEU F 194 16.61 -32.09 10.45
CA LEU F 194 17.32 -30.90 10.90
C LEU F 194 16.85 -29.69 10.10
N VAL F 195 16.43 -28.65 10.81
CA VAL F 195 16.02 -27.38 10.23
C VAL F 195 17.09 -26.37 10.62
N THR F 196 17.69 -25.72 9.63
CA THR F 196 18.90 -24.94 9.87
C THR F 196 18.83 -23.58 9.20
N PRO F 197 18.93 -22.48 9.99
CA PRO F 197 19.07 -21.13 9.39
C PRO F 197 20.53 -20.77 9.15
N GLY F 198 20.78 -19.55 8.74
CA GLY F 198 22.14 -19.12 8.46
C GLY F 198 22.77 -19.77 7.25
N ILE F 199 21.97 -20.13 6.25
CA ILE F 199 22.49 -20.73 5.02
C ILE F 199 22.43 -19.68 3.93
N ARG F 200 23.54 -19.50 3.22
CA ARG F 200 23.70 -18.42 2.27
C ARG F 200 24.41 -18.93 1.02
N PRO F 201 23.87 -18.71 -0.17
CA PRO F 201 24.59 -19.11 -1.39
C PRO F 201 25.87 -18.32 -1.53
N THR F 202 26.85 -18.93 -2.22
CA THR F 202 28.10 -18.25 -2.50
C THR F 202 27.87 -16.94 -3.26
N GLY F 203 26.80 -16.87 -4.04
CA GLY F 203 26.56 -15.72 -4.88
C GLY F 203 25.73 -14.60 -4.26
N SER F 204 25.59 -14.58 -2.95
CA SER F 204 24.88 -13.51 -2.24
C SER F 204 25.87 -12.62 -1.50
N ASP F 205 25.32 -11.62 -0.81
CA ASP F 205 26.07 -10.80 0.13
C ASP F 205 26.88 -11.66 1.12
N ARG F 210 29.74 -11.91 6.75
CA ARG F 210 30.45 -13.06 7.31
C ARG F 210 30.18 -14.34 6.50
N ARG F 211 31.22 -15.14 6.28
CA ARG F 211 31.08 -16.37 5.51
C ARG F 211 30.40 -17.45 6.35
N ILE F 212 29.44 -18.15 5.75
CA ILE F 212 28.65 -19.18 6.44
C ILE F 212 28.30 -20.30 5.45
N MET F 213 27.83 -21.42 5.99
CA MET F 213 27.46 -22.61 5.23
C MET F 213 26.58 -22.28 4.03
N THR F 214 26.96 -22.80 2.85
CA THR F 214 26.16 -22.63 1.65
C THR F 214 25.11 -23.73 1.58
N PRO F 215 24.11 -23.58 0.70
CA PRO F 215 23.16 -24.68 0.50
C PRO F 215 23.85 -26.00 0.16
N GLU F 216 24.91 -25.93 -0.66
CA GLU F 216 25.61 -27.15 -1.06
C GLU F 216 26.19 -27.87 0.14
N GLN F 217 26.84 -27.13 1.04
CA GLN F 217 27.42 -27.72 2.24
C GLN F 217 26.33 -28.22 3.20
N ALA F 218 25.23 -27.47 3.33
CA ALA F 218 24.11 -27.95 4.14
C ALA F 218 23.64 -29.33 3.68
N GLN F 219 23.44 -29.49 2.36
CA GLN F 219 22.95 -30.77 1.86
C GLN F 219 24.00 -31.86 2.07
N GLN F 220 25.26 -31.48 1.92
CA GLN F 220 26.36 -32.39 2.27
C GLN F 220 26.27 -32.79 3.73
N ALA F 221 26.05 -31.82 4.63
CA ALA F 221 26.01 -32.15 6.05
C ALA F 221 24.75 -32.88 6.46
N GLY F 222 23.78 -33.03 5.55
CA GLY F 222 22.54 -33.71 5.85
C GLY F 222 21.37 -32.82 6.23
N VAL F 223 21.53 -31.49 6.19
CA VAL F 223 20.44 -30.59 6.56
C VAL F 223 19.21 -30.92 5.76
N ASP F 224 18.07 -31.05 6.42
CA ASP F 224 16.88 -31.44 5.67
C ASP F 224 16.12 -30.22 5.16
N TYR F 225 15.95 -29.18 5.97
CA TYR F 225 15.27 -27.98 5.52
C TYR F 225 16.13 -26.76 5.83
N MET F 226 16.35 -25.93 4.82
CA MET F 226 17.29 -24.80 4.88
C MET F 226 16.48 -23.53 4.94
N VAL F 227 16.56 -22.82 6.07
CA VAL F 227 15.88 -21.56 6.25
C VAL F 227 16.79 -20.47 5.73
N ILE F 228 16.32 -19.74 4.72
CA ILE F 228 17.07 -18.72 4.01
C ILE F 228 16.22 -17.45 4.05
N GLY F 229 16.77 -16.37 4.59
CA GLY F 229 16.05 -15.12 4.65
C GLY F 229 16.53 -14.08 3.64
N ARG F 230 17.29 -13.11 4.14
CA ARG F 230 17.69 -11.96 3.33
C ARG F 230 18.30 -12.33 2.00
N PRO F 231 19.10 -13.39 1.88
CA PRO F 231 19.60 -13.76 0.56
C PRO F 231 18.51 -14.01 -0.48
N VAL F 232 17.31 -14.39 -0.06
CA VAL F 232 16.17 -14.50 -0.98
C VAL F 232 15.30 -13.24 -0.94
N THR F 233 14.94 -12.75 0.25
CA THR F 233 13.95 -11.66 0.33
C THR F 233 14.54 -10.33 -0.11
N GLN F 234 15.85 -10.14 0.05
CA GLN F 234 16.53 -8.93 -0.37
C GLN F 234 17.17 -9.04 -1.75
N SER F 235 16.97 -10.12 -2.49
CA SER F 235 17.63 -10.20 -3.79
C SER F 235 16.82 -9.44 -4.84
N ALA F 236 17.52 -9.03 -5.91
CA ALA F 236 16.89 -8.20 -6.94
C ALA F 236 15.93 -9.01 -7.81
N ASP F 237 16.24 -10.28 -8.07
CA ASP F 237 15.30 -11.22 -8.66
C ASP F 237 15.22 -12.45 -7.77
N PRO F 238 14.26 -12.50 -6.84
CA PRO F 238 14.18 -13.67 -5.94
C PRO F 238 13.83 -14.94 -6.67
N VAL F 239 13.06 -14.87 -7.75
CA VAL F 239 12.80 -16.08 -8.54
C VAL F 239 14.10 -16.65 -9.06
N ALA F 240 14.99 -15.78 -9.55
CA ALA F 240 16.28 -16.24 -10.06
C ALA F 240 17.13 -16.83 -8.94
N THR F 241 17.15 -16.19 -7.78
CA THR F 241 17.96 -16.71 -6.68
C THR F 241 17.49 -18.11 -6.27
N LEU F 242 16.18 -18.30 -6.14
CA LEU F 242 15.69 -19.61 -5.74
C LEU F 242 16.00 -20.67 -6.78
N ALA F 243 15.92 -20.33 -8.06
CA ALA F 243 16.18 -21.33 -9.10
C ALA F 243 17.64 -21.73 -9.12
N SER F 244 18.55 -20.79 -8.87
CA SER F 244 19.96 -21.14 -8.73
C SER F 244 20.20 -22.01 -7.49
N ILE F 245 19.50 -21.72 -6.39
CA ILE F 245 19.67 -22.57 -5.21
C ILE F 245 19.16 -23.96 -5.52
N ASN F 246 17.98 -24.04 -6.13
CA ASN F 246 17.37 -25.34 -6.33
C ASN F 246 18.09 -26.13 -7.42
N ALA F 247 18.61 -25.45 -8.44
CA ALA F 247 19.37 -26.15 -9.47
C ALA F 247 20.64 -26.77 -8.90
N SER F 248 21.33 -26.04 -8.01
CA SER F 248 22.58 -26.52 -7.43
C SER F 248 22.36 -27.68 -6.46
N LEU F 249 21.15 -27.82 -5.91
CA LEU F 249 20.80 -28.96 -5.08
C LEU F 249 20.28 -30.14 -5.89
N ASN F 250 19.89 -29.92 -7.15
CA ASN F 250 19.34 -30.95 -8.06
C ASN F 250 17.92 -31.34 -7.66
N ILE G 20 -15.83 -7.11 -0.21
CA ILE G 20 -17.05 -6.45 -0.74
C ILE G 20 -17.92 -7.48 -1.44
N THR G 21 -19.06 -7.81 -0.86
CA THR G 21 -19.95 -8.80 -1.49
C THR G 21 -20.63 -8.22 -2.72
N SER G 22 -20.91 -9.10 -3.68
CA SER G 22 -21.66 -8.77 -4.90
C SER G 22 -23.14 -9.07 -4.78
N SER G 23 -23.55 -9.80 -3.75
CA SER G 23 -24.96 -10.06 -3.56
C SER G 23 -25.71 -8.75 -3.31
N PRO G 24 -26.94 -8.62 -3.82
CA PRO G 24 -27.80 -7.53 -3.35
C PRO G 24 -28.53 -7.86 -2.06
N VAL G 25 -28.26 -9.02 -1.44
CA VAL G 25 -29.02 -9.50 -0.29
C VAL G 25 -28.50 -8.88 1.00
N VAL G 26 -29.43 -8.41 1.81
CA VAL G 26 -29.17 -7.89 3.14
C VAL G 26 -30.05 -8.72 4.06
N VAL G 27 -29.43 -9.48 4.96
CA VAL G 27 -30.19 -10.31 5.88
C VAL G 27 -30.54 -9.52 7.15
N ALA G 28 -31.81 -9.55 7.52
CA ALA G 28 -32.29 -8.80 8.69
C ALA G 28 -32.02 -9.62 9.94
N LEU G 29 -31.31 -9.03 10.89
CA LEU G 29 -30.99 -9.67 12.15
C LEU G 29 -31.99 -9.20 13.22
N ASP G 30 -33.19 -9.78 13.16
CA ASP G 30 -34.28 -9.39 14.06
C ASP G 30 -34.32 -10.32 15.27
N TYR G 31 -33.24 -10.29 16.03
CA TYR G 31 -33.09 -11.10 17.22
C TYR G 31 -33.31 -10.24 18.45
N ASP G 32 -33.69 -10.90 19.55
CA ASP G 32 -33.78 -10.26 20.85
C ASP G 32 -32.67 -10.74 21.78
N ASN G 33 -31.60 -11.27 21.21
CA ASN G 33 -30.61 -11.97 22.03
C ASN G 33 -29.30 -12.08 21.25
N ARG G 34 -28.23 -11.60 21.87
CA ARG G 34 -26.93 -11.53 21.19
C ARG G 34 -26.42 -12.90 20.79
N ASP G 35 -26.56 -13.89 21.67
CA ASP G 35 -26.06 -15.24 21.36
C ASP G 35 -26.81 -15.84 20.18
N LYS G 36 -28.14 -15.79 20.21
CA LYS G 36 -28.93 -16.30 19.09
C LYS G 36 -28.52 -15.62 17.80
N ALA G 37 -28.29 -14.30 17.85
CA ALA G 37 -27.95 -13.55 16.65
C ALA G 37 -26.58 -13.94 16.11
N LEU G 38 -25.58 -14.05 16.97
CA LEU G 38 -24.23 -14.38 16.51
C LEU G 38 -24.04 -15.86 16.18
N ALA G 39 -24.89 -16.73 16.76
CA ALA G 39 -24.92 -18.12 16.32
C ALA G 39 -25.30 -18.18 14.85
N PHE G 40 -26.32 -17.40 14.45
CA PHE G 40 -26.66 -17.31 13.04
C PHE G 40 -25.52 -16.74 12.21
N VAL G 41 -24.83 -15.70 12.71
CA VAL G 41 -23.84 -15.04 11.86
C VAL G 41 -22.65 -15.98 11.63
N GLU G 42 -22.22 -16.70 12.66
CA GLU G 42 -21.12 -17.65 12.49
C GLU G 42 -21.42 -18.64 11.37
N ARG G 43 -22.70 -18.93 11.15
CA ARG G 43 -23.10 -19.90 10.14
C ARG G 43 -22.85 -19.43 8.72
N ILE G 44 -22.91 -18.10 8.47
CA ILE G 44 -22.81 -17.58 7.11
C ILE G 44 -21.50 -16.85 6.90
N ASP G 45 -21.33 -16.30 5.69
CA ASP G 45 -20.07 -15.73 5.24
C ASP G 45 -20.32 -14.37 4.59
N PRO G 46 -19.43 -13.39 4.78
CA PRO G 46 -19.73 -12.03 4.31
C PRO G 46 -19.64 -11.87 2.81
N ARG G 47 -19.11 -12.86 2.09
CA ARG G 47 -19.21 -12.82 0.64
C ARG G 47 -20.61 -13.12 0.15
N ASP G 48 -21.45 -13.70 0.99
CA ASP G 48 -22.78 -14.12 0.56
C ASP G 48 -23.87 -13.07 0.79
N CYS G 49 -23.65 -12.08 1.65
CA CYS G 49 -24.75 -11.19 1.96
C CYS G 49 -24.25 -10.10 2.92
N ARG G 50 -25.04 -9.03 3.03
CA ARG G 50 -24.81 -8.02 4.05
C ARG G 50 -25.79 -8.25 5.18
N LEU G 51 -25.68 -7.45 6.24
CA LEU G 51 -26.53 -7.66 7.40
C LEU G 51 -27.19 -6.35 7.83
N LYS G 52 -28.42 -6.46 8.29
CA LYS G 52 -29.17 -5.31 8.76
C LYS G 52 -29.28 -5.38 10.28
N VAL G 53 -28.93 -4.28 10.93
CA VAL G 53 -29.11 -4.11 12.36
C VAL G 53 -30.22 -3.09 12.58
N GLY G 54 -31.26 -3.47 13.34
CA GLY G 54 -32.40 -2.63 13.62
C GLY G 54 -32.45 -2.11 15.05
N LYS G 55 -33.55 -1.40 15.34
CA LYS G 55 -33.70 -0.71 16.62
C LYS G 55 -33.68 -1.69 17.78
N GLU G 56 -34.21 -2.89 17.57
CA GLU G 56 -34.28 -3.87 18.65
C GLU G 56 -32.88 -4.23 19.13
N MET G 57 -32.06 -4.79 18.24
CA MET G 57 -30.69 -5.16 18.60
C MET G 57 -29.90 -3.95 19.08
N PHE G 58 -30.01 -2.83 18.36
CA PHE G 58 -29.15 -1.69 18.67
C PHE G 58 -29.46 -1.12 20.05
N THR G 59 -30.74 -1.08 20.41
CA THR G 59 -31.07 -0.59 21.75
C THR G 59 -30.58 -1.55 22.83
N LEU G 60 -30.44 -2.85 22.48
CA LEU G 60 -29.99 -3.86 23.44
C LEU G 60 -28.47 -3.86 23.60
N LEU G 61 -27.72 -3.61 22.51
CA LEU G 61 -26.28 -3.82 22.50
C LEU G 61 -25.46 -2.63 22.00
N GLY G 62 -26.04 -1.66 21.31
CA GLY G 62 -25.30 -0.49 20.90
C GLY G 62 -24.28 -0.76 19.81
N PRO G 63 -23.40 0.21 19.56
CA PRO G 63 -22.48 0.09 18.42
C PRO G 63 -21.54 -1.08 18.51
N GLN G 64 -21.30 -1.63 19.70
CA GLN G 64 -20.41 -2.77 19.82
C GLN G 64 -20.85 -3.92 18.92
N PHE G 65 -22.16 -4.19 18.87
CA PHE G 65 -22.65 -5.28 18.02
C PHE G 65 -22.31 -5.03 16.56
N VAL G 66 -22.51 -3.78 16.10
CA VAL G 66 -22.07 -3.39 14.77
C VAL G 66 -20.59 -3.69 14.60
N ARG G 67 -19.77 -3.31 15.58
CA ARG G 67 -18.34 -3.61 15.52
C ARG G 67 -18.09 -5.12 15.48
N ASP G 68 -18.79 -5.90 16.30
CA ASP G 68 -18.69 -7.35 16.21
C ASP G 68 -18.95 -7.84 14.79
N LEU G 69 -19.98 -7.28 14.13
CA LEU G 69 -20.30 -7.67 12.76
C LEU G 69 -19.21 -7.23 11.80
N HIS G 70 -18.65 -6.04 12.01
CA HIS G 70 -17.50 -5.61 11.20
C HIS G 70 -16.31 -6.54 11.40
N GLN G 71 -16.06 -6.97 12.64
CA GLN G 71 -14.93 -7.85 12.91
C GLN G 71 -15.01 -9.15 12.12
N ARG G 72 -16.22 -9.64 11.88
CA ARG G 72 -16.43 -10.84 11.11
C ARG G 72 -16.50 -10.56 9.62
N GLY G 73 -16.20 -9.33 9.19
CA GLY G 73 -16.05 -8.99 7.79
C GLY G 73 -17.29 -8.50 7.06
N PHE G 74 -18.47 -8.52 7.68
CA PHE G 74 -19.70 -8.14 7.00
C PHE G 74 -19.85 -6.62 6.87
N GLU G 75 -20.47 -6.20 5.77
CA GLU G 75 -20.97 -4.83 5.65
C GLU G 75 -22.39 -4.75 6.19
N VAL G 76 -22.73 -3.60 6.81
CA VAL G 76 -23.90 -3.50 7.68
C VAL G 76 -24.80 -2.36 7.23
N PHE G 77 -26.09 -2.63 7.13
CA PHE G 77 -27.16 -1.64 7.04
C PHE G 77 -27.63 -1.36 8.46
N LEU G 78 -27.29 -0.18 8.99
CA LEU G 78 -27.76 0.28 10.30
C LEU G 78 -29.14 0.89 10.10
N ASP G 79 -30.17 0.14 10.50
CA ASP G 79 -31.57 0.48 10.22
C ASP G 79 -32.21 1.08 11.46
N LEU G 80 -31.80 2.31 11.75
CA LEU G 80 -32.32 2.99 12.94
C LEU G 80 -33.39 4.03 12.60
N LYS G 81 -33.58 4.35 11.32
CA LYS G 81 -34.61 5.29 10.88
C LYS G 81 -34.61 6.57 11.74
N PHE G 82 -33.46 7.26 11.73
CA PHE G 82 -33.34 8.51 12.49
C PHE G 82 -34.43 9.51 12.08
N HIS G 83 -35.11 10.06 13.07
CA HIS G 83 -36.17 11.06 12.83
C HIS G 83 -36.12 12.07 13.98
N ASP G 84 -35.38 13.15 13.77
CA ASP G 84 -35.13 14.13 14.81
C ASP G 84 -34.91 15.48 14.14
N ILE G 85 -34.59 16.49 14.94
CA ILE G 85 -34.34 17.81 14.36
C ILE G 85 -33.09 17.71 13.48
N PRO G 86 -32.89 18.63 12.52
CA PRO G 86 -31.79 18.44 11.56
C PRO G 86 -30.42 18.29 12.21
N ASN G 87 -30.11 19.08 13.24
CA ASN G 87 -28.76 19.02 13.81
C ASN G 87 -28.49 17.68 14.49
N THR G 88 -29.48 17.14 15.21
CA THR G 88 -29.28 15.87 15.86
C THR G 88 -29.15 14.75 14.82
N THR G 89 -30.02 14.74 13.81
CA THR G 89 -29.96 13.69 12.79
C THR G 89 -28.61 13.69 12.08
N ALA G 90 -28.14 14.89 11.68
CA ALA G 90 -26.83 15.05 11.05
C ALA G 90 -25.73 14.44 11.91
N ARG G 91 -25.75 14.70 13.21
CA ARG G 91 -24.74 14.15 14.11
C ARG G 91 -24.90 12.64 14.29
N ALA G 92 -26.13 12.15 14.36
CA ALA G 92 -26.35 10.71 14.41
C ALA G 92 -25.88 10.04 13.13
N VAL G 93 -26.25 10.61 11.99
CA VAL G 93 -25.76 10.10 10.72
C VAL G 93 -24.23 10.13 10.66
N ALA G 94 -23.61 11.20 11.19
CA ALA G 94 -22.14 11.26 11.15
C ALA G 94 -21.53 10.22 12.08
N ALA G 95 -22.18 9.98 13.23
CA ALA G 95 -21.73 8.93 14.12
C ALA G 95 -21.79 7.57 13.43
N ALA G 96 -22.84 7.32 12.65
CA ALA G 96 -22.93 6.06 11.92
C ALA G 96 -21.81 5.95 10.90
N ALA G 97 -21.44 7.06 10.25
CA ALA G 97 -20.34 7.03 9.30
C ALA G 97 -19.00 6.74 9.97
N GLU G 98 -18.80 7.24 11.18
CA GLU G 98 -17.55 6.97 11.89
C GLU G 98 -17.49 5.53 12.35
N LEU G 99 -18.65 4.93 12.61
CA LEU G 99 -18.72 3.50 12.86
C LEU G 99 -18.39 2.68 11.63
N GLY G 100 -18.40 3.29 10.44
CA GLY G 100 -18.03 2.58 9.25
C GLY G 100 -19.13 1.73 8.67
N VAL G 101 -20.39 2.04 8.95
CA VAL G 101 -21.48 1.23 8.41
C VAL G 101 -21.60 1.50 6.91
N TRP G 102 -22.06 0.48 6.19
CA TRP G 102 -22.22 0.59 4.74
C TRP G 102 -23.46 1.40 4.37
N MET G 103 -24.49 1.41 5.22
CA MET G 103 -25.76 2.05 4.89
C MET G 103 -26.42 2.50 6.19
N VAL G 104 -27.17 3.61 6.12
CA VAL G 104 -27.87 4.15 7.28
C VAL G 104 -29.09 4.93 6.75
N ASN G 105 -30.15 5.00 7.54
CA ASN G 105 -31.38 5.56 7.03
C ASN G 105 -31.99 6.56 8.00
N VAL G 106 -32.86 7.40 7.43
CA VAL G 106 -33.59 8.46 8.10
C VAL G 106 -35.03 8.40 7.61
N HIS G 107 -35.91 9.09 8.33
CA HIS G 107 -37.29 9.23 7.93
C HIS G 107 -37.43 10.43 6.98
N ALA G 108 -37.92 10.20 5.77
CA ALA G 108 -38.26 11.33 4.90
C ALA G 108 -39.27 12.25 5.58
N SER G 109 -40.12 11.68 6.43
CA SER G 109 -41.08 12.40 7.27
C SER G 109 -40.41 13.44 8.17
N GLY G 110 -39.10 13.37 8.39
CA GLY G 110 -38.40 14.45 9.09
C GLY G 110 -38.25 15.74 8.28
N GLY G 111 -38.57 15.72 6.99
CA GLY G 111 -38.57 16.92 6.17
C GLY G 111 -37.26 17.14 5.42
N ALA G 112 -37.32 18.08 4.47
CA ALA G 112 -36.21 18.28 3.56
C ALA G 112 -34.98 18.85 4.24
N ARG G 113 -35.17 19.75 5.22
CA ARG G 113 -34.02 20.33 5.91
C ARG G 113 -33.29 19.28 6.74
N MET G 114 -34.05 18.38 7.38
CA MET G 114 -33.40 17.30 8.11
C MET G 114 -32.65 16.37 7.16
N MET G 115 -33.24 16.05 6.02
CA MET G 115 -32.56 15.16 5.07
C MET G 115 -31.34 15.84 4.44
N THR G 116 -31.44 17.15 4.19
CA THR G 116 -30.28 17.90 3.69
C THR G 116 -29.14 17.88 4.70
N ALA G 117 -29.47 18.10 5.98
CA ALA G 117 -28.45 18.07 7.02
C ALA G 117 -27.75 16.73 7.10
N ALA G 118 -28.52 15.64 7.06
CA ALA G 118 -27.91 14.31 6.98
C ALA G 118 -26.98 14.19 5.76
N ARG G 119 -27.47 14.58 4.58
CA ARG G 119 -26.62 14.50 3.40
C ARG G 119 -25.33 15.29 3.60
N GLU G 120 -25.45 16.51 4.11
CA GLU G 120 -24.24 17.33 4.24
C GLU G 120 -23.25 16.70 5.19
N ALA G 121 -23.74 16.13 6.29
CA ALA G 121 -22.86 15.57 7.30
C ALA G 121 -21.97 14.46 6.77
N LEU G 122 -22.35 13.82 5.67
CA LEU G 122 -21.61 12.69 5.11
C LEU G 122 -20.68 13.07 3.96
N LEU G 123 -20.80 14.28 3.43
CA LEU G 123 -19.94 14.68 2.32
C LEU G 123 -18.45 14.54 2.65
N PRO G 124 -17.99 14.87 3.86
CA PRO G 124 -16.56 14.67 4.17
C PRO G 124 -16.06 13.26 3.96
N PHE G 125 -16.86 12.26 4.35
CA PHE G 125 -16.43 10.87 4.26
C PHE G 125 -16.26 10.41 2.83
N GLY G 126 -16.58 11.27 1.86
CA GLY G 126 -16.23 11.01 0.48
C GLY G 126 -16.78 9.69 -0.01
N LYS G 127 -15.95 8.98 -0.78
CA LYS G 127 -16.37 7.76 -1.45
C LYS G 127 -16.70 6.64 -0.47
N GLU G 128 -16.13 6.67 0.73
CA GLU G 128 -16.29 5.58 1.68
C GLU G 128 -17.45 5.81 2.66
N ALA G 129 -18.29 6.81 2.40
CA ALA G 129 -19.35 7.12 3.34
C ALA G 129 -20.48 6.10 3.21
N PRO G 130 -21.26 5.93 4.27
CA PRO G 130 -22.42 5.05 4.16
C PRO G 130 -23.38 5.55 3.09
N LEU G 131 -24.06 4.62 2.44
CA LEU G 131 -25.24 5.02 1.66
C LEU G 131 -26.28 5.62 2.61
N LEU G 132 -27.01 6.62 2.09
CA LEU G 132 -27.97 7.41 2.86
C LEU G 132 -29.35 7.24 2.23
N ILE G 133 -30.21 6.51 2.93
CA ILE G 133 -31.50 6.05 2.43
C ILE G 133 -32.60 6.58 3.34
N ALA G 134 -33.72 7.00 2.74
CA ALA G 134 -34.85 7.53 3.50
C ALA G 134 -36.00 6.52 3.52
N VAL G 135 -36.59 6.34 4.69
CA VAL G 135 -37.85 5.65 4.82
C VAL G 135 -38.95 6.57 4.31
N THR G 136 -39.88 6.03 3.53
CA THR G 136 -41.02 6.80 3.05
C THR G 136 -42.24 6.55 3.94
N VAL G 137 -43.19 5.75 3.49
CA VAL G 137 -44.28 5.29 4.34
C VAL G 137 -43.90 3.92 4.85
N LEU G 138 -43.89 3.77 6.18
CA LEU G 138 -43.62 2.46 6.76
C LEU G 138 -44.50 1.42 6.06
N THR G 139 -43.86 0.30 5.70
CA THR G 139 -44.54 -0.72 4.91
C THR G 139 -45.83 -1.23 5.57
N SER G 140 -46.02 -0.97 6.87
CA SER G 140 -47.15 -1.52 7.61
C SER G 140 -48.30 -0.51 7.80
N MET G 141 -48.20 0.68 7.22
CA MET G 141 -49.25 1.69 7.38
C MET G 141 -50.35 1.46 6.35
N GLU G 142 -51.59 1.34 6.83
CA GLU G 142 -52.78 1.29 6.00
C GLU G 142 -53.37 2.69 5.86
N ALA G 143 -54.38 2.81 5.00
CA ALA G 143 -55.08 4.06 4.83
C ALA G 143 -55.60 4.60 6.17
N SER G 144 -56.29 3.75 6.94
CA SER G 144 -56.92 4.23 8.18
C SER G 144 -55.88 4.82 9.13
N ASP G 145 -54.72 4.17 9.24
CA ASP G 145 -53.60 4.74 9.98
C ASP G 145 -53.30 6.17 9.53
N LEU G 146 -53.21 6.40 8.22
CA LEU G 146 -52.79 7.69 7.70
C LEU G 146 -53.82 8.81 7.93
N GLN G 147 -55.11 8.48 7.95
CA GLN G 147 -56.10 9.54 8.07
C GLN G 147 -56.12 10.14 9.48
N ASP G 148 -55.78 9.35 10.49
CA ASP G 148 -55.63 9.92 11.83
C ASP G 148 -54.63 11.06 11.81
N LEU G 149 -53.58 10.92 11.00
CA LEU G 149 -52.55 11.94 10.93
C LEU G 149 -52.92 13.09 10.01
N GLY G 150 -54.07 13.00 9.33
CA GLY G 150 -54.51 14.04 8.43
C GLY G 150 -54.04 13.88 7.00
N ILE G 151 -53.51 12.72 6.64
CA ILE G 151 -53.08 12.44 5.28
C ILE G 151 -54.17 11.61 4.62
N MET G 152 -54.73 12.14 3.54
CA MET G 152 -55.80 11.46 2.82
C MET G 152 -55.30 10.76 1.55
N LEU G 153 -54.09 11.03 1.10
CA LEU G 153 -53.50 10.24 0.03
C LEU G 153 -53.38 8.78 0.45
N SER G 154 -53.50 7.88 -0.52
CA SER G 154 -53.20 6.49 -0.23
C SER G 154 -51.78 6.38 0.33
N PRO G 155 -51.50 5.33 1.08
CA PRO G 155 -50.09 5.07 1.48
C PRO G 155 -49.10 5.09 0.33
N ALA G 156 -49.48 4.51 -0.81
CA ALA G 156 -48.59 4.42 -1.97
C ALA G 156 -48.30 5.80 -2.55
N ASP G 157 -49.34 6.64 -2.68
CA ASP G 157 -49.14 7.98 -3.20
C ASP G 157 -48.41 8.88 -2.20
N HIS G 158 -48.74 8.76 -0.91
CA HIS G 158 -47.95 9.49 0.08
C HIS G 158 -46.49 9.03 0.05
N ALA G 159 -46.27 7.73 -0.16
CA ALA G 159 -44.89 7.24 -0.24
C ALA G 159 -44.19 7.80 -1.47
N ALA G 160 -44.92 7.95 -2.58
CA ALA G 160 -44.32 8.51 -3.78
C ALA G 160 -43.93 9.96 -3.58
N LYS G 161 -44.81 10.74 -2.94
CA LYS G 161 -44.45 12.11 -2.60
C LYS G 161 -43.15 12.14 -1.81
N LEU G 162 -43.07 11.33 -0.76
CA LEU G 162 -41.91 11.36 0.13
C LEU G 162 -40.64 10.90 -0.59
N ALA G 163 -40.80 9.92 -1.49
CA ALA G 163 -39.68 9.43 -2.28
C ALA G 163 -39.16 10.51 -3.22
N ALA G 164 -40.07 11.18 -3.94
CA ALA G 164 -39.69 12.34 -4.74
C ALA G 164 -38.93 13.37 -3.94
N LEU G 165 -39.48 13.78 -2.78
CA LEU G 165 -38.80 14.72 -1.90
C LEU G 165 -37.39 14.23 -1.54
N THR G 166 -37.28 12.94 -1.23
CA THR G 166 -35.96 12.39 -0.92
C THR G 166 -35.01 12.55 -2.08
N LYS G 167 -35.44 12.23 -3.30
CA LYS G 167 -34.57 12.41 -4.45
C LYS G 167 -34.21 13.89 -4.63
N ARG G 168 -35.19 14.78 -4.44
CA ARG G 168 -34.90 16.21 -4.57
C ARG G 168 -33.80 16.64 -3.61
N CYS G 169 -33.77 16.05 -2.42
CA CYS G 169 -32.73 16.39 -1.45
C CYS G 169 -31.39 15.73 -1.73
N GLY G 170 -31.29 14.89 -2.76
CA GLY G 170 -30.01 14.31 -3.11
C GLY G 170 -29.58 13.13 -2.29
N LEU G 171 -30.50 12.47 -1.58
CA LEU G 171 -30.18 11.23 -0.91
C LEU G 171 -30.05 10.10 -1.95
N ASP G 172 -29.45 9.00 -1.50
CA ASP G 172 -29.09 7.91 -2.42
C ASP G 172 -30.27 7.02 -2.79
N GLY G 173 -31.29 6.96 -1.94
CA GLY G 173 -32.41 6.10 -2.27
C GLY G 173 -33.41 6.07 -1.15
N VAL G 174 -34.36 5.16 -1.30
CA VAL G 174 -35.45 4.97 -0.36
C VAL G 174 -35.60 3.50 -0.01
N VAL G 175 -36.15 3.27 1.16
CA VAL G 175 -36.78 2.01 1.50
C VAL G 175 -38.19 2.05 0.94
N CYS G 176 -38.59 1.00 0.24
CA CYS G 176 -39.94 0.94 -0.28
C CYS G 176 -40.38 -0.51 -0.36
N SER G 177 -41.70 -0.71 -0.32
CA SER G 177 -42.22 -2.08 -0.36
C SER G 177 -42.08 -2.66 -1.78
N ALA G 178 -42.12 -3.99 -1.86
CA ALA G 178 -42.04 -4.64 -3.15
C ALA G 178 -43.16 -4.16 -4.06
N GLN G 179 -44.32 -3.81 -3.47
CA GLN G 179 -45.48 -3.38 -4.22
C GLN G 179 -45.29 -2.04 -4.92
N GLU G 180 -44.24 -1.28 -4.56
CA GLU G 180 -43.99 0.02 -5.16
C GLU G 180 -42.68 0.09 -5.92
N ALA G 181 -41.90 -1.00 -5.95
CA ALA G 181 -40.59 -0.96 -6.59
C ALA G 181 -40.68 -0.55 -8.04
N VAL G 182 -41.49 -1.25 -8.83
CA VAL G 182 -41.61 -0.92 -10.25
C VAL G 182 -42.03 0.54 -10.41
N ARG G 183 -43.03 0.97 -9.64
CA ARG G 183 -43.47 2.36 -9.72
C ARG G 183 -42.34 3.32 -9.45
N PHE G 184 -41.64 3.15 -8.33
CA PHE G 184 -40.59 4.11 -7.98
C PHE G 184 -39.46 4.10 -9.01
N LYS G 185 -39.08 2.92 -9.53
CA LYS G 185 -38.02 2.89 -10.55
C LYS G 185 -38.42 3.73 -11.75
N GLN G 186 -39.69 3.67 -12.15
CA GLN G 186 -40.14 4.43 -13.31
C GLN G 186 -40.24 5.92 -13.01
N GLU G 187 -40.68 6.27 -11.80
CA GLU G 187 -40.81 7.68 -11.44
C GLU G 187 -39.44 8.32 -11.25
N LEU G 188 -38.50 7.59 -10.65
CA LEU G 188 -37.32 8.20 -10.06
C LEU G 188 -36.00 7.82 -10.73
N GLY G 189 -35.99 6.89 -11.69
CA GLY G 189 -34.80 6.61 -12.44
C GLY G 189 -34.01 5.44 -11.86
N GLN G 190 -33.16 4.86 -12.72
CA GLN G 190 -32.42 3.65 -12.38
C GLN G 190 -31.39 3.90 -11.29
N GLU G 191 -30.78 5.08 -11.28
CA GLU G 191 -29.68 5.34 -10.36
C GLU G 191 -30.14 5.54 -8.92
N PHE G 192 -31.39 5.93 -8.70
CA PHE G 192 -31.92 6.08 -7.35
C PHE G 192 -32.15 4.71 -6.72
N LYS G 193 -31.48 4.44 -5.61
CA LYS G 193 -31.49 3.09 -5.02
C LYS G 193 -32.80 2.77 -4.32
N LEU G 194 -33.26 1.53 -4.50
CA LEU G 194 -34.39 1.00 -3.75
C LEU G 194 -33.91 -0.12 -2.85
N VAL G 195 -34.26 -0.01 -1.57
CA VAL G 195 -34.06 -1.05 -0.56
C VAL G 195 -35.43 -1.60 -0.21
N THR G 196 -35.62 -2.91 -0.38
CA THR G 196 -36.96 -3.49 -0.34
C THR G 196 -36.98 -4.72 0.55
N PRO G 197 -37.76 -4.72 1.63
CA PRO G 197 -38.01 -5.95 2.39
C PRO G 197 -39.19 -6.74 1.85
N GLY G 198 -39.56 -7.83 2.53
CA GLY G 198 -40.67 -8.63 2.07
C GLY G 198 -40.39 -9.50 0.86
N ILE G 199 -39.13 -9.77 0.57
CA ILE G 199 -38.75 -10.61 -0.56
C ILE G 199 -38.51 -12.03 -0.05
N ARG G 200 -39.02 -13.02 -0.79
CA ARG G 200 -39.02 -14.41 -0.34
C ARG G 200 -38.78 -15.34 -1.53
N PRO G 201 -37.78 -16.23 -1.46
CA PRO G 201 -37.60 -17.19 -2.54
C PRO G 201 -38.82 -18.10 -2.67
N THR G 202 -39.08 -18.52 -3.90
CA THR G 202 -40.13 -19.50 -4.15
C THR G 202 -39.96 -20.74 -3.29
N GLY G 203 -38.74 -21.07 -2.92
CA GLY G 203 -38.47 -22.27 -2.16
C GLY G 203 -38.45 -22.12 -0.66
N SER G 204 -39.05 -21.06 -0.12
CA SER G 204 -39.13 -20.88 1.34
C SER G 204 -40.53 -21.20 1.87
N ILE G 212 -45.65 -13.28 -1.91
CA ILE G 212 -44.65 -12.21 -1.81
C ILE G 212 -43.69 -12.22 -3.01
N MET G 213 -43.13 -11.05 -3.30
CA MET G 213 -42.14 -10.90 -4.38
C MET G 213 -40.91 -11.78 -4.15
N THR G 214 -40.47 -12.49 -5.20
CA THR G 214 -39.28 -13.34 -5.14
C THR G 214 -38.04 -12.54 -5.50
N PRO G 215 -36.84 -13.06 -5.21
CA PRO G 215 -35.64 -12.30 -5.57
C PRO G 215 -35.56 -12.01 -7.05
N GLU G 216 -35.98 -12.97 -7.90
CA GLU G 216 -35.93 -12.74 -9.34
C GLU G 216 -36.88 -11.61 -9.75
N GLN G 217 -38.09 -11.59 -9.20
CA GLN G 217 -39.02 -10.50 -9.48
C GLN G 217 -38.44 -9.14 -9.04
N ALA G 218 -37.97 -9.07 -7.79
CA ALA G 218 -37.31 -7.87 -7.30
C ALA G 218 -36.20 -7.42 -8.23
N GLN G 219 -35.45 -8.37 -8.80
CA GLN G 219 -34.36 -8.01 -9.70
C GLN G 219 -34.92 -7.38 -10.98
N GLN G 220 -35.97 -7.98 -11.55
CA GLN G 220 -36.54 -7.42 -12.77
C GLN G 220 -37.26 -6.12 -12.50
N ALA G 221 -37.72 -5.92 -11.26
CA ALA G 221 -38.33 -4.66 -10.89
C ALA G 221 -37.29 -3.55 -10.73
N GLY G 222 -36.01 -3.90 -10.61
CA GLY G 222 -34.96 -2.93 -10.44
C GLY G 222 -34.52 -2.72 -9.00
N VAL G 223 -35.16 -3.42 -8.06
CA VAL G 223 -34.72 -3.40 -6.67
C VAL G 223 -33.22 -3.54 -6.60
N ASP G 224 -32.60 -2.68 -5.82
CA ASP G 224 -31.16 -2.68 -5.72
C ASP G 224 -30.67 -3.54 -4.56
N TYR G 225 -31.29 -3.39 -3.40
CA TYR G 225 -30.92 -4.18 -2.24
C TYR G 225 -32.17 -4.82 -1.66
N MET G 226 -32.11 -6.13 -1.53
CA MET G 226 -33.24 -6.96 -1.14
C MET G 226 -33.02 -7.38 0.30
N VAL G 227 -33.90 -6.93 1.16
CA VAL G 227 -33.80 -7.29 2.57
C VAL G 227 -34.64 -8.55 2.78
N ILE G 228 -34.02 -9.56 3.37
CA ILE G 228 -34.61 -10.88 3.51
C ILE G 228 -34.41 -11.30 4.96
N GLY G 229 -35.49 -11.67 5.62
CA GLY G 229 -35.42 -12.05 7.01
C GLY G 229 -35.59 -13.54 7.29
N ARG G 230 -36.78 -13.91 7.76
CA ARG G 230 -36.99 -15.27 8.23
C ARG G 230 -36.67 -16.33 7.18
N PRO G 231 -36.84 -16.08 5.87
CA PRO G 231 -36.41 -17.09 4.89
C PRO G 231 -34.96 -17.50 5.03
N VAL G 232 -34.08 -16.57 5.38
CA VAL G 232 -32.69 -16.94 5.63
C VAL G 232 -32.47 -17.31 7.09
N THR G 233 -32.94 -16.49 8.04
CA THR G 233 -32.56 -16.72 9.43
C THR G 233 -33.25 -17.92 10.05
N GLN G 234 -34.38 -18.37 9.49
CA GLN G 234 -35.05 -19.57 9.97
C GLN G 234 -34.83 -20.79 9.09
N SER G 235 -33.94 -20.71 8.09
CA SER G 235 -33.68 -21.87 7.24
C SER G 235 -32.71 -22.84 7.90
N ALA G 236 -32.88 -24.12 7.59
CA ALA G 236 -32.00 -25.12 8.18
C ALA G 236 -30.58 -24.99 7.68
N ASP G 237 -30.39 -24.57 6.43
CA ASP G 237 -29.06 -24.41 5.84
C ASP G 237 -28.97 -23.00 5.27
N PRO G 238 -28.77 -21.98 6.12
CA PRO G 238 -28.67 -20.61 5.60
C PRO G 238 -27.63 -20.48 4.51
N VAL G 239 -26.51 -21.17 4.64
CA VAL G 239 -25.52 -21.15 3.57
C VAL G 239 -26.16 -21.61 2.26
N ALA G 240 -27.03 -22.63 2.33
CA ALA G 240 -27.62 -23.16 1.11
C ALA G 240 -28.70 -22.24 0.57
N THR G 241 -29.55 -21.73 1.46
CA THR G 241 -30.57 -20.78 1.05
C THR G 241 -29.94 -19.59 0.32
N LEU G 242 -28.85 -19.04 0.86
CA LEU G 242 -28.24 -17.86 0.26
C LEU G 242 -27.61 -18.19 -1.08
N ALA G 243 -26.92 -19.33 -1.17
CA ALA G 243 -26.30 -19.72 -2.43
C ALA G 243 -27.36 -19.83 -3.52
N SER G 244 -28.48 -20.43 -3.19
CA SER G 244 -29.55 -20.54 -4.17
C SER G 244 -30.05 -19.17 -4.60
N ILE G 245 -30.27 -18.26 -3.64
CA ILE G 245 -30.73 -16.92 -3.99
C ILE G 245 -29.71 -16.24 -4.90
N ASN G 246 -28.43 -16.27 -4.52
CA ASN G 246 -27.42 -15.58 -5.31
C ASN G 246 -27.22 -16.26 -6.67
N ALA G 247 -27.31 -17.59 -6.72
CA ALA G 247 -27.24 -18.29 -8.01
C ALA G 247 -28.35 -17.81 -8.93
N SER G 248 -29.58 -17.73 -8.42
CA SER G 248 -30.71 -17.37 -9.27
C SER G 248 -30.59 -15.96 -9.82
N LEU G 249 -29.95 -15.07 -9.07
CA LEU G 249 -29.71 -13.70 -9.54
C LEU G 249 -28.48 -13.58 -10.42
N ASN G 250 -27.65 -14.62 -10.52
CA ASN G 250 -26.40 -14.60 -11.27
C ASN G 250 -25.38 -13.72 -10.55
N ILE H 20 -35.04 9.53 44.26
CA ILE H 20 -36.06 10.00 43.28
C ILE H 20 -36.32 11.48 43.52
N THR H 21 -35.89 12.33 42.58
CA THR H 21 -35.92 13.77 42.77
C THR H 21 -37.31 14.35 42.52
N SER H 22 -37.59 15.46 43.20
CA SER H 22 -38.83 16.20 42.99
C SER H 22 -38.69 17.26 41.90
N SER H 23 -37.48 17.63 41.55
CA SER H 23 -37.28 18.63 40.52
C SER H 23 -37.88 18.16 39.19
N PRO H 24 -38.44 19.07 38.39
CA PRO H 24 -38.85 18.74 37.02
C PRO H 24 -37.82 19.03 35.94
N VAL H 25 -36.55 19.29 36.30
CA VAL H 25 -35.53 19.61 35.32
C VAL H 25 -34.88 18.32 34.82
N VAL H 26 -34.75 18.20 33.50
CA VAL H 26 -34.01 17.10 32.88
C VAL H 26 -32.90 17.74 32.07
N VAL H 27 -31.65 17.39 32.37
CA VAL H 27 -30.51 18.02 31.73
C VAL H 27 -30.10 17.23 30.49
N ALA H 28 -30.01 17.90 29.35
CA ALA H 28 -29.68 17.24 28.09
C ALA H 28 -28.18 17.03 28.01
N LEU H 29 -27.77 15.77 27.91
CA LEU H 29 -26.38 15.38 27.68
C LEU H 29 -26.16 15.22 26.19
N ASP H 30 -25.56 16.22 25.56
CA ASP H 30 -25.36 16.22 24.11
C ASP H 30 -23.88 16.19 23.75
N TYR H 31 -23.08 15.58 24.60
CA TYR H 31 -21.64 15.54 24.39
C TYR H 31 -21.29 14.52 23.31
N ASP H 32 -20.15 14.73 22.66
CA ASP H 32 -19.62 13.76 21.73
C ASP H 32 -18.49 12.94 22.36
N ASN H 33 -18.28 13.08 23.67
CA ASN H 33 -17.18 12.42 24.36
C ASN H 33 -17.69 11.85 25.67
N ARG H 34 -17.53 10.54 25.84
CA ARG H 34 -17.96 9.89 27.08
C ARG H 34 -17.32 10.52 28.31
N ASP H 35 -16.06 10.92 28.19
CA ASP H 35 -15.32 11.42 29.36
C ASP H 35 -15.76 12.83 29.74
N LYS H 36 -15.90 13.72 28.76
CA LYS H 36 -16.42 15.05 29.03
C LYS H 36 -17.83 15.00 29.63
N ALA H 37 -18.58 13.92 29.37
CA ALA H 37 -19.93 13.81 29.89
C ALA H 37 -19.94 13.32 31.33
N LEU H 38 -19.09 12.34 31.67
CA LEU H 38 -18.97 11.92 33.06
C LEU H 38 -18.24 12.95 33.90
N ALA H 39 -17.39 13.77 33.27
CA ALA H 39 -16.85 14.93 33.96
C ALA H 39 -17.98 15.80 34.47
N PHE H 40 -18.88 16.19 33.58
CA PHE H 40 -20.03 17.00 33.98
C PHE H 40 -20.85 16.28 35.05
N VAL H 41 -21.27 15.04 34.76
CA VAL H 41 -22.23 14.36 35.63
C VAL H 41 -21.67 14.18 37.04
N GLU H 42 -20.35 13.92 37.13
CA GLU H 42 -19.74 13.72 38.44
C GLU H 42 -19.92 14.95 39.32
N ARG H 43 -19.88 16.15 38.72
CA ARG H 43 -20.10 17.39 39.47
C ARG H 43 -21.46 17.39 40.17
N ILE H 44 -22.53 17.17 39.39
CA ILE H 44 -23.89 17.34 39.88
C ILE H 44 -24.36 16.08 40.60
N ASP H 45 -25.63 16.06 40.99
CA ASP H 45 -26.17 15.13 42.00
C ASP H 45 -27.56 14.69 41.54
N PRO H 46 -27.88 13.39 41.60
CA PRO H 46 -29.18 12.94 41.10
C PRO H 46 -30.37 13.47 41.90
N ARG H 47 -30.14 14.07 43.08
CA ARG H 47 -31.25 14.71 43.78
C ARG H 47 -31.68 16.00 43.10
N ASP H 48 -30.80 16.64 42.32
CA ASP H 48 -31.05 17.94 41.71
C ASP H 48 -31.72 17.89 40.33
N CYS H 49 -31.69 16.75 39.63
CA CYS H 49 -32.16 16.73 38.25
C CYS H 49 -32.09 15.32 37.69
N ARG H 50 -32.79 15.14 36.57
CA ARG H 50 -32.65 13.95 35.74
C ARG H 50 -31.86 14.30 34.49
N LEU H 51 -31.46 13.26 33.75
CA LEU H 51 -30.59 13.40 32.59
C LEU H 51 -31.29 12.84 31.36
N LYS H 52 -30.99 13.42 30.20
CA LYS H 52 -31.54 12.97 28.93
C LYS H 52 -30.40 12.50 28.03
N VAL H 53 -30.46 11.24 27.64
CA VAL H 53 -29.55 10.70 26.63
C VAL H 53 -30.29 10.67 25.31
N GLY H 54 -29.71 11.33 24.31
CA GLY H 54 -30.30 11.40 22.99
C GLY H 54 -29.55 10.58 21.95
N LYS H 55 -29.89 10.83 20.70
CA LYS H 55 -29.39 10.00 19.61
C LYS H 55 -27.87 10.03 19.53
N GLU H 56 -27.26 11.22 19.72
CA GLU H 56 -25.84 11.35 19.44
C GLU H 56 -24.99 10.61 20.47
N MET H 57 -25.36 10.70 21.74
CA MET H 57 -24.64 9.92 22.75
C MET H 57 -24.99 8.43 22.66
N PHE H 58 -26.24 8.09 22.32
CA PHE H 58 -26.59 6.68 22.28
C PHE H 58 -25.94 5.98 21.10
N THR H 59 -25.88 6.64 19.94
CA THR H 59 -25.26 6.04 18.77
C THR H 59 -23.76 5.88 18.96
N LEU H 60 -23.17 6.59 19.91
CA LEU H 60 -21.73 6.50 20.15
C LEU H 60 -21.40 5.59 21.31
N LEU H 61 -22.24 5.52 22.35
CA LEU H 61 -21.92 4.76 23.55
C LEU H 61 -22.81 3.55 23.77
N GLY H 62 -24.08 3.60 23.37
CA GLY H 62 -24.95 2.46 23.54
C GLY H 62 -25.52 2.40 24.94
N PRO H 63 -26.24 1.31 25.22
CA PRO H 63 -26.96 1.24 26.51
C PRO H 63 -26.03 1.23 27.71
N GLN H 64 -24.75 0.89 27.55
CA GLN H 64 -23.87 0.87 28.72
C GLN H 64 -23.82 2.25 29.38
N PHE H 65 -23.74 3.32 28.58
CA PHE H 65 -23.75 4.68 29.12
C PHE H 65 -24.98 4.93 29.98
N VAL H 66 -26.13 4.39 29.57
CA VAL H 66 -27.33 4.54 30.38
C VAL H 66 -27.18 3.81 31.71
N ARG H 67 -26.52 2.65 31.71
CA ARG H 67 -26.32 1.93 32.96
C ARG H 67 -25.38 2.68 33.89
N ASP H 68 -24.39 3.39 33.35
CA ASP H 68 -23.45 4.13 34.18
C ASP H 68 -24.14 5.31 34.86
N LEU H 69 -25.00 6.02 34.13
CA LEU H 69 -25.81 7.07 34.75
C LEU H 69 -26.73 6.47 35.79
N HIS H 70 -27.29 5.29 35.50
CA HIS H 70 -28.02 4.54 36.51
C HIS H 70 -27.13 4.22 37.70
N GLN H 71 -25.85 3.93 37.44
CA GLN H 71 -24.91 3.61 38.52
C GLN H 71 -24.69 4.80 39.44
N ARG H 72 -24.60 6.00 38.88
CA ARG H 72 -24.38 7.24 39.64
C ARG H 72 -25.66 7.80 40.23
N GLY H 73 -26.80 7.14 40.01
CA GLY H 73 -28.03 7.42 40.72
C GLY H 73 -29.10 8.20 39.97
N PHE H 74 -28.89 8.53 38.71
CA PHE H 74 -29.82 9.39 38.00
C PHE H 74 -30.96 8.59 37.38
N GLU H 75 -32.14 9.20 37.35
CA GLU H 75 -33.21 8.75 36.47
C GLU H 75 -33.02 9.40 35.10
N VAL H 76 -33.23 8.60 34.04
CA VAL H 76 -32.79 8.95 32.69
C VAL H 76 -33.98 9.05 31.74
N PHE H 77 -33.86 9.95 30.77
CA PHE H 77 -34.83 10.16 29.71
C PHE H 77 -34.11 9.72 28.44
N LEU H 78 -34.44 8.52 27.96
CA LEU H 78 -33.84 8.00 26.73
C LEU H 78 -34.61 8.62 25.57
N ASP H 79 -34.01 9.62 24.93
CA ASP H 79 -34.65 10.41 23.88
C ASP H 79 -34.19 9.90 22.52
N LEU H 80 -34.81 8.82 22.08
CA LEU H 80 -34.48 8.23 20.80
C LEU H 80 -35.59 8.36 19.77
N LYS H 81 -36.76 8.85 20.18
CA LYS H 81 -37.83 9.14 19.24
C LYS H 81 -38.08 7.96 18.28
N PHE H 82 -38.35 6.79 18.86
CA PHE H 82 -38.61 5.59 18.08
C PHE H 82 -39.71 5.82 17.06
N HIS H 83 -39.47 5.43 15.81
CA HIS H 83 -40.48 5.59 14.75
C HIS H 83 -40.28 4.45 13.77
N ASP H 84 -41.08 3.39 13.94
CA ASP H 84 -40.94 2.19 13.13
C ASP H 84 -42.29 1.51 13.10
N ILE H 85 -42.34 0.34 12.47
CA ILE H 85 -43.61 -0.39 12.41
C ILE H 85 -43.97 -0.78 13.84
N PRO H 86 -45.24 -1.06 14.13
CA PRO H 86 -45.66 -1.19 15.54
C PRO H 86 -44.95 -2.29 16.29
N ASN H 87 -44.61 -3.40 15.63
CA ASN H 87 -43.98 -4.49 16.36
C ASN H 87 -42.51 -4.21 16.67
N THR H 88 -41.78 -3.55 15.75
CA THR H 88 -40.39 -3.18 16.05
C THR H 88 -40.33 -2.10 17.11
N THR H 89 -41.24 -1.14 17.07
CA THR H 89 -41.23 -0.08 18.07
C THR H 89 -41.56 -0.64 19.46
N ALA H 90 -42.45 -1.62 19.52
CA ALA H 90 -42.76 -2.22 20.81
C ALA H 90 -41.54 -2.95 21.36
N ARG H 91 -40.76 -3.60 20.49
CA ARG H 91 -39.55 -4.28 20.93
C ARG H 91 -38.53 -3.30 21.48
N ALA H 92 -38.29 -2.19 20.75
CA ALA H 92 -37.34 -1.19 21.22
C ALA H 92 -37.82 -0.57 22.53
N VAL H 93 -39.13 -0.33 22.65
CA VAL H 93 -39.66 0.26 23.88
C VAL H 93 -39.47 -0.70 25.04
N ALA H 94 -39.69 -1.99 24.81
CA ALA H 94 -39.41 -2.99 25.84
C ALA H 94 -37.95 -2.97 26.24
N ALA H 95 -37.04 -2.96 25.26
CA ALA H 95 -35.61 -2.91 25.56
C ALA H 95 -35.24 -1.71 26.41
N ALA H 96 -35.87 -0.55 26.13
CA ALA H 96 -35.63 0.62 26.95
C ALA H 96 -36.12 0.40 28.37
N ALA H 97 -37.28 -0.25 28.53
CA ALA H 97 -37.82 -0.49 29.87
C ALA H 97 -36.99 -1.48 30.65
N GLU H 98 -36.42 -2.49 29.98
CA GLU H 98 -35.50 -3.40 30.65
C GLU H 98 -34.21 -2.70 31.05
N LEU H 99 -33.87 -1.61 30.36
CA LEU H 99 -32.71 -0.81 30.72
C LEU H 99 -32.94 -0.07 32.03
N GLY H 100 -34.18 0.03 32.46
CA GLY H 100 -34.54 0.77 33.65
C GLY H 100 -34.81 2.24 33.47
N VAL H 101 -34.90 2.72 32.22
CA VAL H 101 -35.00 4.16 32.02
C VAL H 101 -36.32 4.67 32.57
N TRP H 102 -36.32 5.94 32.91
CA TRP H 102 -37.48 6.54 33.54
C TRP H 102 -38.44 7.13 32.53
N MET H 103 -37.97 7.50 31.35
CA MET H 103 -38.81 8.00 30.28
C MET H 103 -38.24 7.54 28.93
N VAL H 104 -39.11 7.42 27.94
CA VAL H 104 -38.75 7.01 26.59
C VAL H 104 -39.79 7.65 25.67
N ASN H 105 -39.38 8.12 24.49
CA ASN H 105 -40.32 8.73 23.57
C ASN H 105 -40.40 8.00 22.23
N VAL H 106 -41.53 8.23 21.54
CA VAL H 106 -41.84 7.67 20.22
C VAL H 106 -42.43 8.81 19.40
N HIS H 107 -42.48 8.63 18.08
CA HIS H 107 -43.13 9.60 17.21
C HIS H 107 -44.62 9.29 17.10
N ALA H 108 -45.45 10.26 17.49
CA ALA H 108 -46.89 10.20 17.22
C ALA H 108 -47.17 10.01 15.73
N SER H 109 -46.27 10.52 14.87
CA SER H 109 -46.42 10.35 13.43
C SER H 109 -46.36 8.91 13.00
N GLY H 110 -45.83 8.02 13.84
CA GLY H 110 -45.87 6.61 13.49
C GLY H 110 -47.26 5.99 13.55
N GLY H 111 -48.24 6.70 14.11
CA GLY H 111 -49.63 6.30 14.01
C GLY H 111 -50.15 5.65 15.28
N ALA H 112 -51.48 5.52 15.31
CA ALA H 112 -52.16 5.04 16.52
C ALA H 112 -51.77 3.61 16.85
N ARG H 113 -51.66 2.75 15.83
CA ARG H 113 -51.32 1.37 16.10
C ARG H 113 -49.90 1.24 16.65
N MET H 114 -48.97 2.06 16.18
CA MET H 114 -47.62 2.00 16.72
C MET H 114 -47.61 2.47 18.17
N MET H 115 -48.30 3.57 18.46
CA MET H 115 -48.32 4.04 19.84
C MET H 115 -48.96 2.98 20.74
N THR H 116 -50.07 2.39 20.30
CA THR H 116 -50.74 1.34 21.10
C THR H 116 -49.83 0.16 21.34
N ALA H 117 -49.15 -0.33 20.28
CA ALA H 117 -48.26 -1.46 20.46
C ALA H 117 -47.13 -1.14 21.44
N ALA H 118 -46.79 0.14 21.55
CA ALA H 118 -45.75 0.56 22.48
C ALA H 118 -46.28 0.67 23.90
N ARG H 119 -47.46 1.26 24.07
CA ARG H 119 -48.10 1.25 25.39
C ARG H 119 -48.27 -0.17 25.89
N GLU H 120 -48.65 -1.08 24.99
CA GLU H 120 -48.93 -2.46 25.40
C GLU H 120 -47.65 -3.17 25.82
N ALA H 121 -46.54 -2.92 25.14
CA ALA H 121 -45.29 -3.58 25.51
C ALA H 121 -44.69 -3.04 26.80
N LEU H 122 -45.30 -2.04 27.44
CA LEU H 122 -44.83 -1.58 28.75
C LEU H 122 -45.64 -2.13 29.92
N LEU H 123 -46.89 -2.53 29.71
CA LEU H 123 -47.74 -3.01 30.81
C LEU H 123 -47.05 -4.02 31.72
N PRO H 124 -46.24 -4.96 31.24
CA PRO H 124 -45.57 -5.89 32.19
C PRO H 124 -44.72 -5.18 33.22
N PHE H 125 -43.86 -4.27 32.79
CA PHE H 125 -42.97 -3.54 33.71
C PHE H 125 -43.74 -2.66 34.69
N GLY H 126 -45.06 -2.51 34.53
CA GLY H 126 -45.87 -1.84 35.52
C GLY H 126 -45.35 -0.48 35.90
N LYS H 127 -45.33 -0.20 37.21
CA LYS H 127 -44.80 1.07 37.68
C LYS H 127 -43.31 1.19 37.37
N GLU H 128 -42.58 0.08 37.39
CA GLU H 128 -41.19 0.08 36.95
C GLU H 128 -41.07 0.17 35.43
N ALA H 129 -42.01 0.88 34.78
CA ALA H 129 -42.02 1.08 33.34
C ALA H 129 -41.71 2.54 33.02
N PRO H 130 -40.86 2.81 32.03
CA PRO H 130 -40.66 4.20 31.59
C PRO H 130 -41.99 4.89 31.36
N LEU H 131 -42.02 6.18 31.65
CA LEU H 131 -43.10 7.00 31.09
C LEU H 131 -42.96 6.98 29.57
N LEU H 132 -44.09 6.97 28.87
CA LEU H 132 -44.14 6.86 27.42
C LEU H 132 -44.70 8.14 26.88
N ILE H 133 -43.82 8.98 26.30
CA ILE H 133 -44.18 10.27 25.76
C ILE H 133 -44.11 10.19 24.23
N ALA H 134 -44.96 10.95 23.54
CA ALA H 134 -44.94 11.03 22.10
C ALA H 134 -44.43 12.40 21.66
N VAL H 135 -43.47 12.39 20.74
CA VAL H 135 -43.18 13.60 19.97
C VAL H 135 -44.31 13.81 18.99
N THR H 136 -44.77 15.05 18.87
CA THR H 136 -45.85 15.34 17.93
C THR H 136 -45.23 15.99 16.71
N VAL H 137 -45.10 17.30 16.75
CA VAL H 137 -44.37 18.04 15.73
C VAL H 137 -43.05 18.46 16.35
N LEU H 138 -41.96 18.08 15.70
CA LEU H 138 -40.64 18.48 16.19
C LEU H 138 -40.58 19.99 16.35
N THR H 139 -39.84 20.44 17.35
CA THR H 139 -39.74 21.88 17.60
C THR H 139 -38.98 22.63 16.50
N SER H 140 -38.33 21.90 15.59
CA SER H 140 -37.60 22.52 14.49
C SER H 140 -38.43 22.63 13.21
N MET H 141 -39.70 22.22 13.24
CA MET H 141 -40.53 22.16 12.05
C MET H 141 -41.31 23.45 11.90
N GLU H 142 -41.08 24.16 10.78
CA GLU H 142 -41.81 25.37 10.45
C GLU H 142 -42.77 25.08 9.29
N ALA H 143 -43.57 26.09 8.95
CA ALA H 143 -44.69 25.91 8.03
C ALA H 143 -44.26 25.19 6.76
N SER H 144 -43.16 25.65 6.16
CA SER H 144 -42.75 25.14 4.85
C SER H 144 -42.24 23.71 4.94
N ASP H 145 -41.71 23.32 6.11
CA ASP H 145 -41.30 21.94 6.32
C ASP H 145 -42.49 20.99 6.17
N LEU H 146 -43.64 21.37 6.73
CA LEU H 146 -44.83 20.51 6.70
C LEU H 146 -45.51 20.53 5.34
N GLN H 147 -45.44 21.64 4.63
CA GLN H 147 -46.05 21.71 3.30
C GLN H 147 -45.50 20.62 2.39
N ASP H 148 -44.18 20.45 2.38
CA ASP H 148 -43.59 19.41 1.54
C ASP H 148 -44.23 18.05 1.80
N LEU H 149 -44.73 17.82 3.02
CA LEU H 149 -45.16 16.49 3.43
C LEU H 149 -46.64 16.22 3.22
N GLY H 150 -47.38 17.15 2.62
CA GLY H 150 -48.81 16.96 2.47
C GLY H 150 -49.63 17.33 3.68
N ILE H 151 -49.05 18.08 4.61
CA ILE H 151 -49.72 18.55 5.82
C ILE H 151 -49.90 20.05 5.69
N MET H 152 -51.16 20.49 5.68
CA MET H 152 -51.47 21.92 5.54
C MET H 152 -51.82 22.57 6.87
N LEU H 153 -52.23 21.79 7.87
CA LEU H 153 -52.48 22.33 9.20
C LEU H 153 -51.24 23.10 9.65
N SER H 154 -51.37 23.92 10.67
CA SER H 154 -50.23 24.64 11.18
C SER H 154 -49.41 23.72 12.07
N PRO H 155 -48.13 24.03 12.28
CA PRO H 155 -47.35 23.24 13.26
C PRO H 155 -48.07 23.06 14.58
N ALA H 156 -48.68 24.14 15.09
CA ALA H 156 -49.38 24.05 16.36
C ALA H 156 -50.63 23.18 16.24
N ASP H 157 -51.42 23.37 15.18
CA ASP H 157 -52.64 22.58 15.09
C ASP H 157 -52.35 21.13 14.74
N HIS H 158 -51.36 20.87 13.87
CA HIS H 158 -51.02 19.46 13.61
C HIS H 158 -50.50 18.80 14.87
N ALA H 159 -49.74 19.55 15.69
CA ALA H 159 -49.28 19.01 16.97
C ALA H 159 -50.45 18.66 17.88
N ALA H 160 -51.41 19.59 18.02
CA ALA H 160 -52.57 19.31 18.86
C ALA H 160 -53.34 18.10 18.35
N LYS H 161 -53.43 17.95 17.02
CA LYS H 161 -54.04 16.75 16.45
C LYS H 161 -53.30 15.51 16.93
N LEU H 162 -51.97 15.49 16.78
CA LEU H 162 -51.21 14.31 17.19
C LEU H 162 -51.21 14.16 18.70
N ALA H 163 -51.14 15.25 19.45
CA ALA H 163 -51.28 15.15 20.90
C ALA H 163 -52.62 14.49 21.25
N ALA H 164 -53.71 15.01 20.70
CA ALA H 164 -55.01 14.37 20.89
C ALA H 164 -54.95 12.88 20.56
N LEU H 165 -54.26 12.50 19.49
CA LEU H 165 -54.17 11.08 19.11
C LEU H 165 -53.41 10.29 20.15
N THR H 166 -52.38 10.90 20.76
CA THR H 166 -51.56 10.22 21.75
C THR H 166 -52.36 9.91 23.01
N LYS H 167 -53.17 10.87 23.47
CA LYS H 167 -54.02 10.64 24.64
C LYS H 167 -55.00 9.50 24.39
N ARG H 168 -55.63 9.47 23.20
CA ARG H 168 -56.56 8.37 22.90
C ARG H 168 -55.89 7.01 23.01
N CYS H 169 -54.63 6.89 22.60
CA CYS H 169 -53.93 5.62 22.71
C CYS H 169 -53.46 5.32 24.13
N GLY H 170 -53.73 6.21 25.08
CA GLY H 170 -53.38 5.97 26.47
C GLY H 170 -51.92 6.13 26.80
N LEU H 171 -51.20 6.97 26.06
CA LEU H 171 -49.81 7.21 26.36
C LEU H 171 -49.67 8.25 27.46
N ASP H 172 -48.52 8.23 28.14
CA ASP H 172 -48.36 9.02 29.34
C ASP H 172 -48.34 10.52 29.05
N GLY H 173 -47.90 10.93 27.86
CA GLY H 173 -47.85 12.35 27.56
C GLY H 173 -47.21 12.65 26.22
N VAL H 174 -46.86 13.93 26.03
CA VAL H 174 -46.29 14.43 24.79
C VAL H 174 -45.19 15.45 25.05
N VAL H 175 -44.25 15.54 24.10
CA VAL H 175 -43.33 16.66 24.02
C VAL H 175 -44.05 17.82 23.34
N CYS H 176 -43.90 19.01 23.89
CA CYS H 176 -44.52 20.19 23.28
C CYS H 176 -43.72 21.42 23.65
N SER H 177 -43.46 22.26 22.66
CA SER H 177 -42.78 23.53 22.91
C SER H 177 -43.63 24.39 23.85
N ALA H 178 -42.94 25.18 24.68
CA ALA H 178 -43.64 25.93 25.71
C ALA H 178 -44.67 26.89 25.12
N GLN H 179 -44.56 27.23 23.83
CA GLN H 179 -45.54 28.12 23.20
C GLN H 179 -46.94 27.55 23.32
N GLU H 180 -47.18 26.40 22.70
CA GLU H 180 -48.47 25.70 22.80
C GLU H 180 -48.52 24.88 24.09
N ALA H 181 -48.31 25.57 25.22
CA ALA H 181 -48.22 24.94 26.54
C ALA H 181 -49.51 25.01 27.34
N VAL H 182 -50.13 26.19 27.44
CA VAL H 182 -51.40 26.32 28.16
C VAL H 182 -52.52 25.67 27.36
N ARG H 183 -52.49 25.83 26.04
CA ARG H 183 -53.48 25.19 25.19
C ARG H 183 -53.64 23.70 25.50
N PHE H 184 -52.53 22.95 25.53
CA PHE H 184 -52.65 21.50 25.65
C PHE H 184 -53.06 21.07 27.04
N LYS H 185 -52.90 21.93 28.05
CA LYS H 185 -53.37 21.56 29.38
C LYS H 185 -54.89 21.73 29.47
N GLN H 186 -55.42 22.83 28.93
CA GLN H 186 -56.86 22.97 28.80
C GLN H 186 -57.45 21.73 28.14
N GLU H 187 -56.97 21.41 26.93
CA GLU H 187 -57.64 20.45 26.04
C GLU H 187 -57.41 18.99 26.45
N LEU H 188 -56.25 18.66 27.05
CA LEU H 188 -55.96 17.28 27.44
C LEU H 188 -55.90 17.08 28.95
N GLY H 189 -55.95 18.14 29.75
CA GLY H 189 -56.03 18.00 31.18
C GLY H 189 -54.68 18.10 31.88
N GLN H 190 -54.68 17.65 33.14
CA GLN H 190 -53.52 17.78 34.03
C GLN H 190 -52.79 16.47 34.29
N GLU H 191 -53.49 15.33 34.24
CA GLU H 191 -52.82 14.04 34.37
C GLU H 191 -51.89 13.73 33.20
N PHE H 192 -52.00 14.48 32.09
CA PHE H 192 -51.31 14.15 30.84
C PHE H 192 -50.02 14.98 30.78
N LYS H 193 -48.88 14.28 30.89
CA LYS H 193 -47.59 14.94 31.08
C LYS H 193 -47.15 15.73 29.85
N LEU H 194 -46.71 16.96 30.08
CA LEU H 194 -46.11 17.83 29.07
C LEU H 194 -44.62 17.98 29.32
N VAL H 195 -43.81 17.53 28.35
CA VAL H 195 -42.36 17.67 28.35
C VAL H 195 -42.01 18.72 27.30
N THR H 196 -41.25 19.75 27.70
CA THR H 196 -40.95 20.85 26.78
C THR H 196 -39.45 21.11 26.74
N PRO H 197 -38.83 21.13 25.57
CA PRO H 197 -37.40 21.54 25.51
C PRO H 197 -37.27 23.05 25.42
N GLY H 198 -36.05 23.52 25.18
CA GLY H 198 -35.83 24.96 24.97
C GLY H 198 -36.33 25.87 26.08
N ILE H 199 -36.41 25.37 27.30
CA ILE H 199 -36.61 26.27 28.44
C ILE H 199 -35.26 26.90 28.75
N ARG H 200 -35.23 28.23 28.84
CA ARG H 200 -34.02 28.99 29.09
C ARG H 200 -34.13 29.69 30.43
N PRO H 201 -33.16 29.54 31.34
CA PRO H 201 -33.25 30.20 32.64
C PRO H 201 -33.12 31.71 32.51
N THR H 202 -33.58 32.41 33.54
CA THR H 202 -33.41 33.86 33.64
C THR H 202 -31.93 34.23 33.58
N ILE H 212 -38.45 32.62 24.25
CA ILE H 212 -38.62 31.32 24.86
C ILE H 212 -39.37 31.48 26.18
N MET H 213 -39.22 30.51 27.08
CA MET H 213 -39.92 30.49 28.34
C MET H 213 -38.94 30.20 29.47
N THR H 214 -39.10 30.90 30.58
CA THR H 214 -38.28 30.64 31.76
C THR H 214 -38.83 29.44 32.53
N PRO H 215 -38.01 28.78 33.34
CA PRO H 215 -38.53 27.64 34.12
C PRO H 215 -39.73 27.98 34.97
N GLU H 216 -39.80 29.20 35.49
CA GLU H 216 -40.96 29.61 36.29
C GLU H 216 -42.20 29.73 35.42
N GLN H 217 -42.12 30.50 34.33
CA GLN H 217 -43.24 30.62 33.40
C GLN H 217 -43.70 29.24 32.90
N ALA H 218 -42.76 28.33 32.64
CA ALA H 218 -43.12 26.99 32.18
C ALA H 218 -43.97 26.27 33.20
N GLN H 219 -43.49 26.18 34.45
CA GLN H 219 -44.29 25.69 35.56
C GLN H 219 -45.68 26.34 35.54
N GLN H 220 -45.73 27.65 35.32
CA GLN H 220 -47.01 28.35 35.34
C GLN H 220 -47.85 28.00 34.12
N ALA H 221 -47.20 27.78 32.97
CA ALA H 221 -47.93 27.31 31.80
C ALA H 221 -48.52 25.93 32.03
N GLY H 222 -47.93 25.13 32.91
CA GLY H 222 -48.36 23.77 33.19
C GLY H 222 -47.35 22.69 32.82
N VAL H 223 -46.18 23.07 32.30
CA VAL H 223 -45.17 22.09 31.94
C VAL H 223 -44.83 21.23 33.15
N ASP H 224 -44.71 19.92 32.89
CA ASP H 224 -44.43 18.92 33.91
C ASP H 224 -42.94 18.63 34.06
N TYR H 225 -42.23 18.45 32.94
CA TYR H 225 -40.80 18.23 32.93
C TYR H 225 -40.15 19.16 31.90
N MET H 226 -39.03 19.77 32.28
CA MET H 226 -38.38 20.81 31.48
C MET H 226 -36.99 20.33 31.07
N VAL H 227 -36.75 20.24 29.77
CA VAL H 227 -35.44 19.83 29.26
C VAL H 227 -34.58 21.06 29.07
N ILE H 228 -33.45 21.12 29.76
CA ILE H 228 -32.54 22.24 29.68
C ILE H 228 -31.16 21.71 29.31
N GLY H 229 -30.57 22.32 28.29
CA GLY H 229 -29.27 21.91 27.81
C GLY H 229 -28.15 22.84 28.22
N ARG H 230 -27.67 23.64 27.26
CA ARG H 230 -26.43 24.39 27.45
C ARG H 230 -26.44 25.32 28.66
N PRO H 231 -27.54 25.99 29.01
CA PRO H 231 -27.53 26.79 30.24
C PRO H 231 -26.93 26.07 31.44
N VAL H 232 -27.11 24.76 31.53
CA VAL H 232 -26.55 23.97 32.63
C VAL H 232 -25.23 23.32 32.25
N THR H 233 -25.14 22.71 31.07
CA THR H 233 -23.95 21.95 30.72
C THR H 233 -22.75 22.83 30.39
N GLN H 234 -22.98 24.03 29.85
CA GLN H 234 -21.89 24.94 29.52
C GLN H 234 -21.69 25.99 30.61
N SER H 235 -22.52 25.94 31.65
CA SER H 235 -22.35 26.86 32.76
C SER H 235 -21.06 26.56 33.51
N ALA H 236 -20.53 27.59 34.16
CA ALA H 236 -19.28 27.47 34.89
C ALA H 236 -19.46 26.68 36.19
N ASP H 237 -20.61 26.82 36.85
CA ASP H 237 -20.89 26.16 38.13
C ASP H 237 -22.27 25.49 38.06
N PRO H 238 -22.41 24.41 37.28
CA PRO H 238 -23.74 23.83 37.04
C PRO H 238 -24.51 23.47 38.30
N VAL H 239 -23.83 23.22 39.42
CA VAL H 239 -24.56 22.90 40.64
C VAL H 239 -25.33 24.12 41.12
N ALA H 240 -24.74 25.31 40.96
CA ALA H 240 -25.42 26.53 41.37
C ALA H 240 -26.49 26.93 40.37
N THR H 241 -26.24 26.71 39.06
CA THR H 241 -27.30 26.93 38.08
C THR H 241 -28.51 26.07 38.41
N LEU H 242 -28.29 24.75 38.56
CA LEU H 242 -29.36 23.83 38.92
C LEU H 242 -30.09 24.28 40.19
N ALA H 243 -29.34 24.56 41.25
CA ALA H 243 -29.98 24.97 42.51
C ALA H 243 -30.81 26.23 42.34
N SER H 244 -30.32 27.18 41.53
CA SER H 244 -31.07 28.42 41.33
C SER H 244 -32.32 28.17 40.50
N ILE H 245 -32.20 27.39 39.43
CA ILE H 245 -33.39 26.94 38.69
C ILE H 245 -34.36 26.23 39.62
N ASN H 246 -33.86 25.30 40.44
CA ASN H 246 -34.74 24.59 41.36
C ASN H 246 -35.27 25.50 42.47
N ALA H 247 -34.52 26.53 42.87
CA ALA H 247 -35.02 27.46 43.87
C ALA H 247 -36.20 28.27 43.34
N SER H 248 -36.16 28.69 42.07
CA SER H 248 -37.21 29.53 41.49
C SER H 248 -38.57 28.84 41.38
N LEU H 249 -38.61 27.50 41.40
CA LEU H 249 -39.87 26.77 41.15
C LEU H 249 -40.63 26.49 42.45
I IOD I . 31.71 -4.75 -18.60
I IOD J . 33.05 0.09 -6.51
NA NA K . 35.02 -3.35 -4.26
I IOD L . 39.60 -13.56 -24.57
NA NA M . 43.79 -12.35 -23.16
I IOD N . -2.06 16.36 -20.61
I IOD O . -2.83 14.11 -33.80
NA NA P . -7.30 14.56 -34.41
I IOD Q . -10.66 23.55 -12.97
NA NA R . -12.28 26.76 -16.22
I IOD S . 3.62 -16.50 19.94
I IOD T . 0.25 -16.79 34.49
NA NA U . 3.92 -20.00 34.63
I IOD V . 14.94 -21.15 12.09
I IOD W . -36.08 -2.72 5.65
I IOD X . -31.39 5.25 17.83
I IOD Y . -36.72 17.00 24.27
NA NA Z . -38.31 17.94 20.07
#